data_4BNN
#
_entry.id   4BNN
#
_cell.length_a   89.920
_cell.length_b   94.600
_cell.length_c   94.270
_cell.angle_alpha   97.92
_cell.angle_beta   111.96
_cell.angle_gamma   97.31
#
_symmetry.space_group_name_H-M   'P 1'
#
loop_
_entity.id
_entity.type
_entity.pdbx_description
1 polymer 'ENOYL-[ACYL-CARRIER-PROTEIN] REDUCTASE [NADPH]'
2 non-polymer 'GLUTAMIC ACID'
3 non-polymer 2-(2-CYANOPHENOXY)-5-HEXYLPHENOL
4 non-polymer 'NADP NICOTINAMIDE-ADENINE-DINUCLEOTIDE PHOSPHATE'
5 water water
#
_entity_poly.entity_id   1
_entity_poly.type   'polypeptide(L)'
_entity_poly.pdbx_seq_one_letter_code
;MKHHHHHHPMSDYDIPTTENLYFQGAMVNLENKTYVIMGIANKRSIAFGVAKVLDQLGAKLVFTYRKERSRKELEKLLEQ
LNQPEAHLYQIDVQSDEEVINGFEQIGKDVGNIDGVYHSIAFANMEDLRGRFSETSREGFLLAQDISSYSLTIVAHEAKK
LMPEGGSIVATTYLGGEFAVQNYNVMGVAKASLEANVKYLALDLGPDNIRVNAISAGPIRTLSAKGVGGFNTILKEIEER
APLKRNVDQVEVGKTAAYLLSDLSSGVTGENIHVDSGFHAIK
;
_entity_poly.pdbx_strand_id   A,B,C,D,E,F,G,H
#
loop_
_chem_comp.id
_chem_comp.type
_chem_comp.name
_chem_comp.formula
JUS non-polymer 2-(2-CYANOPHENOXY)-5-HEXYLPHENOL 'C19 H21 N O2'
NAP non-polymer 'NADP NICOTINAMIDE-ADENINE-DINUCLEOTIDE PHOSPHATE' 'C21 H28 N7 O17 P3'
#
# COMPACT_ATOMS: atom_id res chain seq x y z
N ASN A 29 35.66 13.23 6.34
CA ASN A 29 35.56 14.33 5.34
C ASN A 29 35.58 13.88 3.89
N LEU A 30 34.58 14.31 3.12
CA LEU A 30 34.40 13.73 1.78
C LEU A 30 34.52 14.73 0.64
N GLU A 31 35.19 15.85 0.88
CA GLU A 31 35.40 16.84 -0.15
C GLU A 31 36.21 16.23 -1.27
N ASN A 32 35.87 16.57 -2.51
CA ASN A 32 36.54 15.94 -3.63
C ASN A 32 36.15 14.51 -3.89
N LYS A 33 35.27 13.92 -3.09
CA LYS A 33 34.69 12.64 -3.46
C LYS A 33 33.43 12.83 -4.31
N THR A 34 33.19 11.91 -5.23
CA THR A 34 31.94 11.90 -5.99
C THR A 34 31.16 10.58 -5.89
N TYR A 35 29.88 10.64 -5.52
CA TYR A 35 29.10 9.42 -5.30
C TYR A 35 27.82 9.44 -6.12
N VAL A 36 27.43 8.30 -6.67
CA VAL A 36 26.17 8.21 -7.40
C VAL A 36 25.16 7.61 -6.42
N ILE A 37 24.02 8.27 -6.24
CA ILE A 37 22.96 7.75 -5.40
C ILE A 37 21.76 7.40 -6.26
N MET A 38 21.36 6.12 -6.17
CA MET A 38 20.32 5.53 -6.97
C MET A 38 19.12 5.22 -6.09
N GLY A 39 17.95 5.78 -6.41
CA GLY A 39 16.70 5.34 -5.82
C GLY A 39 16.06 6.25 -4.82
N ILE A 40 16.24 7.55 -4.93
CA ILE A 40 15.36 8.50 -4.27
C ILE A 40 14.02 8.66 -5.02
N ALA A 41 12.92 8.50 -4.30
CA ALA A 41 11.59 8.80 -4.88
C ALA A 41 10.98 10.04 -4.23
N ASN A 42 11.25 10.21 -2.94
CA ASN A 42 10.75 11.34 -2.13
C ASN A 42 11.61 11.63 -0.89
N LYS A 43 11.15 12.50 -0.01
CA LYS A 43 11.93 12.93 1.15
C LYS A 43 12.05 11.82 2.18
N ARG A 44 11.22 10.77 2.06
CA ARG A 44 11.25 9.63 2.98
CA ARG A 44 11.32 9.67 3.01
C ARG A 44 12.18 8.52 2.49
N SER A 45 12.48 8.49 1.20
CA SER A 45 13.45 7.49 0.72
C SER A 45 14.68 7.36 1.61
N ILE A 46 15.06 6.09 1.80
CA ILE A 46 16.33 5.80 2.49
C ILE A 46 17.49 6.48 1.81
N ALA A 47 17.52 6.47 0.48
CA ALA A 47 18.63 7.11 -0.24
C ALA A 47 18.75 8.61 -0.02
N PHE A 48 17.66 9.24 0.38
CA PHE A 48 17.71 10.65 0.68
C PHE A 48 18.39 10.90 2.03
N GLY A 49 18.23 9.97 2.97
CA GLY A 49 19.02 9.89 4.20
C GLY A 49 20.50 9.90 3.90
N VAL A 50 20.90 9.01 2.98
CA VAL A 50 22.27 8.90 2.56
C VAL A 50 22.68 10.19 1.91
N ALA A 51 21.86 10.67 0.97
CA ALA A 51 22.21 11.95 0.34
C ALA A 51 22.57 13.07 1.35
N LYS A 52 21.69 13.37 2.30
CA LYS A 52 21.95 14.43 3.30
C LYS A 52 23.23 14.23 4.08
N VAL A 53 23.51 12.99 4.44
CA VAL A 53 24.75 12.74 5.16
C VAL A 53 25.97 13.01 4.28
N LEU A 54 26.02 12.40 3.10
CA LEU A 54 27.17 12.59 2.21
C LEU A 54 27.31 14.05 1.82
N ASP A 55 26.19 14.74 1.67
CA ASP A 55 26.24 16.16 1.30
C ASP A 55 26.89 16.99 2.40
N GLN A 56 26.48 16.70 3.63
CA GLN A 56 26.88 17.42 4.82
C GLN A 56 28.39 17.23 5.01
N LEU A 57 28.92 16.13 4.48
CA LEU A 57 30.33 15.81 4.63
C LEU A 57 31.19 16.33 3.46
N GLY A 58 30.55 16.96 2.49
CA GLY A 58 31.29 17.70 1.45
C GLY A 58 31.39 16.96 0.12
N ALA A 59 30.70 15.83 0.00
CA ALA A 59 30.76 15.02 -1.23
C ALA A 59 30.01 15.68 -2.38
N LYS A 60 30.50 15.46 -3.61
CA LYS A 60 29.77 15.88 -4.78
C LYS A 60 28.82 14.73 -5.10
N LEU A 61 27.54 15.00 -5.36
CA LEU A 61 26.57 13.92 -5.54
C LEU A 61 25.92 13.88 -6.94
N VAL A 62 25.64 12.67 -7.41
CA VAL A 62 24.95 12.46 -8.68
C VAL A 62 23.76 11.59 -8.36
N PHE A 63 22.60 11.87 -8.96
CA PHE A 63 21.40 11.10 -8.63
C PHE A 63 20.76 10.40 -9.81
N THR A 64 20.28 9.19 -9.59
CA THR A 64 19.56 8.54 -10.68
C THR A 64 18.15 8.19 -10.22
N TYR A 65 17.18 8.20 -11.13
CA TYR A 65 15.76 7.99 -10.78
C TYR A 65 15.10 7.19 -11.90
N ARG A 66 13.91 6.64 -11.69
CA ARG A 66 13.14 6.03 -12.78
C ARG A 66 11.95 6.87 -13.29
N LYS A 67 11.02 7.15 -12.37
CA LYS A 67 9.76 7.82 -12.67
C LYS A 67 9.89 9.35 -12.78
N GLU A 68 9.09 10.00 -13.62
CA GLU A 68 9.00 11.45 -13.74
CA GLU A 68 9.18 11.45 -13.71
C GLU A 68 8.94 12.10 -12.35
N ARG A 69 7.97 11.60 -11.60
CA ARG A 69 7.58 12.14 -10.32
C ARG A 69 8.82 12.17 -9.44
N SER A 70 9.65 11.14 -9.55
CA SER A 70 10.88 11.11 -8.76
C SER A 70 11.93 12.17 -9.14
N ARG A 71 12.16 12.42 -10.43
CA ARG A 71 13.00 13.55 -10.83
C ARG A 71 12.42 14.86 -10.22
N LYS A 72 11.09 15.02 -10.25
CA LYS A 72 10.43 16.23 -9.74
C LYS A 72 10.85 16.41 -8.28
N GLU A 73 10.66 15.36 -7.49
CA GLU A 73 10.93 15.39 -6.07
C GLU A 73 12.41 15.63 -5.83
N LEU A 74 13.25 15.02 -6.65
CA LEU A 74 14.68 15.27 -6.60
C LEU A 74 15.04 16.75 -6.79
N GLU A 75 14.45 17.39 -7.78
CA GLU A 75 14.83 18.77 -8.09
C GLU A 75 14.54 19.67 -6.89
N LYS A 76 13.41 19.40 -6.23
CA LYS A 76 12.98 20.06 -5.00
C LYS A 76 13.94 19.77 -3.84
N LEU A 77 14.32 18.51 -3.67
CA LEU A 77 15.09 18.10 -2.49
C LEU A 77 16.51 18.65 -2.56
N LEU A 78 17.00 18.81 -3.78
CA LEU A 78 18.29 19.44 -3.99
C LEU A 78 18.41 20.78 -3.27
N GLU A 79 17.30 21.48 -3.09
CA GLU A 79 17.34 22.83 -2.51
C GLU A 79 17.71 22.83 -1.03
N GLN A 80 17.61 21.67 -0.40
CA GLN A 80 18.09 21.48 0.97
C GLN A 80 19.56 21.07 1.06
N LEU A 81 20.08 20.52 -0.03
CA LEU A 81 21.47 20.11 -0.10
C LEU A 81 22.36 21.27 -0.52
N ASN A 82 23.63 21.18 -0.17
CA ASN A 82 24.63 22.12 -0.63
C ASN A 82 25.20 21.79 -2.01
N GLN A 83 24.63 20.82 -2.71
CA GLN A 83 25.13 20.50 -4.04
C GLN A 83 24.98 21.77 -4.85
N PRO A 84 26.09 22.37 -5.34
CA PRO A 84 25.89 23.61 -6.06
C PRO A 84 25.32 23.33 -7.46
N GLU A 85 25.41 22.10 -7.95
CA GLU A 85 24.67 21.80 -9.19
C GLU A 85 23.97 20.44 -9.24
N ALA A 86 22.81 20.43 -9.88
CA ALA A 86 21.95 19.24 -10.00
C ALA A 86 22.55 18.22 -10.99
N HIS A 87 22.85 17.02 -10.55
CA HIS A 87 23.29 15.98 -11.49
C HIS A 87 22.29 14.83 -11.57
N LEU A 88 21.36 14.88 -12.54
CA LEU A 88 20.23 13.96 -12.52
C LEU A 88 20.11 13.08 -13.78
N TYR A 89 20.03 11.77 -13.57
CA TYR A 89 20.03 10.84 -14.67
C TYR A 89 18.88 9.85 -14.53
N GLN A 90 18.06 9.73 -15.56
CA GLN A 90 16.99 8.72 -15.52
C GLN A 90 17.56 7.37 -15.86
N ILE A 91 17.52 6.44 -14.92
CA ILE A 91 18.00 5.11 -15.15
C ILE A 91 16.99 4.12 -14.58
N ASP A 92 16.34 3.40 -15.49
CA ASP A 92 15.49 2.30 -15.11
C ASP A 92 16.35 1.03 -15.16
N VAL A 93 16.62 0.46 -14.00
CA VAL A 93 17.57 -0.66 -13.97
C VAL A 93 17.06 -1.94 -14.64
N GLN A 94 15.82 -1.97 -15.13
CA GLN A 94 15.37 -3.05 -15.99
C GLN A 94 15.99 -3.04 -17.39
N SER A 95 16.59 -1.92 -17.76
CA SER A 95 17.17 -1.74 -19.08
C SER A 95 18.68 -1.63 -18.99
N ASP A 96 19.36 -2.57 -19.63
CA ASP A 96 20.79 -2.54 -19.78
C ASP A 96 21.29 -1.23 -20.41
N GLU A 97 20.76 -0.92 -21.60
CA GLU A 97 21.16 0.28 -22.35
CA GLU A 97 21.13 0.28 -22.35
C GLU A 97 21.03 1.52 -21.48
N GLU A 98 20.00 1.60 -20.63
CA GLU A 98 19.83 2.75 -19.75
C GLU A 98 20.90 2.83 -18.68
N VAL A 99 21.32 1.67 -18.15
CA VAL A 99 22.33 1.64 -17.10
C VAL A 99 23.69 1.97 -17.72
N ILE A 100 23.97 1.37 -18.88
CA ILE A 100 25.22 1.60 -19.61
C ILE A 100 25.36 3.04 -20.08
N ASN A 101 24.32 3.54 -20.75
CA ASN A 101 24.30 4.91 -21.25
C ASN A 101 24.28 5.91 -20.11
N GLY A 102 23.52 5.59 -19.06
CA GLY A 102 23.46 6.38 -17.83
C GLY A 102 24.82 6.66 -17.17
N PHE A 103 25.51 5.59 -16.81
CA PHE A 103 26.86 5.69 -16.26
C PHE A 103 27.85 6.26 -17.26
N GLU A 104 27.70 5.94 -18.54
CA GLU A 104 28.61 6.54 -19.48
C GLU A 104 28.52 8.09 -19.47
N GLN A 105 27.29 8.57 -19.51
CA GLN A 105 27.00 10.01 -19.45
C GLN A 105 27.55 10.62 -18.13
N ILE A 106 27.31 9.94 -17.00
CA ILE A 106 27.82 10.44 -15.73
C ILE A 106 29.33 10.67 -15.75
N GLY A 107 30.09 9.71 -16.25
CA GLY A 107 31.53 9.88 -16.42
C GLY A 107 31.89 11.01 -17.37
N LYS A 108 31.18 11.12 -18.48
CA LYS A 108 31.37 12.32 -19.28
C LYS A 108 31.14 13.62 -18.50
N ASP A 109 30.13 13.68 -17.63
CA ASP A 109 29.78 14.96 -16.99
C ASP A 109 30.57 15.29 -15.73
N VAL A 110 30.85 14.31 -14.87
CA VAL A 110 31.54 14.59 -13.61
C VAL A 110 32.90 13.89 -13.50
N GLY A 111 33.20 13.01 -14.46
CA GLY A 111 34.49 12.31 -14.49
C GLY A 111 34.41 11.08 -13.63
N ASN A 112 35.56 10.65 -13.11
CA ASN A 112 35.63 9.48 -12.23
C ASN A 112 34.90 9.69 -10.92
N ILE A 113 34.31 8.61 -10.43
CA ILE A 113 33.59 8.64 -9.16
C ILE A 113 34.24 7.75 -8.11
N ASP A 114 33.79 7.92 -6.87
CA ASP A 114 34.33 7.17 -5.74
C ASP A 114 33.41 6.08 -5.20
N GLY A 115 32.14 6.07 -5.56
CA GLY A 115 31.25 4.96 -5.14
C GLY A 115 29.81 5.11 -5.59
N VAL A 116 28.99 4.07 -5.40
CA VAL A 116 27.59 4.06 -5.81
C VAL A 116 26.81 3.65 -4.58
N TYR A 117 25.73 4.35 -4.25
CA TYR A 117 24.82 3.85 -3.22
C TYR A 117 23.56 3.30 -3.91
N HIS A 118 23.29 2.00 -3.83
CA HIS A 118 22.13 1.40 -4.52
C HIS A 118 20.98 1.27 -3.52
N SER A 119 19.85 1.93 -3.78
CA SER A 119 18.68 1.88 -2.89
C SER A 119 17.43 1.49 -3.67
N ILE A 120 17.50 0.35 -4.37
CA ILE A 120 16.43 0.06 -5.35
C ILE A 120 15.88 -1.32 -5.15
N ALA A 121 14.55 -1.47 -5.13
CA ALA A 121 13.92 -2.80 -5.21
C ALA A 121 12.51 -2.70 -5.75
N PHE A 122 11.87 -3.82 -6.07
CA PHE A 122 10.46 -3.76 -6.43
C PHE A 122 9.83 -5.14 -6.35
N ALA A 123 8.54 -5.28 -6.04
CA ALA A 123 7.77 -6.51 -6.28
C ALA A 123 6.30 -6.16 -6.41
N ASN A 124 5.47 -6.95 -7.08
CA ASN A 124 4.05 -6.60 -7.07
C ASN A 124 3.41 -6.81 -5.71
N MET A 125 2.63 -5.83 -5.23
N MET A 125 2.70 -5.79 -5.22
CA MET A 125 2.04 -5.85 -3.89
CA MET A 125 1.59 -5.98 -4.30
C MET A 125 1.50 -7.21 -3.47
C MET A 125 0.93 -7.32 -4.55
N GLU A 126 0.84 -7.92 -4.39
N GLU A 126 0.86 -7.69 -5.82
CA GLU A 126 0.14 -9.16 -4.04
CA GLU A 126 0.00 -8.77 -6.21
C GLU A 126 1.13 -10.29 -3.71
C GLU A 126 0.67 -10.11 -5.92
N ASP A 127 2.41 -10.01 -3.91
N ASP A 127 2.00 -10.09 -5.75
CA ASP A 127 3.52 -10.82 -3.45
CA ASP A 127 2.68 -11.26 -5.20
C ASP A 127 4.14 -10.35 -2.12
C ASP A 127 2.93 -11.17 -3.69
N LEU A 128 3.50 -9.43 -1.40
N LEU A 128 3.36 -10.01 -3.21
CA LEU A 128 4.04 -8.90 -0.13
CA LEU A 128 3.61 -9.81 -1.78
C LEU A 128 3.09 -9.12 1.08
C LEU A 128 2.38 -10.17 -0.91
N ARG A 129 2.24 -10.13 0.92
N ARG A 129 1.18 -9.95 -1.43
CA ARG A 129 1.20 -10.48 1.88
CA ARG A 129 -0.04 -10.06 -0.65
C ARG A 129 0.76 -11.90 1.55
C ARG A 129 -0.82 -11.28 -1.14
N GLY A 130 -0.13 -12.50 2.34
N GLY A 130 -0.24 -12.44 -0.81
CA GLY A 130 -0.66 -13.81 2.00
CA GLY A 130 -0.56 -13.72 -1.41
C GLY A 130 0.48 -14.82 1.91
C GLY A 130 0.48 -14.60 -0.78
N ARG A 131 0.48 -15.60 0.83
N ARG A 131 0.13 -15.84 -0.45
CA ARG A 131 1.19 -16.88 0.78
CA ARG A 131 1.06 -16.76 0.25
C ARG A 131 2.28 -16.90 -0.29
C ARG A 131 2.36 -16.93 -0.51
N PHE A 132 3.50 -17.11 0.16
CA PHE A 132 4.70 -17.17 -0.67
C PHE A 132 4.63 -18.30 -1.73
N SER A 133 4.18 -19.47 -1.33
CA SER A 133 4.04 -20.58 -2.27
C SER A 133 3.15 -20.27 -3.48
N GLU A 134 2.40 -19.17 -3.43
CA GLU A 134 1.48 -18.86 -4.53
C GLU A 134 2.04 -17.80 -5.49
N THR A 135 3.26 -17.34 -5.20
CA THR A 135 3.99 -16.41 -6.04
C THR A 135 4.15 -16.82 -7.50
N SER A 136 3.66 -15.99 -8.41
CA SER A 136 3.87 -16.20 -9.84
C SER A 136 5.33 -16.15 -10.23
N ARG A 137 5.61 -16.90 -11.30
CA ARG A 137 6.90 -16.79 -11.99
C ARG A 137 7.26 -15.36 -12.41
N GLU A 138 6.33 -14.62 -13.01
CA GLU A 138 6.71 -13.31 -13.55
C GLU A 138 7.03 -12.39 -12.38
N GLY A 139 6.25 -12.54 -11.32
CA GLY A 139 6.44 -11.77 -10.09
C GLY A 139 7.77 -12.05 -9.42
N PHE A 140 8.10 -13.32 -9.28
CA PHE A 140 9.35 -13.75 -8.70
C PHE A 140 10.52 -13.21 -9.49
N LEU A 141 10.44 -13.31 -10.82
CA LEU A 141 11.57 -12.95 -11.64
C LEU A 141 11.72 -11.45 -11.75
N LEU A 142 10.58 -10.76 -11.70
CA LEU A 142 10.57 -9.32 -11.64
C LEU A 142 11.30 -8.77 -10.39
N ALA A 143 10.97 -9.32 -9.20
CA ALA A 143 11.71 -8.93 -7.99
C ALA A 143 13.22 -9.12 -8.10
N GLN A 144 13.65 -10.26 -8.66
CA GLN A 144 15.08 -10.60 -8.75
C GLN A 144 15.79 -9.63 -9.67
N ASP A 145 15.17 -9.42 -10.81
CA ASP A 145 15.66 -8.50 -11.81
C ASP A 145 15.99 -7.11 -11.25
N ILE A 146 14.98 -6.46 -10.66
CA ILE A 146 15.14 -5.09 -10.20
C ILE A 146 15.94 -5.01 -8.91
N SER A 147 15.71 -6.00 -8.05
CA SER A 147 16.17 -5.91 -6.66
C SER A 147 17.56 -6.55 -6.47
N SER A 148 18.02 -7.32 -7.45
CA SER A 148 19.28 -8.01 -7.30
C SER A 148 20.14 -7.85 -8.55
N TYR A 149 19.60 -8.24 -9.70
CA TYR A 149 20.44 -8.28 -10.88
C TYR A 149 20.92 -6.86 -11.15
N SER A 150 20.04 -5.89 -10.88
CA SER A 150 20.36 -4.47 -11.07
C SER A 150 21.71 -4.07 -10.48
N LEU A 151 22.08 -4.66 -9.36
CA LEU A 151 23.37 -4.33 -8.75
C LEU A 151 24.59 -4.89 -9.50
N THR A 152 24.45 -6.07 -10.09
CA THR A 152 25.55 -6.65 -10.86
C THR A 152 25.85 -5.72 -12.06
N ILE A 153 24.80 -5.41 -12.82
CA ILE A 153 24.99 -4.52 -13.95
C ILE A 153 25.47 -3.11 -13.55
N VAL A 154 24.88 -2.52 -12.51
CA VAL A 154 25.34 -1.20 -12.03
C VAL A 154 26.82 -1.25 -11.67
N ALA A 155 27.21 -2.30 -10.95
CA ALA A 155 28.62 -2.55 -10.60
C ALA A 155 29.48 -2.68 -11.84
N HIS A 156 29.06 -3.44 -12.85
CA HIS A 156 29.91 -3.56 -14.03
C HIS A 156 30.19 -2.19 -14.66
N GLU A 157 29.14 -1.39 -14.79
CA GLU A 157 29.26 -0.11 -15.51
C GLU A 157 29.94 0.95 -14.67
N ALA A 158 29.70 0.90 -13.36
CA ALA A 158 30.28 1.84 -12.41
C ALA A 158 31.79 1.63 -12.22
N LYS A 159 32.22 0.38 -12.26
CA LYS A 159 33.61 -0.02 -12.29
C LYS A 159 34.43 0.89 -13.22
N LYS A 160 33.94 1.08 -14.45
CA LYS A 160 34.59 1.88 -15.47
C LYS A 160 34.95 3.29 -14.98
N LEU A 161 34.20 3.87 -14.06
CA LEU A 161 34.51 5.20 -13.55
C LEU A 161 35.26 5.14 -12.23
N MET A 162 35.74 3.96 -11.88
CA MET A 162 36.55 3.82 -10.68
C MET A 162 37.87 3.13 -10.96
N PRO A 163 38.68 3.72 -11.86
CA PRO A 163 39.93 3.07 -12.23
C PRO A 163 40.89 2.95 -11.04
N GLU A 164 40.65 3.73 -10.00
CA GLU A 164 41.57 3.77 -8.85
C GLU A 164 40.99 2.99 -7.67
N GLY A 165 39.79 2.44 -7.83
CA GLY A 165 39.08 1.83 -6.71
C GLY A 165 37.90 2.66 -6.28
N GLY A 166 37.09 2.13 -5.37
CA GLY A 166 36.01 2.87 -4.74
C GLY A 166 35.11 1.89 -4.00
N SER A 167 33.85 2.29 -3.82
CA SER A 167 33.05 1.56 -2.85
C SER A 167 31.62 1.52 -3.29
N ILE A 168 31.00 0.35 -3.24
CA ILE A 168 29.61 0.21 -3.61
C ILE A 168 28.75 -0.38 -2.47
N VAL A 169 27.64 0.30 -2.12
CA VAL A 169 26.77 -0.16 -1.04
C VAL A 169 25.35 -0.42 -1.57
N ALA A 170 24.73 -1.53 -1.19
CA ALA A 170 23.34 -1.77 -1.56
C ALA A 170 22.50 -1.93 -0.27
N THR A 171 21.18 -1.88 -0.41
CA THR A 171 20.35 -1.77 0.76
C THR A 171 19.61 -3.05 0.93
N THR A 172 19.83 -3.72 2.05
CA THR A 172 19.05 -4.92 2.20
C THR A 172 18.14 -4.93 3.43
N TYR A 173 17.46 -6.04 3.67
CA TYR A 173 16.67 -6.14 4.85
C TYR A 173 16.81 -7.55 5.43
N LEU A 174 16.86 -7.61 6.77
CA LEU A 174 16.82 -8.88 7.53
C LEU A 174 16.07 -10.02 6.87
N GLY A 175 14.98 -9.75 6.17
CA GLY A 175 14.15 -10.84 5.57
C GLY A 175 14.82 -11.59 4.42
N GLY A 176 15.97 -11.07 3.98
CA GLY A 176 16.88 -11.80 3.09
C GLY A 176 17.72 -12.87 3.81
N GLU A 177 17.72 -12.82 5.13
CA GLU A 177 18.46 -13.77 5.95
C GLU A 177 17.52 -14.72 6.68
N PHE A 178 16.27 -14.33 6.97
CA PHE A 178 15.28 -15.13 7.68
C PHE A 178 13.92 -14.98 7.02
N ALA A 179 13.09 -16.01 7.07
CA ALA A 179 11.72 -15.87 6.64
C ALA A 179 10.97 -14.93 7.60
N VAL A 180 10.61 -13.76 7.10
CA VAL A 180 9.75 -12.80 7.81
C VAL A 180 8.35 -12.80 7.19
N GLN A 181 7.32 -13.16 7.96
CA GLN A 181 5.92 -13.09 7.51
C GLN A 181 5.67 -11.88 6.60
N ASN A 182 5.01 -12.14 5.46
CA ASN A 182 4.63 -11.12 4.48
C ASN A 182 5.72 -10.53 3.60
N TYR A 183 6.98 -10.63 3.98
CA TYR A 183 8.01 -10.12 3.10
C TYR A 183 8.17 -10.99 1.85
N ASN A 184 7.87 -12.28 1.98
CA ASN A 184 7.66 -13.16 0.85
C ASN A 184 8.66 -13.00 -0.31
N VAL A 185 8.15 -12.69 -1.51
CA VAL A 185 9.02 -12.73 -2.67
C VAL A 185 10.23 -11.81 -2.49
N MET A 186 10.09 -10.73 -1.74
CA MET A 186 11.21 -9.82 -1.56
C MET A 186 12.32 -10.41 -0.68
N GLY A 187 11.98 -11.36 0.20
CA GLY A 187 13.02 -11.96 1.04
C GLY A 187 13.99 -12.77 0.17
N VAL A 188 13.43 -13.54 -0.76
CA VAL A 188 14.22 -14.32 -1.68
C VAL A 188 14.99 -13.36 -2.57
N ALA A 189 14.45 -12.18 -2.86
CA ALA A 189 15.19 -11.23 -3.67
C ALA A 189 16.31 -10.64 -2.85
N LYS A 190 16.10 -10.45 -1.55
CA LYS A 190 17.18 -9.89 -0.76
C LYS A 190 18.27 -10.92 -0.50
N ALA A 191 17.88 -12.18 -0.28
CA ALA A 191 18.88 -13.23 -0.13
C ALA A 191 19.82 -13.21 -1.38
N SER A 192 19.21 -13.02 -2.54
CA SER A 192 19.91 -13.08 -3.82
C SER A 192 20.83 -11.85 -3.90
N LEU A 193 20.30 -10.71 -3.46
CA LEU A 193 21.10 -9.47 -3.45
C LEU A 193 22.33 -9.64 -2.58
N GLU A 194 22.12 -10.16 -1.38
CA GLU A 194 23.18 -10.16 -0.40
C GLU A 194 24.28 -11.12 -0.88
N ALA A 195 23.91 -12.21 -1.58
CA ALA A 195 24.92 -13.06 -2.23
C ALA A 195 25.56 -12.33 -3.42
N ASN A 196 24.80 -11.47 -4.12
CA ASN A 196 25.32 -10.63 -5.19
C ASN A 196 26.48 -9.77 -4.68
N VAL A 197 26.28 -9.19 -3.50
CA VAL A 197 27.28 -8.36 -2.87
C VAL A 197 28.54 -9.15 -2.53
N LYS A 198 28.39 -10.37 -2.04
CA LYS A 198 29.52 -11.22 -1.78
C LYS A 198 30.32 -11.55 -3.05
N TYR A 199 29.63 -11.87 -4.14
CA TYR A 199 30.32 -12.31 -5.33
C TYR A 199 30.96 -11.14 -6.06
N LEU A 200 30.36 -9.96 -5.97
CA LEU A 200 30.96 -8.75 -6.50
C LEU A 200 32.16 -8.34 -5.66
N ALA A 201 32.04 -8.48 -4.34
CA ALA A 201 33.20 -8.19 -3.47
C ALA A 201 34.43 -9.01 -3.90
N LEU A 202 34.20 -10.29 -4.14
CA LEU A 202 35.25 -11.18 -4.55
C LEU A 202 35.75 -10.75 -5.92
N ASP A 203 34.82 -10.55 -6.84
CA ASP A 203 35.21 -10.23 -8.22
C ASP A 203 36.02 -8.92 -8.26
N LEU A 204 35.56 -7.91 -7.55
CA LEU A 204 35.99 -6.55 -7.89
C LEU A 204 37.06 -6.13 -6.89
N GLY A 205 37.26 -6.95 -5.87
CA GLY A 205 38.27 -6.72 -4.85
C GLY A 205 39.65 -6.44 -5.41
N PRO A 206 40.10 -7.25 -6.38
CA PRO A 206 41.45 -7.01 -6.88
C PRO A 206 41.57 -5.67 -7.54
N ASP A 207 40.44 -5.08 -7.90
CA ASP A 207 40.41 -3.75 -8.53
C ASP A 207 40.33 -2.63 -7.48
N ASN A 208 40.44 -3.03 -6.22
CA ASN A 208 40.24 -2.12 -5.11
C ASN A 208 38.81 -1.51 -5.07
N ILE A 209 37.79 -2.27 -5.47
CA ILE A 209 36.41 -1.85 -5.34
C ILE A 209 35.71 -2.73 -4.30
N ARG A 210 35.27 -2.10 -3.22
CA ARG A 210 34.67 -2.78 -2.06
C ARG A 210 33.20 -2.76 -2.33
N VAL A 211 32.50 -3.78 -1.84
CA VAL A 211 31.09 -3.93 -2.12
C VAL A 211 30.45 -4.52 -0.87
N ASN A 212 29.47 -3.81 -0.31
CA ASN A 212 28.91 -4.11 1.01
C ASN A 212 27.44 -3.80 1.02
N ALA A 213 26.74 -4.24 2.05
CA ALA A 213 25.30 -4.00 2.17
C ALA A 213 25.04 -3.30 3.48
N ILE A 214 24.00 -2.46 3.52
CA ILE A 214 23.45 -2.07 4.81
C ILE A 214 22.12 -2.81 4.95
N SER A 215 21.93 -3.51 6.06
CA SER A 215 20.63 -4.12 6.38
C SER A 215 19.89 -3.17 7.33
N ALA A 216 18.97 -2.44 6.73
CA ALA A 216 18.22 -1.43 7.43
C ALA A 216 17.03 -2.08 8.12
N GLY A 217 16.74 -1.62 9.33
CA GLY A 217 15.49 -1.98 9.99
C GLY A 217 14.35 -1.26 9.30
N PRO A 218 13.11 -1.54 9.70
CA PRO A 218 11.98 -0.94 8.98
C PRO A 218 11.86 0.59 9.17
N ILE A 219 11.60 1.29 8.07
CA ILE A 219 11.46 2.74 8.05
C ILE A 219 10.27 3.08 7.17
N ARG A 220 9.37 3.93 7.66
CA ARG A 220 8.23 4.40 6.83
C ARG A 220 8.71 5.14 5.59
N THR A 221 8.64 4.44 4.47
CA THR A 221 8.93 5.03 3.17
C THR A 221 7.76 4.70 2.24
N LEU A 222 7.81 5.20 1.01
CA LEU A 222 6.75 4.84 0.06
C LEU A 222 6.60 3.33 -0.22
N SER A 223 7.69 2.62 -0.44
CA SER A 223 7.63 1.20 -0.75
C SER A 223 7.22 0.36 0.45
N ALA A 224 7.59 0.81 1.66
CA ALA A 224 7.10 0.13 2.84
C ALA A 224 5.58 -0.01 2.88
N LYS A 225 4.85 0.90 2.22
CA LYS A 225 3.40 0.76 2.20
C LYS A 225 2.92 -0.52 1.48
N GLY A 226 3.73 -1.11 0.61
CA GLY A 226 3.30 -2.32 -0.10
C GLY A 226 3.43 -3.60 0.70
N VAL A 227 4.10 -3.51 1.85
CA VAL A 227 4.47 -4.66 2.66
C VAL A 227 3.43 -4.92 3.76
N GLY A 228 2.60 -5.93 3.59
CA GLY A 228 1.65 -6.26 4.64
C GLY A 228 2.27 -6.36 6.02
N GLY A 229 1.48 -6.04 7.05
CA GLY A 229 1.92 -6.14 8.43
C GLY A 229 3.12 -5.26 8.80
N PHE A 230 3.41 -4.23 8.01
CA PHE A 230 4.56 -3.35 8.28
C PHE A 230 4.46 -2.62 9.63
N ASN A 231 3.32 -2.02 9.96
CA ASN A 231 3.18 -1.35 11.26
C ASN A 231 3.46 -2.27 12.46
N THR A 232 2.89 -3.47 12.43
CA THR A 232 3.20 -4.50 13.41
C THR A 232 4.69 -4.69 13.65
N ILE A 233 5.51 -4.68 12.58
CA ILE A 233 6.96 -4.90 12.69
C ILE A 233 7.63 -3.66 13.30
N LEU A 234 7.20 -2.48 12.87
CA LEU A 234 7.62 -1.27 13.55
C LEU A 234 7.43 -1.42 15.04
N LYS A 235 6.26 -1.87 15.49
CA LYS A 235 6.00 -1.85 16.91
C LYS A 235 6.87 -2.91 17.59
N GLU A 236 7.02 -4.06 16.94
CA GLU A 236 7.77 -5.11 17.60
C GLU A 236 9.24 -4.69 17.76
N ILE A 237 9.78 -3.94 16.79
CA ILE A 237 11.13 -3.43 16.97
C ILE A 237 11.26 -2.65 18.26
N GLU A 238 10.36 -1.69 18.46
CA GLU A 238 10.38 -0.84 19.64
C GLU A 238 10.35 -1.63 20.90
N GLU A 239 9.51 -2.66 20.97
CA GLU A 239 9.42 -3.46 22.18
C GLU A 239 10.57 -4.44 22.34
N ARG A 240 11.16 -4.93 21.25
CA ARG A 240 12.02 -6.12 21.33
CA ARG A 240 12.01 -6.11 21.35
C ARG A 240 13.49 -5.85 21.01
N ALA A 241 13.78 -5.02 20.00
CA ALA A 241 15.20 -4.75 19.70
C ALA A 241 15.95 -4.14 20.87
N PRO A 242 17.24 -4.45 21.00
CA PRO A 242 18.11 -3.91 22.04
C PRO A 242 17.96 -2.41 22.31
N LEU A 243 17.84 -1.60 21.26
CA LEU A 243 17.86 -0.17 21.45
C LEU A 243 16.49 0.33 21.79
N LYS A 244 15.52 -0.57 21.79
CA LYS A 244 14.12 -0.23 22.06
C LYS A 244 13.66 1.04 21.33
N ARG A 245 14.05 1.14 20.06
CA ARG A 245 13.53 2.19 19.20
C ARG A 245 13.70 1.77 17.76
N ASN A 246 13.01 2.43 16.83
CA ASN A 246 13.25 2.19 15.43
C ASN A 246 14.41 3.04 14.95
N VAL A 247 14.97 2.68 13.80
CA VAL A 247 16.03 3.50 13.22
C VAL A 247 15.41 4.46 12.18
N ASP A 248 16.21 5.41 11.68
CA ASP A 248 15.75 6.21 10.57
C ASP A 248 16.75 6.32 9.40
N GLN A 249 16.36 7.11 8.40
CA GLN A 249 17.08 7.17 7.15
C GLN A 249 18.44 7.75 7.35
N VAL A 250 18.56 8.73 8.23
CA VAL A 250 19.86 9.42 8.46
C VAL A 250 20.84 8.42 9.09
N GLU A 251 20.32 7.53 9.93
CA GLU A 251 21.20 6.55 10.57
C GLU A 251 21.76 5.63 9.50
N VAL A 252 20.93 5.18 8.56
CA VAL A 252 21.40 4.44 7.40
C VAL A 252 22.41 5.29 6.65
N GLY A 253 22.12 6.58 6.46
CA GLY A 253 23.09 7.46 5.80
C GLY A 253 24.45 7.59 6.47
N LYS A 254 24.49 7.50 7.80
CA LYS A 254 25.76 7.68 8.50
C LYS A 254 26.62 6.43 8.35
N THR A 255 25.97 5.25 8.28
CA THR A 255 26.69 4.01 8.01
C THR A 255 27.16 3.95 6.56
N ALA A 256 26.30 4.40 5.65
CA ALA A 256 26.64 4.57 4.24
C ALA A 256 27.92 5.41 4.15
N ALA A 257 27.96 6.53 4.86
CA ALA A 257 29.18 7.34 4.84
C ALA A 257 30.40 6.52 5.21
N TYR A 258 30.29 5.70 6.24
CA TYR A 258 31.43 4.91 6.67
C TYR A 258 31.84 3.94 5.57
N LEU A 259 30.88 3.25 4.95
CA LEU A 259 31.18 2.23 3.97
C LEU A 259 31.77 2.83 2.69
N LEU A 260 31.37 4.07 2.39
CA LEU A 260 31.75 4.73 1.15
C LEU A 260 33.08 5.46 1.28
N SER A 261 33.62 5.61 2.48
CA SER A 261 34.81 6.43 2.69
C SER A 261 35.99 5.55 3.06
N ASP A 262 37.18 6.14 3.26
CA ASP A 262 38.36 5.34 3.56
C ASP A 262 38.33 4.84 5.01
N LEU A 263 37.40 5.35 5.83
CA LEU A 263 37.24 4.74 7.16
C LEU A 263 37.09 3.22 7.09
N SER A 264 36.38 2.74 6.07
CA SER A 264 36.06 1.33 6.05
C SER A 264 36.94 0.54 5.07
N SER A 265 38.15 0.99 4.83
N SER A 265 38.21 0.91 4.93
CA SER A 265 39.02 0.21 3.94
CA SER A 265 39.01 0.46 3.78
C SER A 265 39.25 -1.11 4.64
C SER A 265 39.34 -1.04 3.76
N GLY A 266 39.48 -2.17 3.89
N GLY A 266 39.28 -1.68 4.93
CA GLY A 266 39.59 -3.47 4.51
CA GLY A 266 39.55 -3.11 5.07
C GLY A 266 38.24 -4.08 4.79
C GLY A 266 38.30 -3.95 4.92
N VAL A 267 37.17 -3.28 4.67
CA VAL A 267 35.84 -3.87 4.80
C VAL A 267 35.25 -4.07 3.41
N THR A 268 35.01 -5.32 3.09
CA THR A 268 34.30 -5.62 1.86
C THR A 268 33.56 -6.95 2.03
N GLY A 269 32.46 -7.12 1.30
CA GLY A 269 31.72 -8.37 1.32
C GLY A 269 30.86 -8.41 2.57
N GLU A 270 30.70 -7.30 3.28
CA GLU A 270 30.09 -7.25 4.61
C GLU A 270 28.63 -6.75 4.59
N ASN A 271 27.81 -7.19 5.54
CA ASN A 271 26.41 -6.75 5.65
C ASN A 271 26.30 -6.00 6.97
N ILE A 272 26.12 -4.68 6.98
CA ILE A 272 26.04 -4.03 8.31
C ILE A 272 24.62 -3.66 8.72
N HIS A 273 24.13 -4.22 9.82
CA HIS A 273 22.74 -4.08 10.23
C HIS A 273 22.63 -2.78 10.99
N VAL A 274 21.73 -1.93 10.47
CA VAL A 274 21.42 -0.64 11.09
C VAL A 274 19.94 -0.73 11.46
N ASP A 275 19.73 -1.31 12.64
CA ASP A 275 18.46 -1.93 12.94
C ASP A 275 18.25 -2.02 14.45
N SER A 276 18.99 -1.19 15.22
CA SER A 276 18.78 -1.22 16.66
C SER A 276 19.09 -2.56 17.34
N GLY A 277 19.98 -3.36 16.75
CA GLY A 277 20.36 -4.67 17.31
C GLY A 277 19.35 -5.74 16.96
N PHE A 278 18.25 -5.44 16.27
CA PHE A 278 17.21 -6.49 16.10
C PHE A 278 17.80 -7.80 15.55
N HIS A 279 18.70 -7.73 14.57
CA HIS A 279 19.26 -8.92 13.90
C HIS A 279 19.88 -9.92 14.87
N ALA A 280 20.29 -9.43 16.03
CA ALA A 280 21.16 -10.17 16.94
C ALA A 280 20.33 -10.93 17.97
N ILE A 281 19.03 -10.68 17.99
CA ILE A 281 18.22 -11.27 19.06
C ILE A 281 17.23 -12.24 18.45
N LYS A 282 16.59 -13.05 19.28
CA LYS A 282 15.59 -13.95 18.73
C LYS A 282 14.63 -14.24 19.88
N VAL B 28 15.80 -45.83 8.32
CA VAL B 28 14.35 -45.45 8.31
C VAL B 28 13.50 -46.70 7.98
N ASN B 29 12.22 -46.50 7.60
CA ASN B 29 11.30 -47.55 7.10
C ASN B 29 10.20 -46.94 6.18
N LEU B 30 10.37 -47.00 4.87
CA LEU B 30 9.56 -46.16 3.97
C LEU B 30 8.51 -46.90 3.12
N GLU B 31 8.05 -48.05 3.58
CA GLU B 31 7.04 -48.81 2.83
C GLU B 31 5.73 -48.05 2.85
N ASN B 32 4.98 -48.12 1.76
CA ASN B 32 3.73 -47.37 1.69
C ASN B 32 3.93 -45.85 1.66
N LYS B 33 5.16 -45.40 1.46
CA LYS B 33 5.48 -44.00 1.13
C LYS B 33 5.78 -43.77 -0.35
N THR B 34 5.32 -42.63 -0.86
CA THR B 34 5.54 -42.30 -2.25
C THR B 34 6.28 -40.96 -2.39
N TYR B 35 7.42 -40.99 -3.06
CA TYR B 35 8.18 -39.75 -3.32
C TYR B 35 8.38 -39.46 -4.80
N VAL B 36 8.32 -38.18 -5.16
CA VAL B 36 8.67 -37.70 -6.47
C VAL B 36 10.11 -37.17 -6.48
N ILE B 37 10.93 -37.72 -7.37
CA ILE B 37 12.31 -37.28 -7.47
C ILE B 37 12.51 -36.54 -8.78
N MET B 38 13.00 -35.31 -8.70
CA MET B 38 13.13 -34.48 -9.88
C MET B 38 14.61 -34.26 -10.14
N GLY B 39 15.09 -34.62 -11.33
CA GLY B 39 16.43 -34.21 -11.73
C GLY B 39 17.44 -35.33 -11.89
N ILE B 40 17.01 -36.54 -12.22
CA ILE B 40 17.98 -37.56 -12.63
C ILE B 40 18.29 -37.41 -14.11
N ALA B 41 19.56 -37.28 -14.47
CA ALA B 41 19.96 -37.29 -15.89
C ALA B 41 20.69 -38.59 -16.25
N ASN B 42 21.49 -39.13 -15.32
CA ASN B 42 22.29 -40.32 -15.60
C ASN B 42 22.66 -40.98 -14.28
N LYS B 43 23.43 -42.06 -14.34
CA LYS B 43 23.82 -42.81 -13.14
C LYS B 43 24.60 -41.93 -12.15
N ARG B 44 25.23 -40.83 -12.60
CA ARG B 44 26.01 -39.96 -11.70
C ARG B 44 25.17 -38.88 -10.98
N SER B 45 23.91 -38.70 -11.39
CA SER B 45 23.10 -37.68 -10.75
C SER B 45 22.92 -37.85 -9.24
N ILE B 46 23.10 -36.74 -8.53
CA ILE B 46 22.89 -36.74 -7.10
C ILE B 46 21.54 -37.38 -6.80
N ALA B 47 20.57 -37.13 -7.67
CA ALA B 47 19.21 -37.59 -7.45
C ALA B 47 19.09 -39.10 -7.57
N PHE B 48 19.95 -39.70 -8.39
CA PHE B 48 19.96 -41.15 -8.47
C PHE B 48 20.50 -41.72 -7.15
N GLY B 49 21.46 -41.01 -6.54
CA GLY B 49 21.88 -41.29 -5.17
C GLY B 49 20.72 -41.30 -4.18
N VAL B 50 19.90 -40.26 -4.24
CA VAL B 50 18.64 -40.24 -3.53
C VAL B 50 17.78 -41.46 -3.85
N ALA B 51 17.57 -41.76 -5.14
CA ALA B 51 16.60 -42.79 -5.51
C ALA B 51 17.03 -44.18 -5.01
N LYS B 52 18.31 -44.50 -5.14
CA LYS B 52 18.78 -45.79 -4.63
C LYS B 52 18.44 -45.93 -3.15
N VAL B 53 18.82 -44.95 -2.33
CA VAL B 53 18.54 -45.01 -0.90
C VAL B 53 17.04 -45.19 -0.63
N LEU B 54 16.19 -44.36 -1.22
CA LEU B 54 14.75 -44.47 -0.99
C LEU B 54 14.18 -45.80 -1.49
N ASP B 55 14.69 -46.28 -2.61
CA ASP B 55 14.15 -47.50 -3.22
C ASP B 55 14.51 -48.69 -2.32
N GLN B 56 15.79 -48.77 -1.99
CA GLN B 56 16.29 -49.64 -0.94
C GLN B 56 15.42 -49.61 0.31
N LEU B 57 14.99 -48.43 0.74
CA LEU B 57 14.25 -48.29 1.98
C LEU B 57 12.76 -48.58 1.85
N GLY B 58 12.32 -49.05 0.68
CA GLY B 58 10.93 -49.47 0.50
C GLY B 58 9.97 -48.50 -0.18
N ALA B 59 10.37 -47.25 -0.38
CA ALA B 59 9.52 -46.22 -1.03
C ALA B 59 9.03 -46.58 -2.42
N LYS B 60 7.81 -46.17 -2.77
CA LYS B 60 7.43 -46.06 -4.18
C LYS B 60 7.96 -44.77 -4.75
N LEU B 61 8.54 -44.83 -5.95
CA LEU B 61 9.17 -43.64 -6.54
C LEU B 61 8.62 -43.25 -7.91
N VAL B 62 8.45 -41.94 -8.11
CA VAL B 62 7.96 -41.32 -9.31
C VAL B 62 9.10 -40.41 -9.75
N PHE B 63 9.38 -40.36 -11.05
CA PHE B 63 10.57 -39.66 -11.50
C PHE B 63 10.16 -38.63 -12.52
N THR B 64 10.70 -37.42 -12.40
CA THR B 64 10.48 -36.45 -13.44
C THR B 64 11.79 -36.04 -14.14
N TYR B 65 11.69 -35.69 -15.42
CA TYR B 65 12.86 -35.45 -16.26
C TYR B 65 12.52 -34.36 -17.27
N ARG B 66 13.55 -33.74 -17.82
CA ARG B 66 13.39 -32.76 -18.90
C ARG B 66 13.71 -33.38 -20.25
N LYS B 67 14.95 -33.81 -20.43
CA LYS B 67 15.37 -34.23 -21.76
C LYS B 67 14.95 -35.65 -22.04
N GLU B 68 14.62 -35.90 -23.32
CA GLU B 68 14.33 -37.24 -23.80
CA GLU B 68 14.39 -37.23 -23.87
C GLU B 68 15.42 -38.24 -23.40
N ARG B 69 16.67 -37.80 -23.41
CA ARG B 69 17.82 -38.65 -23.11
C ARG B 69 17.85 -39.00 -21.62
N SER B 70 17.27 -38.14 -20.79
CA SER B 70 17.20 -38.47 -19.38
C SER B 70 16.15 -39.56 -19.13
N ARG B 71 15.03 -39.55 -19.86
CA ARG B 71 14.03 -40.60 -19.70
CA ARG B 71 14.03 -40.59 -19.72
C ARG B 71 14.72 -41.92 -20.00
N LYS B 72 15.49 -41.96 -21.09
CA LYS B 72 16.14 -43.21 -21.50
C LYS B 72 17.11 -43.68 -20.42
N GLU B 73 17.83 -42.77 -19.79
CA GLU B 73 18.79 -43.18 -18.78
C GLU B 73 18.05 -43.76 -17.59
N LEU B 74 16.89 -43.16 -17.31
CA LEU B 74 15.96 -43.56 -16.27
C LEU B 74 15.41 -44.96 -16.55
N GLU B 75 14.99 -45.23 -17.78
CA GLU B 75 14.43 -46.55 -18.09
C GLU B 75 15.52 -47.59 -17.86
N LYS B 76 16.78 -47.21 -18.05
CA LYS B 76 17.89 -48.15 -17.89
C LYS B 76 18.24 -48.35 -16.41
N LEU B 77 18.23 -47.26 -15.64
CA LEU B 77 18.55 -47.32 -14.21
C LEU B 77 17.43 -47.95 -13.39
N LEU B 78 16.21 -47.91 -13.89
CA LEU B 78 15.09 -48.49 -13.15
C LEU B 78 15.25 -49.99 -12.96
N GLU B 79 15.94 -50.61 -13.90
CA GLU B 79 16.21 -52.04 -13.82
C GLU B 79 17.04 -52.41 -12.60
N GLN B 80 17.82 -51.48 -12.07
CA GLN B 80 18.61 -51.70 -10.86
C GLN B 80 17.83 -51.41 -9.57
N LEU B 81 16.60 -50.94 -9.72
CA LEU B 81 15.82 -50.54 -8.58
C LEU B 81 14.75 -51.59 -8.33
N ASN B 82 14.14 -51.55 -7.16
CA ASN B 82 13.10 -52.50 -6.87
C ASN B 82 11.74 -52.05 -7.38
N GLN B 83 11.65 -50.82 -7.86
CA GLN B 83 10.37 -50.32 -8.39
C GLN B 83 9.82 -51.25 -9.42
N PRO B 84 8.64 -51.84 -9.15
CA PRO B 84 8.03 -52.74 -10.11
C PRO B 84 7.33 -51.98 -11.22
N GLU B 85 6.86 -50.77 -10.94
CA GLU B 85 6.26 -49.93 -11.98
C GLU B 85 7.19 -48.74 -12.27
N ALA B 86 7.39 -48.44 -13.54
CA ALA B 86 8.07 -47.22 -13.95
C ALA B 86 7.09 -46.04 -14.00
N HIS B 87 7.22 -45.07 -13.10
CA HIS B 87 6.40 -43.86 -13.22
C HIS B 87 7.21 -42.64 -13.64
N LEU B 88 7.26 -42.34 -14.94
CA LEU B 88 8.13 -41.31 -15.48
C LEU B 88 7.29 -40.19 -16.07
N TYR B 89 7.60 -38.96 -15.69
CA TYR B 89 6.83 -37.84 -16.17
C TYR B 89 7.78 -36.76 -16.65
N GLN B 90 7.50 -36.25 -17.83
CA GLN B 90 8.32 -35.19 -18.39
C GLN B 90 7.84 -33.87 -17.84
N ILE B 91 8.67 -33.20 -17.07
CA ILE B 91 8.36 -31.87 -16.58
C ILE B 91 9.61 -31.05 -16.78
N ASP B 92 9.56 -30.07 -17.67
CA ASP B 92 10.48 -28.92 -17.67
C ASP B 92 9.99 -27.86 -16.67
N VAL B 93 10.79 -27.54 -15.65
CA VAL B 93 10.31 -26.59 -14.63
C VAL B 93 10.34 -25.14 -15.09
N GLN B 94 10.68 -24.90 -16.36
CA GLN B 94 10.50 -23.56 -16.91
C GLN B 94 9.05 -23.25 -17.27
N SER B 95 8.21 -24.29 -17.31
CA SER B 95 6.84 -24.15 -17.77
C SER B 95 5.88 -24.49 -16.64
N ASP B 96 5.00 -23.54 -16.29
CA ASP B 96 4.04 -23.71 -15.23
C ASP B 96 3.08 -24.86 -15.56
N GLU B 97 2.69 -24.91 -16.83
CA GLU B 97 1.73 -25.90 -17.28
CA GLU B 97 1.78 -25.90 -17.38
C GLU B 97 2.34 -27.29 -17.16
N GLU B 98 3.62 -27.44 -17.49
CA GLU B 98 4.19 -28.77 -17.32
C GLU B 98 4.22 -29.18 -15.85
N VAL B 99 4.61 -28.26 -14.97
CA VAL B 99 4.60 -28.57 -13.54
C VAL B 99 3.19 -28.88 -13.04
N ILE B 100 2.19 -28.12 -13.52
CA ILE B 100 0.82 -28.25 -13.03
C ILE B 100 0.25 -29.56 -13.54
N ASN B 101 0.37 -29.82 -14.84
CA ASN B 101 -0.21 -31.01 -15.48
C ASN B 101 0.58 -32.25 -15.03
N GLY B 102 1.86 -32.04 -14.75
CA GLY B 102 2.72 -33.14 -14.33
C GLY B 102 2.29 -33.67 -12.98
N PHE B 103 2.18 -32.77 -12.01
CA PHE B 103 1.77 -33.19 -10.66
C PHE B 103 0.32 -33.71 -10.61
N GLU B 104 -0.53 -33.18 -11.47
CA GLU B 104 -1.91 -33.60 -11.48
C GLU B 104 -2.05 -35.02 -12.06
N GLN B 105 -1.31 -35.28 -13.14
CA GLN B 105 -1.23 -36.63 -13.66
C GLN B 105 -0.65 -37.60 -12.63
N ILE B 106 0.46 -37.22 -12.00
CA ILE B 106 1.06 -38.00 -10.92
C ILE B 106 0.00 -38.37 -9.87
N GLY B 107 -0.77 -37.36 -9.48
CA GLY B 107 -1.83 -37.49 -8.50
C GLY B 107 -2.81 -38.56 -8.90
N LYS B 108 -3.34 -38.46 -10.11
CA LYS B 108 -4.27 -39.42 -10.67
C LYS B 108 -3.65 -40.81 -10.83
N ASP B 109 -2.33 -40.88 -10.99
CA ASP B 109 -1.73 -42.18 -11.32
C ASP B 109 -1.19 -42.89 -10.08
N VAL B 110 -0.84 -42.17 -9.02
CA VAL B 110 -0.34 -42.86 -7.82
C VAL B 110 -1.04 -42.43 -6.53
N GLY B 111 -2.01 -41.53 -6.66
CA GLY B 111 -2.67 -40.96 -5.50
C GLY B 111 -1.77 -39.94 -4.84
N ASN B 112 -2.07 -39.66 -3.58
CA ASN B 112 -1.30 -38.82 -2.69
C ASN B 112 0.13 -39.25 -2.50
N ILE B 113 0.98 -38.27 -2.19
CA ILE B 113 2.43 -38.50 -2.06
C ILE B 113 2.99 -37.99 -0.72
N ASP B 114 4.20 -38.39 -0.40
CA ASP B 114 4.70 -38.06 0.92
C ASP B 114 5.82 -37.01 0.83
N GLY B 115 6.31 -36.69 -0.36
CA GLY B 115 7.38 -35.69 -0.43
C GLY B 115 8.00 -35.64 -1.81
N VAL B 116 8.85 -34.64 -1.99
CA VAL B 116 9.51 -34.34 -3.26
C VAL B 116 10.96 -34.05 -2.98
N TYR B 117 11.82 -34.65 -3.82
CA TYR B 117 13.25 -34.35 -3.85
C TYR B 117 13.47 -33.52 -5.10
N HIS B 118 13.98 -32.31 -4.90
CA HIS B 118 14.21 -31.39 -6.00
C HIS B 118 15.71 -31.40 -6.25
N SER B 119 16.09 -31.83 -7.44
CA SER B 119 17.52 -31.92 -7.75
C SER B 119 17.82 -31.24 -9.08
N ILE B 120 17.42 -29.97 -9.14
CA ILE B 120 17.43 -29.17 -10.36
C ILE B 120 18.11 -27.81 -10.26
N ALA B 121 19.02 -27.59 -11.21
CA ALA B 121 19.60 -26.28 -11.40
C ALA B 121 20.12 -26.17 -12.83
N PHE B 122 20.39 -24.95 -13.27
CA PHE B 122 20.95 -24.71 -14.58
C PHE B 122 21.55 -23.28 -14.64
N ALA B 123 22.71 -23.10 -15.27
CA ALA B 123 23.16 -21.78 -15.70
C ALA B 123 23.95 -22.02 -16.95
N ASN B 124 24.18 -20.99 -17.77
CA ASN B 124 25.03 -21.12 -18.96
C ASN B 124 26.49 -21.24 -18.58
N MET B 125 27.26 -21.92 -19.41
N MET B 125 27.22 -22.09 -19.30
CA MET B 125 28.71 -21.80 -19.46
CA MET B 125 28.60 -22.45 -18.96
C MET B 125 29.20 -20.35 -19.59
C MET B 125 29.51 -21.23 -18.82
N GLU B 126 28.52 -19.57 -20.42
N GLU B 126 29.26 -20.18 -19.59
CA GLU B 126 29.07 -18.29 -20.85
CA GLU B 126 30.14 -19.01 -19.54
C GLU B 126 28.99 -17.29 -19.71
C GLU B 126 29.88 -18.25 -18.25
N ASP B 127 28.02 -17.47 -18.83
N ASP B 127 28.86 -18.68 -17.53
CA ASP B 127 27.95 -16.65 -17.62
CA ASP B 127 28.47 -18.03 -16.28
C ASP B 127 28.72 -17.30 -16.47
C ASP B 127 29.04 -18.74 -15.05
N LEU B 128 28.81 -18.62 -16.45
N LEU B 128 30.08 -19.56 -15.23
CA LEU B 128 29.63 -19.30 -15.43
CA LEU B 128 30.60 -20.45 -14.18
C LEU B 128 31.13 -19.02 -15.61
C LEU B 128 32.14 -20.48 -14.13
N ARG B 129 31.63 -19.12 -16.84
N ARG B 129 32.71 -19.40 -14.63
CA ARG B 129 33.04 -18.84 -17.11
CA ARG B 129 34.16 -19.22 -14.78
C ARG B 129 33.26 -17.42 -17.68
C ARG B 129 34.35 -17.76 -15.15
N GLY B 130 32.74 -16.45 -16.92
N GLY B 130 35.55 -17.22 -14.93
CA GLY B 130 33.09 -15.04 -17.04
CA GLY B 130 35.78 -15.80 -15.19
C GLY B 130 33.32 -14.57 -15.62
C GLY B 130 35.07 -14.94 -14.18
N ARG B 131 33.78 -13.33 -15.44
N ARG B 131 34.53 -13.80 -14.65
CA ARG B 131 33.79 -12.68 -14.14
CA ARG B 131 34.06 -12.73 -13.77
C ARG B 131 32.37 -12.45 -13.66
C ARG B 131 32.54 -12.62 -13.63
N PHE B 132 32.07 -12.68 -12.39
CA PHE B 132 30.67 -12.56 -12.00
C PHE B 132 30.02 -11.24 -12.46
N SER B 133 30.80 -10.16 -12.29
CA SER B 133 30.33 -8.82 -12.60
C SER B 133 29.94 -8.69 -14.07
N GLU B 134 30.25 -9.69 -14.89
CA GLU B 134 29.94 -9.63 -16.32
C GLU B 134 28.73 -10.49 -16.70
N THR B 135 28.10 -11.12 -15.71
CA THR B 135 26.91 -11.93 -15.92
C THR B 135 25.81 -11.19 -16.73
N SER B 136 25.17 -11.87 -17.68
CA SER B 136 24.15 -11.22 -18.46
C SER B 136 22.87 -11.31 -17.64
N ARG B 137 21.96 -10.37 -17.86
CA ARG B 137 20.63 -10.38 -17.24
C ARG B 137 19.87 -11.66 -17.61
N GLU B 138 20.00 -12.08 -18.86
CA GLU B 138 19.24 -13.26 -19.25
C GLU B 138 19.84 -14.50 -18.57
N GLY B 139 21.15 -14.51 -18.35
CA GLY B 139 21.79 -15.71 -17.78
C GLY B 139 21.49 -15.73 -16.28
N PHE B 140 21.58 -14.53 -15.66
CA PHE B 140 21.18 -14.39 -14.27
C PHE B 140 19.75 -14.85 -13.98
N LEU B 141 18.81 -14.50 -14.84
CA LEU B 141 17.39 -14.80 -14.58
C LEU B 141 17.06 -16.22 -14.95
N LEU B 142 17.75 -16.74 -15.98
CA LEU B 142 17.71 -18.16 -16.31
C LEU B 142 18.02 -19.03 -15.08
N ALA B 143 19.09 -18.69 -14.38
CA ALA B 143 19.54 -19.44 -13.21
C ALA B 143 18.56 -19.31 -12.03
N GLN B 144 18.02 -18.12 -11.81
CA GLN B 144 16.98 -17.96 -10.79
C GLN B 144 15.74 -18.78 -11.13
N ASP B 145 15.35 -18.76 -12.40
CA ASP B 145 14.12 -19.37 -12.82
C ASP B 145 14.15 -20.90 -12.63
N ILE B 146 15.10 -21.56 -13.29
CA ILE B 146 15.25 -22.98 -13.19
C ILE B 146 15.68 -23.42 -11.80
N SER B 147 16.58 -22.69 -11.14
CA SER B 147 17.31 -23.16 -9.95
C SER B 147 16.68 -22.76 -8.61
N SER B 148 15.83 -21.74 -8.62
CA SER B 148 15.16 -21.30 -7.41
C SER B 148 13.65 -21.26 -7.55
N TYR B 149 13.13 -20.55 -8.56
CA TYR B 149 11.71 -20.33 -8.67
C TYR B 149 11.07 -21.70 -8.78
N SER B 150 11.71 -22.60 -9.52
CA SER B 150 11.11 -23.90 -9.77
C SER B 150 10.63 -24.62 -8.50
N LEU B 151 11.30 -24.37 -7.38
CA LEU B 151 10.92 -25.04 -6.14
C LEU B 151 9.59 -24.48 -5.62
N THR B 152 9.41 -23.18 -5.80
CA THR B 152 8.19 -22.52 -5.36
C THR B 152 6.96 -23.13 -6.06
N ILE B 153 7.01 -23.26 -7.38
CA ILE B 153 5.84 -23.80 -8.10
C ILE B 153 5.66 -25.32 -7.92
N VAL B 154 6.76 -26.04 -7.79
CA VAL B 154 6.70 -27.47 -7.49
C VAL B 154 6.05 -27.64 -6.12
N ALA B 155 6.49 -26.86 -5.12
CA ALA B 155 5.89 -26.91 -3.79
C ALA B 155 4.37 -26.74 -3.83
N HIS B 156 3.90 -25.79 -4.64
CA HIS B 156 2.49 -25.44 -4.66
C HIS B 156 1.70 -26.54 -5.35
N GLU B 157 2.32 -27.16 -6.35
CA GLU B 157 1.63 -28.19 -7.08
C GLU B 157 1.62 -29.48 -6.29
N ALA B 158 2.75 -29.79 -5.62
CA ALA B 158 2.86 -31.01 -4.83
C ALA B 158 2.04 -30.95 -3.54
N LYS B 159 1.99 -29.79 -2.91
CA LYS B 159 1.06 -29.63 -1.80
C LYS B 159 -0.35 -30.23 -2.02
N LYS B 160 -0.91 -30.01 -3.21
CA LYS B 160 -2.21 -30.61 -3.54
C LYS B 160 -2.29 -32.12 -3.35
N LEU B 161 -1.15 -32.81 -3.39
CA LEU B 161 -1.10 -34.26 -3.21
C LEU B 161 -0.53 -34.67 -1.84
N MET B 162 -0.50 -33.70 -0.93
CA MET B 162 -0.03 -33.93 0.43
C MET B 162 -1.03 -33.36 1.45
N PRO B 163 -2.31 -33.77 1.34
CA PRO B 163 -3.36 -33.21 2.20
C PRO B 163 -3.07 -33.40 3.69
N GLU B 164 -2.33 -34.45 4.04
CA GLU B 164 -1.96 -34.80 5.42
C GLU B 164 -0.62 -34.20 5.85
N GLY B 165 0.10 -33.66 4.89
CA GLY B 165 1.42 -33.14 5.18
C GLY B 165 2.42 -33.98 4.41
N GLY B 166 3.69 -33.57 4.50
CA GLY B 166 4.72 -34.13 3.66
C GLY B 166 6.08 -33.47 3.85
N SER B 167 7.03 -33.85 3.00
CA SER B 167 8.37 -33.29 3.13
C SER B 167 8.93 -32.90 1.75
N ILE B 168 9.61 -31.76 1.66
CA ILE B 168 10.17 -31.31 0.39
C ILE B 168 11.63 -30.94 0.58
N VAL B 169 12.49 -31.56 -0.23
CA VAL B 169 13.93 -31.31 -0.09
C VAL B 169 14.52 -30.80 -1.40
N ALA B 170 15.35 -29.78 -1.28
CA ALA B 170 16.09 -29.29 -2.42
C ALA B 170 17.63 -29.37 -2.23
N THR B 171 18.34 -29.29 -3.34
CA THR B 171 19.77 -29.49 -3.29
C THR B 171 20.49 -28.18 -3.46
N THR B 172 21.33 -27.82 -2.50
CA THR B 172 22.07 -26.57 -2.64
C THR B 172 23.57 -26.78 -2.52
N TYR B 173 24.32 -25.68 -2.58
CA TYR B 173 25.75 -25.76 -2.49
C TYR B 173 26.24 -24.59 -1.65
N LEU B 174 27.29 -24.80 -0.88
CA LEU B 174 27.97 -23.83 -0.05
C LEU B 174 28.18 -22.49 -0.73
N GLY B 175 28.26 -22.51 -2.06
CA GLY B 175 28.41 -21.30 -2.87
C GLY B 175 27.25 -20.33 -2.73
N GLY B 176 26.13 -20.78 -2.16
CA GLY B 176 24.97 -19.95 -1.79
C GLY B 176 25.15 -19.16 -0.50
N GLU B 177 26.12 -19.57 0.30
CA GLU B 177 26.38 -18.92 1.58
C GLU B 177 27.62 -18.04 1.56
N PHE B 178 28.64 -18.38 0.77
CA PHE B 178 29.91 -17.65 0.67
C PHE B 178 30.27 -17.54 -0.79
N ALA B 179 31.00 -16.50 -1.15
CA ALA B 179 31.39 -16.36 -2.54
C ALA B 179 32.54 -17.34 -2.80
N VAL B 180 32.25 -18.34 -3.62
CA VAL B 180 33.20 -19.34 -4.06
C VAL B 180 33.68 -18.99 -5.48
N GLN B 181 34.95 -18.65 -5.64
CA GLN B 181 35.51 -18.41 -6.96
C GLN B 181 34.90 -19.30 -8.05
N ASN B 182 34.56 -18.72 -9.21
CA ASN B 182 33.96 -19.46 -10.33
C ASN B 182 32.52 -19.85 -10.23
N TYR B 183 31.98 -20.03 -9.03
CA TYR B 183 30.63 -20.55 -8.94
C TYR B 183 29.63 -19.49 -9.40
N ASN B 184 30.00 -18.23 -9.21
CA ASN B 184 29.43 -17.09 -9.88
C ASN B 184 27.91 -17.03 -9.83
N VAL B 185 27.27 -16.93 -10.99
CA VAL B 185 25.82 -16.74 -11.07
C VAL B 185 25.10 -17.82 -10.25
N MET B 186 25.70 -19.00 -10.13
CA MET B 186 24.99 -20.08 -9.45
C MET B 186 25.01 -19.86 -7.91
N GLY B 187 26.02 -19.16 -7.43
CA GLY B 187 26.05 -18.75 -6.05
C GLY B 187 24.78 -17.96 -5.72
N VAL B 188 24.51 -16.95 -6.54
CA VAL B 188 23.38 -16.06 -6.27
C VAL B 188 22.07 -16.87 -6.40
N ALA B 189 22.00 -17.81 -7.34
CA ALA B 189 20.80 -18.65 -7.46
C ALA B 189 20.59 -19.59 -6.27
N LYS B 190 21.62 -20.27 -5.80
CA LYS B 190 21.57 -21.01 -4.53
C LYS B 190 21.26 -20.13 -3.31
N ALA B 191 21.78 -18.91 -3.28
CA ALA B 191 21.41 -18.03 -2.17
C ALA B 191 19.90 -17.85 -2.17
N SER B 192 19.39 -17.53 -3.37
CA SER B 192 17.95 -17.41 -3.66
C SER B 192 17.20 -18.64 -3.18
N LEU B 193 17.70 -19.82 -3.55
CA LEU B 193 16.97 -21.08 -3.31
C LEU B 193 17.01 -21.38 -1.80
N GLU B 194 18.09 -20.99 -1.14
CA GLU B 194 18.18 -21.25 0.29
C GLU B 194 17.23 -20.34 1.07
N ALA B 195 16.97 -19.14 0.53
CA ALA B 195 15.87 -18.33 1.04
C ALA B 195 14.49 -18.91 0.67
N ASN B 196 14.33 -19.35 -0.58
CA ASN B 196 13.08 -19.94 -1.04
C ASN B 196 12.67 -21.04 -0.04
N VAL B 197 13.60 -21.95 0.26
CA VAL B 197 13.39 -22.98 1.26
C VAL B 197 12.81 -22.45 2.61
N LYS B 198 13.33 -21.33 3.10
CA LYS B 198 12.88 -20.84 4.39
C LYS B 198 11.46 -20.28 4.32
N TYR B 199 11.14 -19.59 3.21
CA TYR B 199 9.85 -18.93 3.07
C TYR B 199 8.82 -20.03 2.79
N LEU B 200 9.22 -21.08 2.06
CA LEU B 200 8.28 -22.15 1.83
C LEU B 200 8.00 -22.89 3.15
N ALA B 201 9.02 -22.99 3.99
CA ALA B 201 8.85 -23.66 5.28
C ALA B 201 7.88 -22.91 6.19
N LEU B 202 8.03 -21.58 6.22
CA LEU B 202 7.13 -20.72 6.99
C LEU B 202 5.70 -20.81 6.50
N ASP B 203 5.53 -20.77 5.18
CA ASP B 203 4.21 -20.73 4.57
C ASP B 203 3.51 -22.09 4.70
N LEU B 204 4.27 -23.17 4.49
CA LEU B 204 3.70 -24.50 4.28
C LEU B 204 3.67 -25.29 5.59
N GLY B 205 4.40 -24.78 6.60
CA GLY B 205 4.40 -25.38 7.93
C GLY B 205 3.01 -25.67 8.51
N PRO B 206 2.09 -24.69 8.44
CA PRO B 206 0.77 -24.90 9.03
C PRO B 206 0.03 -26.05 8.36
N ASP B 207 0.42 -26.43 7.15
CA ASP B 207 -0.15 -27.58 6.44
C ASP B 207 0.66 -28.85 6.74
N ASN B 208 1.63 -28.71 7.63
CA ASN B 208 2.45 -29.84 8.04
C ASN B 208 3.29 -30.44 6.89
N ILE B 209 3.73 -29.55 6.02
CA ILE B 209 4.65 -29.88 4.97
C ILE B 209 5.96 -29.20 5.40
N ARG B 210 7.03 -29.98 5.51
CA ARG B 210 8.33 -29.46 5.91
C ARG B 210 9.15 -29.16 4.66
N VAL B 211 10.04 -28.15 4.71
CA VAL B 211 10.84 -27.84 3.52
C VAL B 211 12.25 -27.59 4.00
N ASN B 212 13.19 -28.34 3.43
CA ASN B 212 14.58 -28.29 3.82
C ASN B 212 15.53 -28.36 2.62
N ALA B 213 16.79 -28.02 2.89
CA ALA B 213 17.85 -28.14 1.88
C ALA B 213 18.99 -29.04 2.36
N ILE B 214 19.61 -29.76 1.42
CA ILE B 214 20.89 -30.41 1.66
C ILE B 214 21.97 -29.62 0.91
N SER B 215 22.96 -29.12 1.65
CA SER B 215 24.13 -28.48 1.01
C SER B 215 25.19 -29.54 0.70
N ALA B 216 25.12 -30.09 -0.50
CA ALA B 216 26.02 -31.16 -0.93
C ALA B 216 27.41 -30.61 -1.23
N GLY B 217 28.44 -31.38 -0.90
CA GLY B 217 29.80 -31.02 -1.32
C GLY B 217 29.97 -31.43 -2.77
N PRO B 218 31.13 -31.10 -3.36
CA PRO B 218 31.43 -31.44 -4.76
C PRO B 218 31.32 -32.93 -5.06
N ILE B 219 30.63 -33.22 -6.15
CA ILE B 219 30.38 -34.58 -6.59
C ILE B 219 30.49 -34.57 -8.11
N ARG B 220 31.37 -35.40 -8.64
CA ARG B 220 31.49 -35.49 -10.08
C ARG B 220 30.19 -35.89 -10.80
N THR B 221 29.52 -34.93 -11.40
CA THR B 221 28.27 -35.18 -12.09
C THR B 221 28.35 -34.52 -13.46
N LEU B 222 27.40 -34.83 -14.35
CA LEU B 222 27.33 -34.12 -15.62
C LEU B 222 27.36 -32.57 -15.50
N SER B 223 26.57 -31.98 -14.62
CA SER B 223 26.56 -30.54 -14.47
C SER B 223 27.85 -30.00 -13.84
N ALA B 224 28.44 -30.73 -12.91
CA ALA B 224 29.74 -30.32 -12.40
C ALA B 224 30.74 -29.97 -13.50
N LYS B 225 30.63 -30.59 -14.67
CA LYS B 225 31.58 -30.32 -15.77
C LYS B 225 31.59 -28.88 -16.24
N GLY B 226 30.59 -28.11 -15.83
CA GLY B 226 30.37 -26.79 -16.40
C GLY B 226 30.96 -25.73 -15.50
N VAL B 227 31.41 -26.13 -14.32
CA VAL B 227 31.95 -25.16 -13.38
C VAL B 227 33.47 -25.12 -13.47
N GLY B 228 34.05 -23.94 -13.66
CA GLY B 228 35.51 -23.83 -13.64
C GLY B 228 36.05 -24.21 -12.27
N GLY B 229 37.28 -24.71 -12.23
CA GLY B 229 38.02 -24.94 -10.99
C GLY B 229 37.54 -26.05 -10.09
N PHE B 230 36.55 -26.82 -10.57
CA PHE B 230 35.93 -27.94 -9.84
C PHE B 230 36.94 -29.01 -9.34
N ASN B 231 37.82 -29.50 -10.18
CA ASN B 231 38.84 -30.43 -9.73
C ASN B 231 39.70 -29.81 -8.63
N THR B 232 40.09 -28.56 -8.79
CA THR B 232 40.86 -27.88 -7.74
C THR B 232 40.16 -27.88 -6.39
N ILE B 233 38.83 -27.84 -6.41
CA ILE B 233 38.02 -27.71 -5.20
C ILE B 233 37.85 -29.09 -4.60
N LEU B 234 37.62 -30.10 -5.42
CA LEU B 234 37.59 -31.50 -4.98
C LEU B 234 38.81 -31.84 -4.13
N LYS B 235 39.95 -31.35 -4.58
CA LYS B 235 41.18 -31.75 -3.96
C LYS B 235 41.42 -30.88 -2.73
N GLU B 236 40.93 -29.65 -2.77
CA GLU B 236 41.00 -28.85 -1.56
C GLU B 236 40.13 -29.46 -0.45
N ILE B 237 39.07 -30.15 -0.82
CA ILE B 237 38.24 -30.80 0.17
C ILE B 237 38.99 -31.93 0.88
N GLU B 238 39.65 -32.81 0.13
CA GLU B 238 40.46 -33.87 0.73
C GLU B 238 41.59 -33.31 1.57
N GLU B 239 42.26 -32.25 1.11
CA GLU B 239 43.29 -31.63 1.95
C GLU B 239 42.72 -30.95 3.19
N ARG B 240 41.53 -30.34 3.08
CA ARG B 240 41.09 -29.41 4.13
C ARG B 240 39.87 -29.77 5.01
N ALA B 241 38.84 -30.45 4.49
CA ALA B 241 37.59 -30.71 5.22
C ALA B 241 37.88 -31.59 6.42
N PRO B 242 37.12 -31.44 7.51
CA PRO B 242 37.35 -32.27 8.69
C PRO B 242 37.54 -33.76 8.38
N LEU B 243 36.69 -34.33 7.54
CA LEU B 243 36.84 -35.75 7.20
C LEU B 243 37.96 -36.01 6.21
N LYS B 244 38.54 -34.97 5.62
CA LYS B 244 39.63 -35.16 4.65
C LYS B 244 39.27 -36.19 3.58
N ARG B 245 38.05 -36.12 3.06
CA ARG B 245 37.62 -36.90 1.91
C ARG B 245 36.42 -36.19 1.30
N ASN B 246 36.06 -36.54 0.07
CA ASN B 246 34.91 -35.94 -0.54
C ASN B 246 33.73 -36.83 -0.23
N VAL B 247 32.52 -36.39 -0.53
CA VAL B 247 31.30 -37.17 -0.29
C VAL B 247 30.80 -37.75 -1.59
N ASP B 248 29.76 -38.57 -1.53
CA ASP B 248 29.15 -39.06 -2.76
C ASP B 248 27.65 -38.96 -2.77
N GLN B 249 27.05 -39.42 -3.85
CA GLN B 249 25.63 -39.21 -4.09
C GLN B 249 24.80 -39.94 -3.06
N VAL B 250 25.34 -41.09 -2.62
CA VAL B 250 24.59 -41.97 -1.73
C VAL B 250 24.52 -41.31 -0.35
N GLU B 251 25.56 -40.58 -0.01
CA GLU B 251 25.62 -39.90 1.27
C GLU B 251 24.61 -38.78 1.28
N VAL B 252 24.37 -38.16 0.12
CA VAL B 252 23.32 -37.18 0.00
C VAL B 252 21.98 -37.90 0.09
N GLY B 253 21.85 -39.02 -0.62
CA GLY B 253 20.61 -39.82 -0.49
C GLY B 253 20.25 -40.23 0.95
N LYS B 254 21.26 -40.56 1.75
CA LYS B 254 21.00 -40.96 3.15
C LYS B 254 20.47 -39.76 3.96
N THR B 255 21.06 -38.58 3.82
CA THR B 255 20.49 -37.42 4.47
C THR B 255 19.11 -37.09 3.88
N ALA B 256 18.94 -37.28 2.58
CA ALA B 256 17.62 -37.10 1.98
C ALA B 256 16.60 -37.99 2.66
N ALA B 257 16.92 -39.28 2.83
CA ALA B 257 16.00 -40.23 3.44
C ALA B 257 15.54 -39.76 4.82
N TYR B 258 16.48 -39.22 5.58
CA TYR B 258 16.22 -38.60 6.87
C TYR B 258 15.20 -37.47 6.75
N LEU B 259 15.50 -36.52 5.87
CA LEU B 259 14.66 -35.34 5.70
C LEU B 259 13.29 -35.70 5.18
N LEU B 260 13.18 -36.77 4.39
CA LEU B 260 11.89 -37.11 3.77
C LEU B 260 11.00 -37.97 4.66
N SER B 261 11.56 -38.43 5.77
CA SER B 261 10.85 -39.36 6.62
C SER B 261 10.47 -38.66 7.91
N ASP B 262 9.70 -39.36 8.73
CA ASP B 262 9.27 -38.87 10.02
C ASP B 262 10.42 -38.81 11.02
N LEU B 263 11.60 -39.31 10.68
CA LEU B 263 12.75 -39.10 11.54
C LEU B 263 12.98 -37.62 11.73
N SER B 264 12.73 -36.81 10.70
CA SER B 264 13.09 -35.41 10.78
C SER B 264 11.88 -34.55 11.12
N SER B 265 10.88 -35.14 11.78
N SER B 265 10.84 -35.15 11.69
CA SER B 265 9.58 -34.47 11.94
CA SER B 265 9.72 -34.35 12.16
C SER B 265 9.61 -33.08 12.60
C SER B 265 10.29 -33.34 13.17
N GLY B 266 10.64 -32.82 13.42
N GLY B 266 9.75 -32.13 13.17
CA GLY B 266 10.77 -31.53 14.09
CA GLY B 266 10.37 -31.06 13.95
C GLY B 266 11.47 -30.45 13.29
C GLY B 266 11.40 -30.26 13.19
N VAL B 267 11.95 -30.81 12.10
CA VAL B 267 12.98 -30.08 11.37
C VAL B 267 12.41 -29.47 10.10
N THR B 268 12.51 -28.14 9.99
CA THR B 268 12.05 -27.45 8.80
C THR B 268 12.77 -26.11 8.67
N GLY B 269 12.90 -25.64 7.45
CA GLY B 269 13.65 -24.44 7.15
C GLY B 269 15.13 -24.69 7.37
N GLU B 270 15.54 -25.95 7.36
CA GLU B 270 16.90 -26.24 7.68
C GLU B 270 17.78 -26.50 6.44
N ASN B 271 19.08 -26.31 6.64
CA ASN B 271 20.05 -26.53 5.57
C ASN B 271 21.17 -27.44 6.10
N ILE B 272 21.14 -28.73 5.73
CA ILE B 272 22.08 -29.73 6.28
C ILE B 272 23.23 -29.89 5.31
N HIS B 273 24.44 -29.60 5.80
CA HIS B 273 25.66 -29.68 4.97
C HIS B 273 26.15 -31.15 4.93
N VAL B 274 25.93 -31.82 3.79
CA VAL B 274 26.54 -33.12 3.53
C VAL B 274 27.85 -32.96 2.74
N ASP B 275 28.92 -32.58 3.45
CA ASP B 275 30.10 -32.04 2.81
C ASP B 275 31.39 -32.27 3.60
N SER B 276 31.44 -33.34 4.41
CA SER B 276 32.67 -33.70 5.11
C SER B 276 33.09 -32.65 6.12
N GLY B 277 32.14 -31.77 6.47
CA GLY B 277 32.45 -30.69 7.42
C GLY B 277 33.07 -29.42 6.89
N PHE B 278 33.27 -29.32 5.58
CA PHE B 278 34.00 -28.20 4.99
C PHE B 278 33.36 -26.86 5.34
N HIS B 279 32.03 -26.83 5.35
CA HIS B 279 31.32 -25.60 5.74
C HIS B 279 31.70 -25.04 7.08
N ALA B 280 32.30 -25.84 7.95
CA ALA B 280 32.51 -25.40 9.32
C ALA B 280 33.88 -24.81 9.56
N ILE B 281 34.75 -24.86 8.56
CA ILE B 281 36.15 -24.48 8.74
C ILE B 281 36.45 -23.26 7.87
N LYS B 282 37.46 -22.48 8.22
CA LYS B 282 38.07 -21.48 7.34
C LYS B 282 39.57 -21.63 7.42
N VAL C 28 18.67 -46.52 9.68
CA VAL C 28 18.66 -46.84 11.14
C VAL C 28 18.02 -48.22 11.46
N ASN C 29 18.83 -49.27 11.38
CA ASN C 29 18.77 -50.33 12.36
C ASN C 29 20.05 -50.35 13.20
N LEU C 30 19.95 -50.21 14.51
CA LEU C 30 21.14 -49.90 15.31
C LEU C 30 21.62 -51.05 16.20
N GLU C 31 21.16 -52.26 15.92
CA GLU C 31 21.65 -53.45 16.60
C GLU C 31 23.16 -53.54 16.45
N ASN C 32 23.86 -53.98 17.49
CA ASN C 32 25.31 -54.04 17.40
C ASN C 32 26.00 -52.69 17.56
N LYS C 33 25.23 -51.60 17.63
CA LYS C 33 25.79 -50.32 18.07
C LYS C 33 25.66 -50.14 19.58
N THR C 34 26.52 -49.29 20.12
CA THR C 34 26.51 -48.93 21.53
C THR C 34 26.79 -47.43 21.67
N TYR C 35 25.90 -46.74 22.40
CA TYR C 35 25.99 -45.30 22.58
C TYR C 35 25.97 -44.96 24.06
N VAL C 36 26.87 -44.08 24.47
CA VAL C 36 26.84 -43.51 25.82
C VAL C 36 25.94 -42.27 25.81
N ILE C 37 24.87 -42.28 26.62
CA ILE C 37 23.93 -41.17 26.73
C ILE C 37 24.18 -40.49 28.06
N MET C 38 24.63 -39.23 28.02
CA MET C 38 25.01 -38.48 29.22
C MET C 38 23.99 -37.40 29.56
N GLY C 39 23.37 -37.53 30.74
CA GLY C 39 22.56 -36.45 31.31
C GLY C 39 21.06 -36.73 31.34
N ILE C 40 20.66 -37.97 31.57
CA ILE C 40 19.30 -38.18 32.03
C ILE C 40 19.19 -37.86 33.53
N ALA C 41 18.29 -36.93 33.88
CA ALA C 41 17.77 -36.81 35.27
C ALA C 41 16.45 -37.54 35.51
N ASN C 42 15.56 -37.57 34.53
CA ASN C 42 14.22 -38.11 34.76
C ASN C 42 13.45 -38.38 33.46
N LYS C 43 12.16 -38.70 33.58
CA LYS C 43 11.36 -39.09 32.42
C LYS C 43 11.20 -37.96 31.39
N ARG C 44 11.43 -36.72 31.78
CA ARG C 44 11.21 -35.60 30.87
CA ARG C 44 11.23 -35.55 30.92
C ARG C 44 12.54 -35.13 30.25
N SER C 45 13.66 -35.62 30.76
CA SER C 45 14.97 -35.23 30.20
C SER C 45 15.00 -35.45 28.68
N ILE C 46 15.59 -34.50 27.97
CA ILE C 46 15.83 -34.67 26.53
C ILE C 46 16.59 -35.97 26.27
N ALA C 47 17.58 -36.28 27.10
CA ALA C 47 18.36 -37.48 26.84
C ALA C 47 17.52 -38.76 26.93
N PHE C 48 16.38 -38.71 27.62
CA PHE C 48 15.55 -39.91 27.70
C PHE C 48 14.70 -40.08 26.44
N GLY C 49 14.30 -38.97 25.83
CA GLY C 49 13.90 -38.99 24.44
C GLY C 49 14.90 -39.73 23.55
N VAL C 50 16.15 -39.29 23.59
CA VAL C 50 17.17 -39.96 22.83
C VAL C 50 17.21 -41.45 23.15
N ALA C 51 17.32 -41.77 24.45
CA ALA C 51 17.38 -43.16 24.88
C ALA C 51 16.25 -44.03 24.32
N LYS C 52 15.00 -43.55 24.36
CA LYS C 52 13.84 -44.31 23.90
C LYS C 52 13.96 -44.60 22.41
N VAL C 53 14.51 -43.64 21.68
CA VAL C 53 14.57 -43.83 20.25
C VAL C 53 15.67 -44.82 19.92
N LEU C 54 16.85 -44.65 20.50
CA LEU C 54 17.95 -45.55 20.19
C LEU C 54 17.64 -46.96 20.66
N ASP C 55 16.88 -47.11 21.76
CA ASP C 55 16.67 -48.41 22.37
C ASP C 55 15.62 -49.12 21.53
N GLN C 56 14.70 -48.32 21.01
CA GLN C 56 13.73 -48.74 20.02
C GLN C 56 14.43 -49.30 18.79
N LEU C 57 15.61 -48.77 18.47
CA LEU C 57 16.21 -49.06 17.18
C LEU C 57 17.17 -50.23 17.30
N GLY C 58 17.23 -50.81 18.49
CA GLY C 58 18.07 -51.97 18.78
C GLY C 58 19.44 -51.64 19.37
N ALA C 59 19.73 -50.38 19.67
CA ALA C 59 21.06 -50.05 20.21
C ALA C 59 21.29 -50.58 21.60
N LYS C 60 22.57 -50.80 21.94
CA LYS C 60 22.93 -51.05 23.33
C LYS C 60 23.34 -49.71 23.93
N LEU C 61 22.84 -49.43 25.13
CA LEU C 61 22.95 -48.11 25.77
C LEU C 61 23.71 -48.06 27.08
N VAL C 62 24.48 -47.00 27.25
CA VAL C 62 25.21 -46.83 28.50
C VAL C 62 24.87 -45.43 28.97
N PHE C 63 24.56 -45.31 30.25
CA PHE C 63 24.08 -44.06 30.83
C PHE C 63 25.03 -43.53 31.87
N THR C 64 25.22 -42.22 31.89
CA THR C 64 26.07 -41.58 32.91
C THR C 64 25.29 -40.48 33.64
N TYR C 65 25.56 -40.28 34.92
CA TYR C 65 24.69 -39.38 35.71
C TYR C 65 25.54 -38.62 36.74
N ARG C 66 25.01 -37.52 37.28
CA ARG C 66 25.70 -36.89 38.40
C ARG C 66 25.11 -37.28 39.75
N LYS C 67 23.86 -36.90 40.05
CA LYS C 67 23.24 -37.09 41.38
C LYS C 67 22.68 -38.48 41.60
N GLU C 68 22.68 -38.96 42.85
CA GLU C 68 22.17 -40.30 43.01
CA GLU C 68 22.08 -40.25 43.22
C GLU C 68 20.69 -40.30 42.65
N ARG C 69 20.00 -39.18 42.88
CA ARG C 69 18.62 -39.10 42.41
C ARG C 69 18.44 -39.50 40.94
N SER C 70 19.30 -39.01 40.06
CA SER C 70 19.25 -39.34 38.64
C SER C 70 19.46 -40.84 38.40
N ARG C 71 20.37 -41.46 39.15
CA ARG C 71 20.59 -42.87 38.95
C ARG C 71 19.30 -43.62 39.29
N LYS C 72 18.63 -43.18 40.35
CA LYS C 72 17.43 -43.86 40.82
C LYS C 72 16.29 -43.73 39.80
N GLU C 73 16.18 -42.53 39.26
CA GLU C 73 15.31 -42.31 38.12
C GLU C 73 15.71 -43.17 36.92
N LEU C 74 17.01 -43.31 36.70
CA LEU C 74 17.51 -44.12 35.58
C LEU C 74 17.16 -45.58 35.83
N GLU C 75 17.34 -46.03 37.07
CA GLU C 75 16.99 -47.40 37.44
C GLU C 75 15.54 -47.73 37.11
N LYS C 76 14.65 -46.81 37.45
CA LYS C 76 13.21 -46.94 37.19
C LYS C 76 12.83 -46.80 35.70
N LEU C 77 13.41 -45.85 34.99
CA LEU C 77 13.15 -45.70 33.54
C LEU C 77 13.63 -46.87 32.68
N LEU C 78 14.72 -47.51 33.08
CA LEU C 78 15.18 -48.71 32.39
C LEU C 78 14.15 -49.84 32.20
N GLU C 79 13.15 -49.91 33.08
CA GLU C 79 12.17 -51.00 32.99
C GLU C 79 11.22 -50.81 31.82
N GLN C 80 11.16 -49.57 31.36
CA GLN C 80 10.50 -49.15 30.12
C GLN C 80 11.28 -49.46 28.85
N LEU C 81 12.59 -49.64 28.94
CA LEU C 81 13.43 -49.83 27.77
C LEU C 81 13.63 -51.31 27.49
N ASN C 82 14.25 -51.66 26.38
CA ASN C 82 14.51 -53.07 26.12
C ASN C 82 15.91 -53.45 26.54
N GLN C 83 16.66 -52.54 27.14
CA GLN C 83 18.04 -52.86 27.45
C GLN C 83 18.09 -54.06 28.37
N PRO C 84 18.81 -55.12 27.96
CA PRO C 84 18.74 -56.30 28.78
C PRO C 84 19.47 -56.07 30.11
N GLU C 85 20.40 -55.12 30.13
CA GLU C 85 21.13 -54.82 31.36
C GLU C 85 21.44 -53.34 31.57
N ALA C 86 21.37 -52.92 32.82
CA ALA C 86 21.70 -51.56 33.23
C ALA C 86 23.20 -51.33 33.11
N HIS C 87 23.63 -50.35 32.33
CA HIS C 87 25.00 -49.88 32.48
C HIS C 87 24.96 -48.41 32.92
N LEU C 88 25.36 -48.15 34.17
CA LEU C 88 25.16 -46.82 34.79
C LEU C 88 26.41 -46.27 35.47
N TYR C 89 26.83 -45.06 35.13
CA TYR C 89 28.15 -44.60 35.57
C TYR C 89 28.03 -43.18 36.11
N GLN C 90 28.60 -42.96 37.29
CA GLN C 90 28.54 -41.63 37.86
C GLN C 90 29.65 -40.81 37.24
N ILE C 91 29.28 -39.82 36.43
CA ILE C 91 30.29 -38.90 35.95
C ILE C 91 29.81 -37.49 36.16
N ASP C 92 30.50 -36.79 37.04
CA ASP C 92 30.38 -35.35 37.15
C ASP C 92 31.45 -34.75 36.23
N VAL C 93 30.99 -34.13 35.14
CA VAL C 93 31.91 -33.56 34.15
C VAL C 93 32.73 -32.38 34.68
N GLN C 94 32.53 -32.00 35.94
CA GLN C 94 33.46 -31.02 36.51
C GLN C 94 34.84 -31.60 36.87
N SER C 95 34.94 -32.91 36.94
CA SER C 95 36.17 -33.52 37.40
C SER C 95 36.81 -34.34 36.28
N ASP C 96 38.01 -33.95 35.86
CA ASP C 96 38.81 -34.76 34.95
C ASP C 96 38.88 -36.24 35.31
N GLU C 97 39.22 -36.54 36.58
CA GLU C 97 39.23 -37.91 37.09
CA GLU C 97 39.26 -37.92 37.07
C GLU C 97 37.96 -38.68 36.71
N GLU C 98 36.81 -38.07 36.96
CA GLU C 98 35.58 -38.83 36.88
C GLU C 98 35.26 -39.11 35.41
N VAL C 99 35.47 -38.12 34.55
CA VAL C 99 35.34 -38.36 33.11
C VAL C 99 36.32 -39.42 32.62
N ILE C 100 37.59 -39.22 32.99
CA ILE C 100 38.64 -40.13 32.56
C ILE C 100 38.38 -41.56 33.00
N ASN C 101 38.20 -41.76 34.31
CA ASN C 101 37.94 -43.08 34.85
C ASN C 101 36.57 -43.66 34.46
N GLY C 102 35.56 -42.79 34.39
CA GLY C 102 34.25 -43.16 33.83
C GLY C 102 34.30 -43.88 32.49
N PHE C 103 34.89 -43.22 31.49
CA PHE C 103 35.02 -43.78 30.14
C PHE C 103 35.95 -44.98 30.04
N GLU C 104 37.09 -44.93 30.70
CA GLU C 104 37.96 -46.10 30.77
C GLU C 104 37.22 -47.32 31.33
N GLN C 105 36.50 -47.13 32.42
CA GLN C 105 35.55 -48.11 32.96
C GLN C 105 34.47 -48.58 31.96
N ILE C 106 33.89 -47.63 31.21
CA ILE C 106 32.85 -47.97 30.22
C ILE C 106 33.48 -48.91 29.18
N GLY C 107 34.74 -48.63 28.84
CA GLY C 107 35.40 -49.40 27.82
C GLY C 107 35.69 -50.81 28.31
N LYS C 108 35.75 -51.00 29.62
CA LYS C 108 36.08 -52.35 30.07
C LYS C 108 34.82 -53.18 30.26
N ASP C 109 33.70 -52.53 30.56
CA ASP C 109 32.41 -53.22 30.68
C ASP C 109 31.77 -53.58 29.35
N VAL C 110 31.87 -52.68 28.37
CA VAL C 110 31.16 -52.85 27.11
C VAL C 110 32.08 -52.79 25.88
N GLY C 111 33.38 -52.59 26.11
CA GLY C 111 34.30 -52.48 24.97
C GLY C 111 34.19 -51.19 24.17
N ASN C 112 34.53 -51.26 22.89
CA ASN C 112 34.39 -50.14 21.98
C ASN C 112 32.95 -49.61 21.82
N ILE C 113 32.78 -48.29 21.77
CA ILE C 113 31.47 -47.68 21.56
C ILE C 113 31.36 -47.04 20.19
N ASP C 114 30.13 -46.73 19.80
CA ASP C 114 29.85 -46.08 18.52
C ASP C 114 29.59 -44.56 18.63
N GLY C 115 29.38 -44.03 19.84
CA GLY C 115 29.19 -42.61 20.00
C GLY C 115 28.70 -42.20 21.37
N VAL C 116 28.52 -40.89 21.53
CA VAL C 116 28.16 -40.24 22.78
C VAL C 116 27.12 -39.15 22.52
N TYR C 117 26.02 -39.21 23.25
CA TYR C 117 25.05 -38.15 23.18
C TYR C 117 25.21 -37.32 24.43
N HIS C 118 25.60 -36.05 24.26
CA HIS C 118 25.92 -35.14 25.37
C HIS C 118 24.71 -34.23 25.61
N SER C 119 24.10 -34.37 26.78
CA SER C 119 22.87 -33.67 27.12
C SER C 119 23.04 -33.03 28.49
N ILE C 120 24.07 -32.19 28.60
CA ILE C 120 24.54 -31.69 29.90
C ILE C 120 24.76 -30.21 29.84
N ALA C 121 24.19 -29.47 30.78
CA ALA C 121 24.58 -28.07 31.06
C ALA C 121 24.17 -27.62 32.47
N PHE C 122 24.67 -26.47 32.88
CA PHE C 122 24.38 -25.98 34.20
C PHE C 122 24.60 -24.50 34.23
N ALA C 123 23.81 -23.79 35.02
CA ALA C 123 24.12 -22.42 35.34
C ALA C 123 23.37 -22.11 36.61
N ASN C 124 23.90 -21.23 37.46
CA ASN C 124 23.15 -20.81 38.64
C ASN C 124 21.91 -20.04 38.25
N MET C 125 20.86 -20.22 39.04
CA MET C 125 19.62 -19.48 38.85
C MET C 125 19.75 -17.96 38.82
N GLU C 126 20.53 -17.34 39.70
CA GLU C 126 20.77 -15.88 39.58
C GLU C 126 21.14 -15.45 38.17
N ASP C 127 22.01 -16.21 37.49
CA ASP C 127 22.46 -15.79 36.20
C ASP C 127 21.52 -16.33 35.08
N LEU C 128 20.22 -16.50 35.34
CA LEU C 128 19.27 -16.92 34.27
C LEU C 128 17.99 -16.07 34.14
N ARG C 129 18.14 -14.82 34.56
CA ARG C 129 17.03 -13.89 34.64
C ARG C 129 17.68 -12.53 34.84
N GLY C 130 16.92 -11.45 34.69
CA GLY C 130 17.49 -10.12 34.92
C GLY C 130 18.70 -9.91 34.02
N ARG C 131 19.81 -9.39 34.58
CA ARG C 131 20.79 -8.61 33.77
C ARG C 131 22.09 -9.36 33.50
N PHE C 132 22.35 -9.66 32.24
CA PHE C 132 23.52 -10.42 31.89
C PHE C 132 24.79 -9.71 32.30
N SER C 133 24.78 -8.37 32.17
CA SER C 133 25.99 -7.59 32.47
C SER C 133 26.38 -7.72 33.96
N GLU C 134 25.49 -8.30 34.77
CA GLU C 134 25.78 -8.44 36.20
C GLU C 134 26.32 -9.84 36.52
N THR C 135 26.44 -10.70 35.50
CA THR C 135 26.93 -12.06 35.68
C THR C 135 28.28 -12.09 36.38
N SER C 136 28.38 -12.91 37.41
CA SER C 136 29.58 -13.00 38.20
C SER C 136 30.59 -13.88 37.44
N ARG C 137 31.88 -13.60 37.63
CA ARG C 137 32.92 -14.45 37.05
C ARG C 137 32.67 -15.94 37.34
N GLU C 138 32.34 -16.27 38.59
CA GLU C 138 32.31 -17.67 38.96
C GLU C 138 31.16 -18.36 38.26
N GLY C 139 30.07 -17.62 38.07
CA GLY C 139 28.87 -18.14 37.45
C GLY C 139 29.06 -18.30 35.95
N PHE C 140 29.80 -17.37 35.34
CA PHE C 140 30.14 -17.47 33.94
C PHE C 140 31.05 -18.67 33.69
N LEU C 141 32.13 -18.77 34.48
CA LEU C 141 33.11 -19.84 34.25
C LEU C 141 32.54 -21.22 34.59
N LEU C 142 31.64 -21.27 35.58
CA LEU C 142 30.86 -22.47 35.93
C LEU C 142 30.06 -22.92 34.73
N ALA C 143 29.27 -22.01 34.15
CA ALA C 143 28.45 -22.37 32.99
C ALA C 143 29.29 -22.95 31.86
N GLN C 144 30.44 -22.34 31.60
CA GLN C 144 31.36 -22.79 30.56
C GLN C 144 31.95 -24.17 30.83
N ASP C 145 32.34 -24.39 32.07
CA ASP C 145 32.99 -25.62 32.47
C ASP C 145 32.03 -26.79 32.20
N ILE C 146 30.80 -26.71 32.70
CA ILE C 146 29.93 -27.87 32.70
C ILE C 146 29.32 -27.99 31.33
N SER C 147 29.03 -26.84 30.72
CA SER C 147 28.25 -26.78 29.49
C SER C 147 29.05 -26.78 28.20
N SER C 148 30.31 -26.34 28.23
CA SER C 148 31.11 -26.38 27.01
C SER C 148 32.35 -27.25 27.18
N TYR C 149 33.21 -26.89 28.12
CA TYR C 149 34.41 -27.69 28.36
C TYR C 149 34.13 -29.19 28.50
N SER C 150 33.12 -29.57 29.27
CA SER C 150 32.86 -31.01 29.39
C SER C 150 32.78 -31.75 28.05
N LEU C 151 32.29 -31.11 27.00
CA LEU C 151 32.28 -31.80 25.70
C LEU C 151 33.67 -32.14 25.19
N THR C 152 34.61 -31.20 25.36
CA THR C 152 35.98 -31.36 24.93
C THR C 152 36.65 -32.57 25.60
N ILE C 153 36.59 -32.61 26.93
CA ILE C 153 37.29 -33.69 27.62
C ILE C 153 36.51 -35.00 27.43
N VAL C 154 35.19 -34.93 27.26
CA VAL C 154 34.45 -36.17 27.00
C VAL C 154 34.86 -36.73 25.65
N ALA C 155 35.06 -35.87 24.66
CA ALA C 155 35.42 -36.30 23.33
C ALA C 155 36.80 -36.94 23.32
N HIS C 156 37.76 -36.32 24.01
CA HIS C 156 39.12 -36.84 24.15
C HIS C 156 39.08 -38.23 24.73
N GLU C 157 38.30 -38.41 25.79
CA GLU C 157 38.27 -39.69 26.48
C GLU C 157 37.44 -40.71 25.71
N ALA C 158 36.33 -40.29 25.12
CA ALA C 158 35.50 -41.17 24.31
C ALA C 158 36.21 -41.65 23.06
N LYS C 159 37.11 -40.84 22.51
CA LYS C 159 37.78 -41.20 21.27
C LYS C 159 38.61 -42.48 21.46
N LYS C 160 39.14 -42.70 22.67
CA LYS C 160 39.86 -43.94 23.02
C LYS C 160 39.01 -45.19 22.81
N LEU C 161 37.68 -45.07 22.84
CA LEU C 161 36.79 -46.21 22.69
C LEU C 161 36.25 -46.26 21.26
N MET C 162 36.83 -45.43 20.39
CA MET C 162 36.31 -45.31 19.05
C MET C 162 37.44 -45.37 18.03
N PRO C 163 38.28 -46.42 18.14
CA PRO C 163 39.42 -46.60 17.25
C PRO C 163 39.05 -46.58 15.76
N GLU C 164 37.81 -46.92 15.45
CA GLU C 164 37.31 -47.21 14.12
C GLU C 164 36.41 -46.08 13.63
N GLY C 165 36.43 -44.96 14.34
CA GLY C 165 35.43 -43.91 14.17
C GLY C 165 34.16 -43.99 15.02
N GLY C 166 33.35 -42.93 14.95
CA GLY C 166 32.13 -42.80 15.72
C GLY C 166 31.46 -41.46 15.54
N SER C 167 30.53 -41.16 16.45
CA SER C 167 29.73 -39.95 16.34
C SER C 167 29.40 -39.31 17.70
N ILE C 168 29.73 -38.03 17.88
CA ILE C 168 29.42 -37.34 19.13
C ILE C 168 28.42 -36.22 18.85
N VAL C 169 27.35 -36.15 19.64
CA VAL C 169 26.28 -35.18 19.44
C VAL C 169 26.06 -34.44 20.76
N ALA C 170 26.11 -33.11 20.71
CA ALA C 170 25.74 -32.33 21.87
C ALA C 170 24.43 -31.55 21.64
N THR C 171 23.82 -31.11 22.73
CA THR C 171 22.52 -30.49 22.69
C THR C 171 22.67 -29.00 22.93
N THR C 172 22.23 -28.19 21.97
CA THR C 172 22.38 -26.76 22.18
C THR C 172 21.04 -26.05 22.13
N TYR C 173 21.06 -24.72 22.24
CA TYR C 173 19.82 -23.97 22.09
C TYR C 173 20.15 -22.77 21.23
N LEU C 174 19.17 -22.34 20.46
CA LEU C 174 19.22 -21.17 19.61
C LEU C 174 19.77 -19.96 20.32
N GLY C 175 19.63 -19.94 21.64
CA GLY C 175 20.17 -18.85 22.48
C GLY C 175 21.69 -18.73 22.35
N GLY C 176 22.33 -19.77 21.80
CA GLY C 176 23.74 -19.69 21.44
C GLY C 176 24.06 -18.93 20.16
N GLU C 177 23.09 -18.78 19.26
CA GLU C 177 23.35 -18.02 18.05
C GLU C 177 22.77 -16.62 18.07
N PHE C 178 21.74 -16.41 18.89
CA PHE C 178 21.13 -15.10 19.09
C PHE C 178 20.91 -14.84 20.58
N ALA C 179 20.97 -13.56 20.98
CA ALA C 179 20.58 -13.11 22.33
C ALA C 179 19.09 -13.33 22.55
N VAL C 180 18.70 -14.37 23.29
CA VAL C 180 17.32 -14.59 23.73
C VAL C 180 17.20 -14.04 25.13
N GLN C 181 16.24 -13.17 25.40
CA GLN C 181 16.02 -12.60 26.73
C GLN C 181 15.96 -13.66 27.84
N ASN C 182 16.72 -13.42 28.91
CA ASN C 182 16.82 -14.30 30.10
C ASN C 182 17.82 -15.43 30.02
N TYR C 183 18.12 -15.91 28.82
CA TYR C 183 18.93 -17.12 28.66
C TYR C 183 20.35 -16.78 29.08
N ASN C 184 20.69 -15.51 28.90
CA ASN C 184 21.86 -14.86 29.47
C ASN C 184 23.12 -15.72 29.45
N VAL C 185 23.70 -15.97 30.63
CA VAL C 185 24.99 -16.68 30.73
C VAL C 185 24.98 -18.01 29.96
N MET C 186 23.82 -18.66 29.86
CA MET C 186 23.81 -19.91 29.13
C MET C 186 23.96 -19.78 27.59
N GLY C 187 23.39 -18.74 26.99
CA GLY C 187 23.65 -18.52 25.58
C GLY C 187 25.15 -18.32 25.29
N VAL C 188 25.87 -17.61 26.16
CA VAL C 188 27.30 -17.53 25.96
C VAL C 188 27.95 -18.92 26.13
N ALA C 189 27.52 -19.71 27.09
CA ALA C 189 27.92 -21.09 27.17
C ALA C 189 27.64 -21.84 25.90
N LYS C 190 26.44 -21.64 25.35
CA LYS C 190 26.01 -22.44 24.19
C LYS C 190 26.77 -21.99 22.93
N ALA C 191 27.17 -20.71 22.88
CA ALA C 191 28.00 -20.24 21.77
C ALA C 191 29.33 -20.97 21.82
N SER C 192 29.90 -20.99 23.01
CA SER C 192 31.14 -21.69 23.31
C SER C 192 31.04 -23.15 22.85
N LEU C 193 29.93 -23.80 23.21
CA LEU C 193 29.61 -25.20 22.89
C LEU C 193 29.53 -25.45 21.39
N GLU C 194 28.74 -24.64 20.69
CA GLU C 194 28.61 -24.79 19.26
C GLU C 194 29.97 -24.67 18.55
N ALA C 195 30.83 -23.77 19.01
CA ALA C 195 32.16 -23.59 18.44
C ALA C 195 33.03 -24.82 18.79
N ASN C 196 32.87 -25.30 20.03
CA ASN C 196 33.58 -26.43 20.59
C ASN C 196 33.23 -27.61 19.68
N VAL C 197 31.97 -27.70 19.25
CA VAL C 197 31.58 -28.77 18.31
C VAL C 197 32.33 -28.66 16.98
N LYS C 198 32.48 -27.44 16.47
CA LYS C 198 33.20 -27.19 15.21
C LYS C 198 34.67 -27.57 15.31
N TYR C 199 35.38 -27.06 16.33
CA TYR C 199 36.80 -27.37 16.53
C TYR C 199 37.11 -28.84 16.79
N LEU C 200 36.17 -29.54 17.44
CA LEU C 200 36.30 -30.97 17.65
C LEU C 200 36.13 -31.68 16.32
N ALA C 201 35.11 -31.28 15.56
CA ALA C 201 34.83 -31.88 14.27
C ALA C 201 36.05 -31.84 13.36
N LEU C 202 36.78 -30.73 13.38
CA LEU C 202 37.97 -30.52 12.57
C LEU C 202 39.08 -31.38 13.12
N ASP C 203 39.21 -31.39 14.45
CA ASP C 203 40.34 -32.06 15.08
C ASP C 203 40.20 -33.58 14.98
N LEU C 204 38.97 -34.08 14.98
CA LEU C 204 38.71 -35.51 15.12
C LEU C 204 38.20 -36.14 13.84
N GLY C 205 37.87 -35.30 12.86
CA GLY C 205 37.49 -35.81 11.54
C GLY C 205 38.47 -36.80 10.93
N PRO C 206 39.79 -36.47 10.93
CA PRO C 206 40.74 -37.44 10.36
C PRO C 206 40.69 -38.80 11.04
N ASP C 207 40.08 -38.89 12.22
CA ASP C 207 39.94 -40.18 12.90
C ASP C 207 38.58 -40.78 12.57
N ASN C 208 37.87 -40.12 11.67
CA ASN C 208 36.51 -40.53 11.38
C ASN C 208 35.55 -40.42 12.57
N ILE C 209 35.81 -39.49 13.49
CA ILE C 209 34.81 -39.21 14.51
C ILE C 209 34.05 -37.95 14.12
N ARG C 210 32.75 -38.12 13.85
CA ARG C 210 31.93 -36.96 13.53
C ARG C 210 31.44 -36.30 14.82
N VAL C 211 31.36 -34.97 14.81
CA VAL C 211 30.91 -34.23 15.98
C VAL C 211 29.84 -33.26 15.51
N ASN C 212 28.66 -33.31 16.12
CA ASN C 212 27.57 -32.41 15.76
C ASN C 212 26.76 -31.94 16.97
N ALA C 213 25.92 -30.93 16.71
CA ALA C 213 24.99 -30.38 17.70
C ALA C 213 23.54 -30.55 17.22
N ILE C 214 22.63 -30.78 18.15
CA ILE C 214 21.20 -30.64 17.87
C ILE C 214 20.68 -29.42 18.65
N SER C 215 20.12 -28.44 17.94
CA SER C 215 19.64 -27.23 18.58
C SER C 215 18.18 -27.43 18.85
N ALA C 216 17.83 -27.75 20.09
CA ALA C 216 16.47 -28.23 20.36
C ALA C 216 15.58 -27.04 20.68
N GLY C 217 14.32 -27.07 20.24
CA GLY C 217 13.37 -26.03 20.67
C GLY C 217 13.02 -26.22 22.14
N PRO C 218 12.27 -25.27 22.75
CA PRO C 218 12.02 -25.38 24.20
C PRO C 218 11.12 -26.59 24.56
N ILE C 219 11.44 -27.32 25.63
CA ILE C 219 10.79 -28.55 26.06
C ILE C 219 10.71 -28.55 27.59
N ARG C 220 9.57 -28.90 28.18
CA ARG C 220 9.47 -28.75 29.62
C ARG C 220 10.32 -29.82 30.24
N THR C 221 11.41 -29.40 30.88
CA THR C 221 12.23 -30.30 31.66
C THR C 221 12.60 -29.69 33.00
N LEU C 222 13.32 -30.44 33.83
CA LEU C 222 13.71 -29.95 35.15
C LEU C 222 14.57 -28.70 35.00
N SER C 223 15.60 -28.78 34.18
CA SER C 223 16.43 -27.62 34.02
C SER C 223 15.70 -26.43 33.38
N ALA C 224 14.67 -26.69 32.58
CA ALA C 224 13.91 -25.59 31.97
C ALA C 224 13.23 -24.76 33.04
N LYS C 225 12.96 -25.38 34.19
CA LYS C 225 12.26 -24.71 35.28
C LYS C 225 13.12 -23.61 35.86
N GLY C 226 14.36 -23.50 35.42
CA GLY C 226 15.21 -22.49 36.05
C GLY C 226 15.38 -21.27 35.18
N VAL C 227 14.89 -21.33 33.95
CA VAL C 227 15.06 -20.22 33.01
C VAL C 227 13.86 -19.26 33.08
N GLY C 228 14.09 -17.98 33.38
CA GLY C 228 13.00 -17.02 33.41
C GLY C 228 12.32 -16.97 32.04
N GLY C 229 11.00 -16.88 32.04
CA GLY C 229 10.24 -16.56 30.83
C GLY C 229 10.16 -17.76 29.91
N PHE C 230 10.34 -18.96 30.44
CA PHE C 230 10.30 -20.17 29.60
C PHE C 230 8.90 -20.46 29.03
N ASN C 231 7.86 -20.32 29.85
CA ASN C 231 6.50 -20.54 29.41
C ASN C 231 6.12 -19.58 28.29
N THR C 232 6.45 -18.30 28.44
CA THR C 232 6.05 -17.37 27.41
C THR C 232 6.74 -17.69 26.08
N ILE C 233 7.90 -18.33 26.14
CA ILE C 233 8.59 -18.74 24.91
C ILE C 233 8.00 -20.00 24.26
N LEU C 234 7.50 -20.94 25.06
CA LEU C 234 6.70 -22.05 24.51
C LEU C 234 5.52 -21.59 23.68
N LYS C 235 4.78 -20.66 24.26
CA LYS C 235 3.56 -20.15 23.69
C LYS C 235 3.97 -19.42 22.41
N GLU C 236 5.10 -18.73 22.44
CA GLU C 236 5.47 -17.95 21.26
C GLU C 236 5.84 -18.88 20.10
N ILE C 237 6.44 -20.02 20.43
CA ILE C 237 6.83 -20.97 19.42
C ILE C 237 5.60 -21.47 18.69
N GLU C 238 4.52 -21.72 19.43
CA GLU C 238 3.27 -22.27 18.88
C GLU C 238 2.64 -21.32 17.90
N GLU C 239 2.76 -20.04 18.19
CA GLU C 239 2.12 -19.03 17.41
C GLU C 239 2.97 -18.63 16.21
N ARG C 240 4.31 -18.64 16.35
CA ARG C 240 5.22 -18.04 15.37
CA ARG C 240 5.20 -18.04 15.37
C ARG C 240 6.07 -19.04 14.58
N ALA C 241 6.40 -20.19 15.16
CA ALA C 241 7.25 -21.15 14.45
C ALA C 241 6.47 -21.78 13.30
N PRO C 242 7.13 -22.01 12.16
CA PRO C 242 6.46 -22.59 10.98
C PRO C 242 5.49 -23.78 11.28
N LEU C 243 5.85 -24.72 12.13
CA LEU C 243 4.97 -25.86 12.31
C LEU C 243 3.83 -25.52 13.27
N LYS C 244 3.89 -24.33 13.87
CA LYS C 244 2.89 -23.90 14.82
C LYS C 244 2.69 -24.90 15.94
N ARG C 245 3.77 -25.52 16.41
CA ARG C 245 3.68 -26.40 17.56
C ARG C 245 5.06 -26.50 18.22
N ASN C 246 5.07 -27.06 19.42
CA ASN C 246 6.33 -27.32 20.09
C ASN C 246 6.93 -28.68 19.74
N VAL C 247 8.24 -28.85 19.98
CA VAL C 247 8.85 -30.14 19.72
C VAL C 247 8.84 -30.94 21.01
N ASP C 248 9.15 -32.23 20.92
CA ASP C 248 9.30 -33.04 22.13
C ASP C 248 10.62 -33.80 22.08
N GLN C 249 11.02 -34.28 23.26
CA GLN C 249 12.19 -35.12 23.45
C GLN C 249 12.36 -36.22 22.41
N VAL C 250 11.27 -36.92 22.06
CA VAL C 250 11.34 -38.01 21.06
C VAL C 250 11.75 -37.45 19.67
N GLU C 251 11.41 -36.20 19.42
CA GLU C 251 11.78 -35.60 18.17
C GLU C 251 13.25 -35.23 18.16
N VAL C 252 13.82 -34.85 19.31
CA VAL C 252 15.26 -34.73 19.43
C VAL C 252 15.93 -36.09 19.29
N GLY C 253 15.27 -37.11 19.82
CA GLY C 253 15.72 -38.51 19.73
C GLY C 253 15.86 -39.04 18.32
N LYS C 254 14.80 -38.83 17.53
CA LYS C 254 14.81 -39.20 16.10
C LYS C 254 15.93 -38.53 15.29
N THR C 255 16.16 -37.23 15.49
CA THR C 255 17.32 -36.57 14.88
C THR C 255 18.66 -37.09 15.43
N ALA C 256 18.72 -37.35 16.74
CA ALA C 256 19.89 -37.96 17.34
C ALA C 256 20.19 -39.30 16.67
N ALA C 257 19.19 -40.16 16.52
CA ALA C 257 19.38 -41.43 15.83
C ALA C 257 19.99 -41.25 14.43
N TYR C 258 19.57 -40.22 13.71
CA TYR C 258 20.18 -39.90 12.45
C TYR C 258 21.65 -39.46 12.62
N LEU C 259 21.93 -38.55 13.56
CA LEU C 259 23.28 -38.02 13.65
C LEU C 259 24.25 -39.11 14.12
N LEU C 260 23.74 -40.01 14.97
CA LEU C 260 24.57 -41.05 15.54
C LEU C 260 24.72 -42.26 14.61
N SER C 261 23.87 -42.41 13.59
CA SER C 261 23.96 -43.58 12.71
C SER C 261 24.69 -43.30 11.39
N ASP C 262 24.96 -44.33 10.62
CA ASP C 262 25.56 -44.13 9.30
C ASP C 262 24.71 -43.25 8.37
N LEU C 263 23.45 -42.96 8.69
CA LEU C 263 22.68 -42.13 7.76
C LEU C 263 23.28 -40.74 7.58
N SER C 264 24.09 -40.33 8.55
CA SER C 264 24.57 -38.97 8.56
C SER C 264 26.06 -38.94 8.28
N SER C 265 26.58 -39.91 7.54
N SER C 265 26.59 -39.96 7.64
CA SER C 265 28.03 -40.16 7.47
CA SER C 265 27.96 -39.90 7.17
C SER C 265 28.88 -39.04 6.85
C SER C 265 28.11 -38.80 6.12
N GLY C 266 28.29 -38.22 5.98
N GLY C 266 29.26 -38.13 6.15
CA GLY C 266 28.99 -37.08 5.38
CA GLY C 266 29.42 -36.86 5.46
C GLY C 266 28.84 -35.76 6.14
C GLY C 266 29.07 -35.65 6.30
N VAL C 267 28.23 -35.85 7.32
CA VAL C 267 27.77 -34.70 8.08
C VAL C 267 28.59 -34.55 9.34
N THR C 268 29.34 -33.46 9.49
CA THR C 268 30.07 -33.15 10.73
C THR C 268 30.26 -31.64 10.89
N GLY C 269 30.37 -31.13 12.11
CA GLY C 269 30.55 -29.69 12.31
C GLY C 269 29.24 -28.93 12.15
N GLU C 270 28.14 -29.69 12.15
CA GLU C 270 26.81 -29.21 11.85
C GLU C 270 25.95 -29.05 13.12
N ASN C 271 24.89 -28.26 12.99
CA ASN C 271 23.99 -27.96 14.10
C ASN C 271 22.62 -28.03 13.48
N ILE C 272 21.86 -29.09 13.80
CA ILE C 272 20.53 -29.28 13.21
C ILE C 272 19.48 -28.77 14.19
N HIS C 273 18.68 -27.80 13.79
CA HIS C 273 17.64 -27.27 14.63
C HIS C 273 16.41 -28.18 14.57
N VAL C 274 15.98 -28.69 15.72
CA VAL C 274 14.78 -29.50 15.83
C VAL C 274 13.79 -28.66 16.63
N ASP C 275 13.20 -27.66 15.97
CA ASP C 275 12.58 -26.57 16.71
C ASP C 275 11.39 -26.02 15.94
N SER C 276 10.74 -26.89 15.17
CA SER C 276 9.55 -26.50 14.43
C SER C 276 9.82 -25.39 13.43
N GLY C 277 11.09 -25.12 13.12
CA GLY C 277 11.43 -24.06 12.17
C GLY C 277 11.81 -22.68 12.73
N PHE C 278 11.81 -22.53 14.05
CA PHE C 278 11.78 -21.21 14.66
C PHE C 278 13.09 -20.47 14.32
N HIS C 279 14.17 -21.23 14.18
CA HIS C 279 15.44 -20.64 13.85
C HIS C 279 15.44 -19.92 12.50
N ALA C 280 14.57 -20.35 11.61
CA ALA C 280 14.60 -19.86 10.23
C ALA C 280 13.80 -18.59 10.02
N ILE C 281 13.00 -18.21 11.01
CA ILE C 281 12.15 -17.03 10.94
C ILE C 281 12.62 -15.90 11.86
N LYS C 282 12.13 -14.72 11.58
CA LYS C 282 12.40 -13.59 12.42
C LYS C 282 11.18 -12.68 12.35
N ASN D 29 34.79 13.42 13.92
CA ASN D 29 35.42 14.35 14.92
C ASN D 29 35.11 13.97 16.36
N LEU D 30 36.18 13.68 17.11
CA LEU D 30 36.01 13.04 18.41
C LEU D 30 36.46 13.97 19.53
N GLU D 31 36.39 15.27 19.30
CA GLU D 31 36.81 16.25 20.32
C GLU D 31 35.80 16.20 21.45
N ASN D 32 36.28 16.28 22.68
CA ASN D 32 35.36 16.15 23.81
C ASN D 32 34.67 14.80 23.93
N LYS D 33 35.19 13.78 23.23
CA LYS D 33 34.94 12.39 23.60
C LYS D 33 36.11 11.86 24.44
N THR D 34 35.81 10.91 25.31
CA THR D 34 36.82 10.25 26.11
C THR D 34 36.67 8.75 25.97
N TYR D 35 37.75 8.10 25.53
CA TYR D 35 37.72 6.65 25.38
C TYR D 35 38.82 6.00 26.20
N VAL D 36 38.45 4.87 26.80
CA VAL D 36 39.39 3.99 27.47
C VAL D 36 39.81 2.90 26.49
N ILE D 37 41.13 2.76 26.32
CA ILE D 37 41.65 1.71 25.45
C ILE D 37 42.40 0.68 26.28
N MET D 38 41.92 -0.56 26.22
CA MET D 38 42.51 -1.64 27.02
C MET D 38 43.34 -2.59 26.15
N GLY D 39 44.63 -2.75 26.48
CA GLY D 39 45.43 -3.79 25.86
C GLY D 39 46.49 -3.35 24.86
N ILE D 40 47.02 -2.15 25.00
CA ILE D 40 48.33 -1.82 24.41
C ILE D 40 49.50 -2.53 25.10
N ALA D 41 50.21 -3.32 24.31
CA ALA D 41 51.48 -3.92 24.73
C ALA D 41 52.70 -3.20 24.15
N ASN D 42 52.68 -2.93 22.85
CA ASN D 42 53.79 -2.22 22.22
C ASN D 42 53.34 -1.48 20.97
N LYS D 43 54.27 -0.96 20.15
CA LYS D 43 53.88 -0.24 18.93
C LYS D 43 53.07 -1.09 17.95
N ARG D 44 53.12 -2.41 18.05
CA ARG D 44 52.35 -3.23 17.11
C ARG D 44 50.95 -3.60 17.58
N SER D 45 50.60 -3.31 18.83
CA SER D 45 49.30 -3.75 19.32
C SER D 45 48.14 -3.21 18.49
N ILE D 46 47.14 -4.03 18.17
CA ILE D 46 45.97 -3.50 17.48
C ILE D 46 45.43 -2.29 18.28
N ALA D 47 45.36 -2.41 19.61
CA ALA D 47 44.82 -1.31 20.40
C ALA D 47 45.60 0.02 20.19
N PHE D 48 46.83 -0.04 19.70
CA PHE D 48 47.60 1.20 19.47
C PHE D 48 47.27 1.84 18.12
N GLY D 49 46.99 1.03 17.12
CA GLY D 49 46.31 1.46 15.92
C GLY D 49 45.01 2.21 16.20
N VAL D 50 44.15 1.58 16.99
CA VAL D 50 42.95 2.23 17.48
C VAL D 50 43.34 3.58 18.10
N ALA D 51 44.34 3.58 18.98
CA ALA D 51 44.76 4.82 19.63
C ALA D 51 45.23 5.97 18.71
N LYS D 52 46.13 5.68 17.78
CA LYS D 52 46.53 6.68 16.79
C LYS D 52 45.34 7.23 16.03
N VAL D 53 44.36 6.38 15.66
CA VAL D 53 43.22 6.94 14.93
C VAL D 53 42.38 7.89 15.78
N LEU D 54 42.05 7.46 17.00
CA LEU D 54 41.18 8.23 17.90
C LEU D 54 41.95 9.46 18.34
N ASP D 55 43.26 9.32 18.44
CA ASP D 55 44.05 10.48 18.91
C ASP D 55 44.05 11.56 17.82
N GLN D 56 44.21 11.10 16.57
CA GLN D 56 44.27 11.97 15.42
C GLN D 56 42.94 12.69 15.36
N LEU D 57 41.85 11.96 15.64
CA LEU D 57 40.52 12.56 15.67
C LEU D 57 40.24 13.44 16.91
N GLY D 58 41.24 13.71 17.76
CA GLY D 58 41.09 14.58 18.95
C GLY D 58 40.19 14.09 20.09
N ALA D 59 40.06 12.77 20.22
CA ALA D 59 39.58 12.13 21.45
C ALA D 59 40.55 12.37 22.61
N LYS D 60 40.00 12.48 23.81
CA LYS D 60 40.77 12.18 25.03
C LYS D 60 40.83 10.66 25.24
N LEU D 61 42.01 10.18 25.60
CA LEU D 61 42.25 8.74 25.70
C LEU D 61 42.85 8.40 27.07
N VAL D 62 42.30 7.33 27.63
CA VAL D 62 42.82 6.74 28.85
C VAL D 62 43.30 5.35 28.47
N PHE D 63 44.43 4.92 29.00
CA PHE D 63 44.91 3.59 28.66
C PHE D 63 44.95 2.60 29.83
N THR D 64 44.56 1.35 29.60
CA THR D 64 44.84 0.33 30.61
C THR D 64 45.86 -0.71 30.15
N TYR D 65 46.82 -1.01 31.03
CA TYR D 65 47.81 -2.08 30.83
C TYR D 65 47.70 -3.20 31.87
N ARG D 66 48.22 -4.39 31.55
CA ARG D 66 48.42 -5.43 32.56
C ARG D 66 49.69 -5.30 33.43
N LYS D 67 50.88 -5.26 32.86
CA LYS D 67 52.07 -5.35 33.68
C LYS D 67 52.98 -4.12 33.51
N GLU D 68 53.86 -3.82 34.47
CA GLU D 68 54.65 -2.56 34.42
C GLU D 68 55.50 -2.39 33.17
N ARG D 69 55.65 -3.48 32.41
CA ARG D 69 56.41 -3.50 31.16
C ARG D 69 55.63 -2.80 30.07
N SER D 70 54.34 -3.09 29.97
CA SER D 70 53.53 -2.27 29.09
C SER D 70 53.48 -0.79 29.56
N ARG D 71 53.73 -0.52 30.85
CA ARG D 71 53.51 0.82 31.39
C ARG D 71 54.55 1.76 30.87
N LYS D 72 55.80 1.37 31.10
CA LYS D 72 56.99 2.03 30.56
C LYS D 72 56.92 2.22 29.04
N GLU D 73 56.70 1.09 28.37
CA GLU D 73 56.29 1.02 26.99
C GLU D 73 55.37 2.18 26.62
N LEU D 74 54.34 2.36 27.44
CA LEU D 74 53.20 3.12 27.05
C LEU D 74 53.59 4.55 27.24
N GLU D 75 54.24 4.80 28.37
CA GLU D 75 54.92 6.04 28.67
C GLU D 75 55.61 6.52 27.41
N LYS D 76 56.53 5.71 26.90
CA LYS D 76 57.28 6.00 25.65
C LYS D 76 56.39 6.20 24.41
N LEU D 77 55.47 5.26 24.16
CA LEU D 77 54.55 5.33 23.03
C LEU D 77 53.81 6.65 22.84
N LEU D 78 53.20 7.15 23.90
CA LEU D 78 52.31 8.31 23.79
C LEU D 78 52.98 9.66 23.57
N GLU D 79 54.29 9.69 23.31
CA GLU D 79 54.87 10.93 22.85
C GLU D 79 54.55 11.13 21.38
N GLN D 80 54.15 10.04 20.74
CA GLN D 80 53.79 10.00 19.34
C GLN D 80 52.36 10.51 19.18
N LEU D 81 51.68 10.72 20.30
CA LEU D 81 50.27 11.05 20.25
C LEU D 81 50.07 12.46 20.74
N ASN D 82 48.85 12.96 20.61
CA ASN D 82 48.61 14.34 20.93
C ASN D 82 48.08 14.48 22.34
N GLN D 83 47.83 13.35 22.99
CA GLN D 83 47.40 13.33 24.39
C GLN D 83 48.32 14.17 25.24
N PRO D 84 47.79 15.24 25.86
CA PRO D 84 48.70 16.09 26.65
C PRO D 84 48.78 15.61 28.09
N GLU D 85 48.00 14.59 28.45
CA GLU D 85 48.10 13.95 29.76
C GLU D 85 48.23 12.44 29.61
N ALA D 86 49.20 11.88 30.31
CA ALA D 86 49.35 10.42 30.40
C ALA D 86 48.35 9.85 31.40
N HIS D 87 47.26 9.30 30.88
CA HIS D 87 46.26 8.72 31.75
C HIS D 87 46.37 7.19 31.68
N LEU D 88 47.05 6.58 32.65
CA LEU D 88 47.40 5.18 32.57
C LEU D 88 47.07 4.43 33.87
N TYR D 89 46.37 3.30 33.74
CA TYR D 89 45.84 2.55 34.87
C TYR D 89 46.14 1.09 34.63
N GLN D 90 46.83 0.49 35.59
CA GLN D 90 46.99 -0.94 35.60
C GLN D 90 45.67 -1.67 35.84
N ILE D 91 45.19 -2.49 34.90
CA ILE D 91 44.07 -3.38 35.18
C ILE D 91 44.35 -4.72 34.53
N ASP D 92 44.55 -5.73 35.36
CA ASP D 92 44.49 -7.13 34.93
C ASP D 92 43.05 -7.57 35.02
N VAL D 93 42.45 -7.95 33.89
CA VAL D 93 41.02 -8.22 33.85
C VAL D 93 40.68 -9.54 34.54
N GLN D 94 41.68 -10.16 35.14
CA GLN D 94 41.41 -11.38 35.87
C GLN D 94 40.94 -11.05 37.27
N SER D 95 41.18 -9.82 37.72
CA SER D 95 40.80 -9.45 39.06
C SER D 95 39.60 -8.50 38.97
N ASP D 96 38.43 -8.93 39.46
CA ASP D 96 37.30 -8.01 39.69
C ASP D 96 37.72 -6.70 40.36
N GLU D 97 38.51 -6.83 41.44
CA GLU D 97 38.96 -5.71 42.23
C GLU D 97 39.63 -4.65 41.34
N GLU D 98 40.64 -5.06 40.57
CA GLU D 98 41.37 -4.14 39.71
C GLU D 98 40.46 -3.49 38.64
N VAL D 99 39.59 -4.28 37.99
CA VAL D 99 38.62 -3.73 37.03
C VAL D 99 37.68 -2.73 37.72
N ILE D 100 37.08 -3.14 38.84
CA ILE D 100 36.15 -2.31 39.59
C ILE D 100 36.84 -0.99 40.01
N ASN D 101 37.97 -1.10 40.71
CA ASN D 101 38.73 0.06 41.23
C ASN D 101 39.34 0.93 40.12
N GLY D 102 39.69 0.30 39.00
CA GLY D 102 40.29 0.97 37.86
C GLY D 102 39.32 1.90 37.16
N PHE D 103 38.11 1.40 36.87
CA PHE D 103 37.12 2.28 36.27
C PHE D 103 36.67 3.36 37.28
N GLU D 104 36.65 3.00 38.55
CA GLU D 104 36.34 3.96 39.60
C GLU D 104 37.30 5.14 39.61
N GLN D 105 38.60 4.86 39.48
CA GLN D 105 39.58 5.96 39.40
C GLN D 105 39.46 6.77 38.10
N ILE D 106 39.25 6.09 36.97
CA ILE D 106 39.11 6.73 35.66
C ILE D 106 38.01 7.79 35.78
N GLY D 107 36.97 7.38 36.46
CA GLY D 107 35.82 8.22 36.75
C GLY D 107 36.20 9.43 37.56
N LYS D 108 37.06 9.23 38.56
CA LYS D 108 37.47 10.35 39.37
C LYS D 108 38.52 11.24 38.71
N ASP D 109 39.34 10.70 37.80
CA ASP D 109 40.42 11.53 37.24
C ASP D 109 39.93 12.27 36.01
N VAL D 110 38.93 11.70 35.36
CA VAL D 110 38.69 12.05 33.99
C VAL D 110 37.20 12.26 33.77
N GLY D 111 36.37 11.67 34.60
CA GLY D 111 34.93 11.86 34.50
C GLY D 111 34.27 10.82 33.64
N ASN D 112 33.05 11.11 33.17
CA ASN D 112 32.29 10.21 32.31
C ASN D 112 33.01 9.99 31.00
N ILE D 113 32.89 8.76 30.48
CA ILE D 113 33.53 8.40 29.23
C ILE D 113 32.47 8.09 28.18
N ASP D 114 32.91 8.05 26.93
CA ASP D 114 31.99 7.80 25.84
C ASP D 114 32.08 6.39 25.31
N GLY D 115 33.17 5.70 25.65
CA GLY D 115 33.34 4.33 25.15
C GLY D 115 34.57 3.60 25.70
N VAL D 116 34.65 2.32 25.34
CA VAL D 116 35.76 1.44 25.70
C VAL D 116 36.11 0.58 24.50
N TYR D 117 37.40 0.59 24.18
CA TYR D 117 37.95 -0.37 23.24
C TYR D 117 38.67 -1.49 23.99
N HIS D 118 38.11 -2.68 23.86
CA HIS D 118 38.65 -3.85 24.54
C HIS D 118 39.54 -4.62 23.57
N SER D 119 40.85 -4.64 23.81
CA SER D 119 41.77 -5.35 22.93
C SER D 119 42.55 -6.41 23.70
N ILE D 120 41.84 -7.36 24.32
CA ILE D 120 42.46 -8.19 25.35
C ILE D 120 42.15 -9.67 25.14
N ALA D 121 43.20 -10.48 25.22
CA ALA D 121 42.89 -11.90 25.14
C ALA D 121 44.08 -12.71 25.58
N PHE D 122 43.84 -13.98 25.87
CA PHE D 122 44.92 -14.83 26.34
C PHE D 122 44.58 -16.28 26.20
N ALA D 123 45.61 -17.06 25.84
CA ALA D 123 45.60 -18.52 25.99
C ALA D 123 47.04 -18.97 26.21
N ASN D 124 47.25 -20.12 26.87
CA ASN D 124 48.56 -20.76 26.93
C ASN D 124 49.04 -21.26 25.58
N MET D 125 50.33 -21.07 25.32
CA MET D 125 50.82 -21.43 24.02
C MET D 125 50.60 -22.89 23.64
N GLU D 126 50.68 -23.83 24.58
CA GLU D 126 50.55 -25.25 24.22
C GLU D 126 49.19 -25.55 23.60
N ASP D 127 48.26 -24.66 23.89
CA ASP D 127 46.91 -24.82 23.46
C ASP D 127 46.74 -24.19 22.08
N LEU D 128 47.65 -23.32 21.65
CA LEU D 128 47.48 -22.62 20.35
C LEU D 128 48.09 -23.30 19.13
N ARG D 129 48.02 -24.63 19.15
CA ARG D 129 48.77 -25.51 18.25
C ARG D 129 48.37 -26.92 18.59
N GLY D 130 48.72 -27.87 17.74
CA GLY D 130 48.40 -29.26 18.02
C GLY D 130 46.90 -29.48 18.12
N ARG D 131 46.47 -30.31 19.06
CA ARG D 131 45.15 -30.91 18.98
C ARG D 131 44.25 -30.19 19.98
N PHE D 132 43.14 -29.67 19.46
CA PHE D 132 42.17 -28.99 20.30
C PHE D 132 41.58 -29.94 21.36
N SER D 133 41.35 -31.20 21.00
CA SER D 133 40.71 -32.14 21.91
C SER D 133 41.57 -32.39 23.16
N GLU D 134 42.79 -31.87 23.14
CA GLU D 134 43.79 -32.15 24.16
C GLU D 134 43.93 -30.97 25.13
N THR D 135 43.24 -29.88 24.84
CA THR D 135 43.13 -28.71 25.71
C THR D 135 42.79 -29.02 27.19
N SER D 136 43.57 -28.48 28.13
CA SER D 136 43.26 -28.69 29.54
C SER D 136 42.07 -27.85 30.01
N ARG D 137 41.35 -28.34 31.01
CA ARG D 137 40.28 -27.56 31.60
C ARG D 137 40.78 -26.16 32.00
N GLU D 138 41.96 -26.14 32.62
CA GLU D 138 42.53 -24.90 33.13
CA GLU D 138 42.50 -24.89 33.14
C GLU D 138 42.80 -23.93 31.98
N GLY D 139 43.38 -24.43 30.90
CA GLY D 139 43.68 -23.56 29.76
C GLY D 139 42.43 -23.07 29.07
N PHE D 140 41.43 -23.94 28.99
CA PHE D 140 40.20 -23.55 28.38
C PHE D 140 39.51 -22.47 29.22
N LEU D 141 39.45 -22.67 30.54
CA LEU D 141 38.82 -21.68 31.39
C LEU D 141 39.61 -20.35 31.43
N LEU D 142 40.94 -20.43 31.35
CA LEU D 142 41.77 -19.22 31.41
C LEU D 142 41.44 -18.33 30.20
N ALA D 143 41.19 -18.96 29.06
CA ALA D 143 41.02 -18.21 27.84
C ALA D 143 39.64 -17.57 27.82
N GLN D 144 38.62 -18.29 28.28
CA GLN D 144 37.29 -17.73 28.52
C GLN D 144 37.33 -16.50 29.43
N ASP D 145 38.01 -16.65 30.54
CA ASP D 145 38.05 -15.67 31.62
C ASP D 145 38.58 -14.34 31.07
N ILE D 146 39.84 -14.36 30.61
CA ILE D 146 40.51 -13.21 30.04
C ILE D 146 39.92 -12.75 28.71
N SER D 147 39.50 -13.67 27.84
CA SER D 147 39.18 -13.30 26.46
C SER D 147 37.69 -13.01 26.26
N SER D 148 36.86 -13.42 27.21
CA SER D 148 35.43 -13.30 27.04
C SER D 148 34.76 -12.69 28.28
N TYR D 149 34.94 -13.32 29.42
CA TYR D 149 34.25 -12.77 30.59
C TYR D 149 34.72 -11.36 30.89
N SER D 150 36.00 -11.10 30.65
CA SER D 150 36.57 -9.82 31.01
C SER D 150 35.75 -8.68 30.45
N LEU D 151 35.00 -8.94 29.36
CA LEU D 151 34.24 -7.87 28.72
C LEU D 151 32.95 -7.58 29.46
N THR D 152 32.28 -8.62 29.95
CA THR D 152 31.12 -8.48 30.79
C THR D 152 31.46 -7.60 31.98
N ILE D 153 32.52 -7.94 32.72
CA ILE D 153 32.80 -7.16 33.91
C ILE D 153 33.24 -5.74 33.50
N VAL D 154 34.00 -5.61 32.42
CA VAL D 154 34.41 -4.29 31.97
C VAL D 154 33.18 -3.47 31.58
N ALA D 155 32.26 -4.11 30.88
CA ALA D 155 30.98 -3.51 30.52
C ALA D 155 30.13 -3.04 31.72
N HIS D 156 29.92 -3.88 32.73
CA HIS D 156 29.20 -3.48 33.93
C HIS D 156 29.88 -2.30 34.61
N GLU D 157 31.19 -2.27 34.57
CA GLU D 157 31.88 -1.23 35.34
C GLU D 157 31.93 0.07 34.55
N ALA D 158 32.21 -0.05 33.25
CA ALA D 158 32.26 1.07 32.32
C ALA D 158 30.91 1.77 32.23
N LYS D 159 29.82 1.00 32.35
CA LYS D 159 28.49 1.54 32.25
C LYS D 159 28.29 2.65 33.29
N LYS D 160 28.83 2.45 34.48
CA LYS D 160 28.79 3.47 35.52
C LYS D 160 29.30 4.84 35.06
N LEU D 161 30.17 4.91 34.06
CA LEU D 161 30.75 6.20 33.65
C LEU D 161 30.10 6.62 32.35
N MET D 162 29.03 5.93 31.97
CA MET D 162 28.31 6.31 30.76
C MET D 162 26.82 6.50 30.98
N PRO D 163 26.44 7.40 31.91
CA PRO D 163 25.03 7.61 32.22
C PRO D 163 24.21 8.09 31.01
N GLU D 164 24.82 8.73 30.02
CA GLU D 164 24.05 9.08 28.80
C GLU D 164 24.05 8.03 27.68
N GLY D 165 24.75 6.93 27.93
CA GLY D 165 25.03 5.95 26.90
C GLY D 165 26.45 6.06 26.39
N GLY D 166 26.74 5.30 25.35
CA GLY D 166 28.09 5.22 24.86
C GLY D 166 28.34 3.97 24.06
N SER D 167 29.62 3.67 23.87
CA SER D 167 29.96 2.62 22.91
C SER D 167 31.08 1.70 23.39
N ILE D 168 30.87 0.40 23.27
CA ILE D 168 31.87 -0.59 23.63
C ILE D 168 32.19 -1.52 22.46
N VAL D 169 33.48 -1.69 22.25
CA VAL D 169 33.96 -2.49 21.13
C VAL D 169 34.97 -3.54 21.56
N ALA D 170 34.69 -4.79 21.16
CA ALA D 170 35.67 -5.87 21.38
C ALA D 170 36.31 -6.37 20.09
N THR D 171 37.48 -7.00 20.23
CA THR D 171 38.23 -7.43 19.06
C THR D 171 38.18 -8.95 18.96
N THR D 172 37.43 -9.46 17.98
CA THR D 172 37.40 -10.89 17.73
C THR D 172 38.20 -11.33 16.47
N TYR D 173 38.18 -12.63 16.22
CA TYR D 173 38.82 -13.16 15.02
C TYR D 173 37.84 -14.17 14.40
N LEU D 174 37.91 -14.33 13.08
CA LEU D 174 37.06 -15.26 12.33
C LEU D 174 37.01 -16.67 12.90
N GLY D 175 38.09 -17.08 13.56
CA GLY D 175 38.15 -18.40 14.16
C GLY D 175 37.17 -18.56 15.31
N GLY D 176 36.46 -17.50 15.70
CA GLY D 176 35.33 -17.68 16.61
C GLY D 176 34.02 -18.06 15.90
N GLU D 177 33.98 -17.90 14.57
CA GLU D 177 32.85 -18.33 13.72
C GLU D 177 33.06 -19.63 12.96
N PHE D 178 34.29 -19.97 12.61
CA PHE D 178 34.58 -21.21 11.89
C PHE D 178 35.75 -21.79 12.60
N ALA D 179 35.91 -23.10 12.54
CA ALA D 179 37.13 -23.75 13.03
C ALA D 179 38.34 -23.48 12.10
N VAL D 180 39.33 -22.78 12.66
CA VAL D 180 40.57 -22.49 11.98
C VAL D 180 41.68 -23.25 12.68
N GLN D 181 42.31 -24.16 11.94
CA GLN D 181 43.45 -24.98 12.33
C GLN D 181 44.43 -24.19 13.18
N ASN D 182 44.72 -24.66 14.40
CA ASN D 182 45.66 -23.99 15.31
C ASN D 182 45.07 -22.97 16.29
N TYR D 183 44.01 -22.27 15.91
CA TYR D 183 43.43 -21.25 16.78
C TYR D 183 42.67 -21.86 17.97
N ASN D 184 42.19 -23.09 17.81
CA ASN D 184 41.85 -23.96 18.92
C ASN D 184 41.07 -23.31 20.08
N VAL D 185 41.64 -23.35 21.28
CA VAL D 185 40.97 -22.82 22.45
C VAL D 185 40.58 -21.34 22.25
N MET D 186 41.33 -20.62 21.44
CA MET D 186 41.06 -19.21 21.33
C MET D 186 39.83 -19.02 20.42
N GLY D 187 39.60 -19.96 19.51
CA GLY D 187 38.39 -19.92 18.74
C GLY D 187 37.16 -20.10 19.61
N VAL D 188 37.19 -21.01 20.58
CA VAL D 188 36.02 -21.20 21.43
C VAL D 188 35.88 -19.95 22.33
N ALA D 189 36.99 -19.41 22.83
CA ALA D 189 36.92 -18.15 23.56
C ALA D 189 36.35 -16.99 22.71
N LYS D 190 36.77 -16.80 21.47
CA LYS D 190 36.15 -15.77 20.65
C LYS D 190 34.68 -16.05 20.30
N ALA D 191 34.30 -17.30 20.03
CA ALA D 191 32.87 -17.57 19.85
C ALA D 191 32.04 -17.16 21.08
N SER D 192 32.59 -17.47 22.25
CA SER D 192 32.08 -16.93 23.50
C SER D 192 32.04 -15.39 23.60
N LEU D 193 33.08 -14.73 23.13
CA LEU D 193 33.11 -13.25 23.11
C LEU D 193 32.02 -12.72 22.18
N GLU D 194 31.92 -13.32 21.02
CA GLU D 194 30.92 -12.88 20.07
C GLU D 194 29.48 -13.07 20.55
N ALA D 195 29.17 -14.09 21.35
CA ALA D 195 27.85 -14.08 21.96
C ALA D 195 27.75 -13.13 23.17
N ASN D 196 28.84 -12.97 23.94
CA ASN D 196 28.92 -11.97 24.98
C ASN D 196 28.50 -10.58 24.49
N VAL D 197 29.02 -10.20 23.32
CA VAL D 197 28.61 -9.00 22.62
C VAL D 197 27.11 -8.95 22.33
N LYS D 198 26.55 -9.98 21.70
CA LYS D 198 25.10 -10.02 21.51
C LYS D 198 24.31 -9.80 22.82
N TYR D 199 24.80 -10.38 23.92
CA TYR D 199 24.03 -10.35 25.16
C TYR D 199 24.24 -9.05 25.90
N LEU D 200 25.43 -8.46 25.81
CA LEU D 200 25.56 -7.11 26.32
C LEU D 200 24.78 -6.08 25.47
N ALA D 201 24.72 -6.28 24.15
CA ALA D 201 23.95 -5.40 23.30
C ALA D 201 22.49 -5.39 23.76
N LEU D 202 21.95 -6.58 24.00
CA LEU D 202 20.57 -6.72 24.37
C LEU D 202 20.33 -6.08 25.75
N ASP D 203 21.22 -6.34 26.69
CA ASP D 203 21.08 -5.91 28.09
C ASP D 203 21.32 -4.41 28.19
N LEU D 204 22.38 -3.94 27.58
CA LEU D 204 22.71 -2.52 27.72
C LEU D 204 22.02 -1.63 26.70
N GLY D 205 21.28 -2.21 25.75
CA GLY D 205 20.62 -1.43 24.68
C GLY D 205 19.71 -0.33 25.25
N PRO D 206 18.88 -0.70 26.25
CA PRO D 206 17.95 0.29 26.76
C PRO D 206 18.69 1.41 27.50
N ASP D 207 19.93 1.20 27.92
CA ASP D 207 20.70 2.32 28.52
C ASP D 207 21.48 3.12 27.51
N ASN D 208 21.21 2.84 26.24
CA ASN D 208 21.90 3.49 25.13
C ASN D 208 23.39 3.24 25.09
N ILE D 209 23.76 2.00 25.41
CA ILE D 209 25.17 1.65 25.35
C ILE D 209 25.22 0.60 24.25
N ARG D 210 25.95 0.93 23.19
CA ARG D 210 26.03 -0.01 22.09
C ARG D 210 27.22 -0.93 22.31
N VAL D 211 27.05 -2.19 21.89
CA VAL D 211 28.16 -3.13 22.03
C VAL D 211 28.34 -3.89 20.72
N ASN D 212 29.57 -3.85 20.21
CA ASN D 212 29.91 -4.51 18.96
C ASN D 212 31.32 -5.12 18.98
N ALA D 213 31.63 -5.93 17.96
CA ALA D 213 32.95 -6.55 17.81
C ALA D 213 33.57 -6.07 16.50
N ILE D 214 34.91 -5.92 16.45
CA ILE D 214 35.61 -5.93 15.16
C ILE D 214 36.34 -7.26 14.99
N SER D 215 35.95 -8.03 13.98
CA SER D 215 36.67 -9.26 13.59
C SER D 215 37.85 -8.94 12.68
N ALA D 216 39.03 -8.82 13.27
CA ALA D 216 40.19 -8.33 12.53
C ALA D 216 40.82 -9.47 11.79
N GLY D 217 41.31 -9.22 10.59
CA GLY D 217 42.09 -10.23 9.87
C GLY D 217 43.48 -10.33 10.51
N PRO D 218 44.34 -11.23 9.98
CA PRO D 218 45.66 -11.48 10.58
C PRO D 218 46.59 -10.27 10.58
N ILE D 219 47.19 -9.98 11.73
CA ILE D 219 48.11 -8.84 11.91
C ILE D 219 49.32 -9.24 12.75
N ARG D 220 50.54 -8.98 12.25
CA ARG D 220 51.75 -9.22 13.04
C ARG D 220 51.83 -8.42 14.37
N THR D 221 51.50 -9.08 15.47
CA THR D 221 51.60 -8.53 16.82
C THR D 221 52.35 -9.51 17.72
N LEU D 222 52.84 -9.02 18.86
CA LEU D 222 53.34 -9.85 19.97
C LEU D 222 52.44 -11.05 20.30
N SER D 223 51.15 -10.86 20.47
CA SER D 223 50.35 -12.05 20.73
C SER D 223 50.26 -12.98 19.53
N ALA D 224 50.22 -12.42 18.33
CA ALA D 224 50.19 -13.21 17.09
C ALA D 224 51.32 -14.25 17.00
N LYS D 225 52.45 -14.01 17.66
CA LYS D 225 53.60 -14.89 17.54
C LYS D 225 53.33 -16.22 18.21
N GLY D 226 52.50 -16.22 19.25
CA GLY D 226 52.16 -17.46 19.94
C GLY D 226 51.14 -18.37 19.25
N VAL D 227 50.60 -17.96 18.10
CA VAL D 227 49.62 -18.81 17.39
C VAL D 227 50.31 -19.64 16.32
N GLY D 228 50.11 -20.95 16.36
CA GLY D 228 50.76 -21.79 15.36
C GLY D 228 50.34 -21.35 13.96
N GLY D 229 51.27 -21.36 13.01
CA GLY D 229 50.96 -21.14 11.60
C GLY D 229 50.38 -19.78 11.25
N PHE D 230 50.53 -18.81 12.17
CA PHE D 230 50.20 -17.42 11.89
C PHE D 230 50.69 -16.98 10.51
N ASN D 231 51.92 -17.35 10.16
CA ASN D 231 52.51 -16.84 8.93
C ASN D 231 51.84 -17.37 7.69
N THR D 232 51.47 -18.64 7.73
CA THR D 232 50.82 -19.28 6.61
C THR D 232 49.47 -18.65 6.36
N ILE D 233 48.72 -18.34 7.43
CA ILE D 233 47.42 -17.71 7.29
C ILE D 233 47.63 -16.34 6.63
N LEU D 234 48.69 -15.66 7.04
CA LEU D 234 49.00 -14.30 6.60
C LEU D 234 49.17 -14.25 5.08
N LYS D 235 49.88 -15.21 4.52
CA LYS D 235 50.08 -15.30 3.08
C LYS D 235 48.84 -15.87 2.38
N GLU D 236 48.07 -16.68 3.07
CA GLU D 236 46.80 -17.16 2.52
C GLU D 236 45.81 -15.99 2.29
N ILE D 237 45.74 -15.03 3.21
CA ILE D 237 44.86 -13.89 3.05
C ILE D 237 45.22 -13.10 1.82
N GLU D 238 46.52 -12.96 1.58
CA GLU D 238 47.03 -12.22 0.42
C GLU D 238 46.60 -12.85 -0.88
N GLU D 239 46.60 -14.17 -0.94
CA GLU D 239 46.24 -14.85 -2.18
C GLU D 239 44.74 -14.93 -2.40
N ARG D 240 44.00 -15.05 -1.30
CA ARG D 240 42.63 -15.56 -1.36
C ARG D 240 41.56 -14.52 -1.01
N ALA D 241 41.85 -13.58 -0.12
CA ALA D 241 40.89 -12.51 0.22
C ALA D 241 40.57 -11.58 -0.97
N PRO D 242 39.34 -11.04 -1.00
CA PRO D 242 38.93 -10.24 -2.15
C PRO D 242 39.91 -9.09 -2.40
N LEU D 243 40.39 -8.45 -1.34
CA LEU D 243 41.29 -7.34 -1.61
C LEU D 243 42.70 -7.84 -1.87
N LYS D 244 42.92 -9.14 -1.75
CA LYS D 244 44.24 -9.65 -2.15
C LYS D 244 45.35 -8.94 -1.36
N ARG D 245 45.08 -8.54 -0.12
CA ARG D 245 46.15 -7.91 0.68
C ARG D 245 45.76 -8.06 2.14
N ASN D 246 46.72 -7.92 3.06
CA ASN D 246 46.41 -7.99 4.48
C ASN D 246 45.98 -6.63 5.05
N VAL D 247 45.30 -6.63 6.19
CA VAL D 247 44.93 -5.37 6.84
C VAL D 247 45.98 -4.90 7.87
N ASP D 248 45.92 -3.67 8.37
CA ASP D 248 46.75 -3.32 9.53
C ASP D 248 45.97 -2.73 10.72
N GLN D 249 46.74 -2.35 11.74
CA GLN D 249 46.20 -1.88 13.02
C GLN D 249 45.35 -0.63 12.83
N VAL D 250 45.83 0.24 11.93
CA VAL D 250 45.19 1.52 11.63
C VAL D 250 43.83 1.30 10.96
N GLU D 251 43.72 0.31 10.07
CA GLU D 251 42.43 -0.03 9.46
C GLU D 251 41.41 -0.52 10.48
N VAL D 252 41.84 -1.36 11.43
CA VAL D 252 41.03 -1.68 12.61
C VAL D 252 40.61 -0.42 13.39
N GLY D 253 41.56 0.45 13.70
CA GLY D 253 41.28 1.69 14.38
C GLY D 253 40.32 2.61 13.67
N LYS D 254 40.36 2.65 12.34
CA LYS D 254 39.37 3.42 11.55
C LYS D 254 37.93 2.91 11.71
N THR D 255 37.75 1.59 11.62
CA THR D 255 36.47 0.99 11.94
C THR D 255 36.11 1.12 13.42
N ALA D 256 37.11 1.05 14.30
CA ALA D 256 36.91 1.32 15.73
C ALA D 256 36.31 2.71 15.94
N ALA D 257 36.86 3.66 15.19
CA ALA D 257 36.42 5.04 15.27
C ALA D 257 34.95 5.16 14.84
N TYR D 258 34.57 4.45 13.77
CA TYR D 258 33.16 4.43 13.36
C TYR D 258 32.28 3.84 14.47
N LEU D 259 32.65 2.66 14.94
CA LEU D 259 31.83 1.99 15.95
C LEU D 259 31.75 2.78 17.27
N LEU D 260 32.76 3.57 17.57
CA LEU D 260 32.79 4.28 18.86
C LEU D 260 32.06 5.63 18.78
N SER D 261 31.71 6.05 17.58
CA SER D 261 31.18 7.38 17.40
C SER D 261 29.72 7.29 17.02
N ASP D 262 29.15 8.47 16.84
CA ASP D 262 27.76 8.59 16.48
C ASP D 262 27.51 8.13 15.03
N LEU D 263 28.55 7.94 14.23
CA LEU D 263 28.33 7.40 12.90
C LEU D 263 27.61 6.06 12.99
N SER D 264 27.85 5.29 14.04
CA SER D 264 27.21 3.99 14.10
C SER D 264 26.04 3.94 15.06
N SER D 265 25.40 5.08 15.29
N SER D 265 25.32 5.05 15.21
CA SER D 265 24.11 5.03 15.98
CA SER D 265 24.33 5.18 16.28
C SER D 265 23.22 4.06 15.19
C SER D 265 23.25 4.10 16.30
N GLY D 266 22.48 3.24 15.93
N GLY D 266 23.00 3.44 15.17
CA GLY D 266 21.64 2.24 15.29
CA GLY D 266 21.90 2.48 15.07
C GLY D 266 22.31 0.90 15.09
C GLY D 266 22.34 1.04 15.02
N VAL D 267 23.64 0.83 15.24
CA VAL D 267 24.32 -0.44 15.08
C VAL D 267 24.71 -0.99 16.45
N THR D 268 24.20 -2.17 16.78
CA THR D 268 24.60 -2.78 18.03
C THR D 268 24.47 -4.30 17.87
N GLY D 269 25.26 -5.04 18.65
CA GLY D 269 25.20 -6.50 18.56
C GLY D 269 25.79 -6.95 17.23
N GLU D 270 26.58 -6.04 16.62
CA GLU D 270 27.19 -6.28 15.33
C GLU D 270 28.64 -6.75 15.40
N ASN D 271 29.04 -7.52 14.39
CA ASN D 271 30.44 -7.99 14.22
C ASN D 271 30.97 -7.48 12.85
N ILE D 272 31.83 -6.47 12.81
CA ILE D 272 32.34 -6.00 11.52
C ILE D 272 33.68 -6.62 11.17
N HIS D 273 33.73 -7.37 10.07
CA HIS D 273 34.97 -8.01 9.63
C HIS D 273 35.90 -7.01 8.96
N VAL D 274 37.02 -6.71 9.58
CA VAL D 274 38.00 -5.86 8.93
C VAL D 274 39.12 -6.80 8.47
N ASP D 275 38.88 -7.48 7.34
CA ASP D 275 39.65 -8.67 6.98
C ASP D 275 39.84 -8.82 5.46
N SER D 276 39.91 -7.67 4.78
CA SER D 276 40.07 -7.71 3.33
C SER D 276 39.03 -8.59 2.64
N GLY D 277 37.90 -8.85 3.31
CA GLY D 277 36.77 -9.64 2.73
C GLY D 277 36.82 -11.15 2.91
N PHE D 278 37.84 -11.62 3.62
CA PHE D 278 38.04 -13.07 3.71
C PHE D 278 36.82 -13.81 4.27
N HIS D 279 36.12 -13.22 5.22
CA HIS D 279 35.02 -13.92 5.89
C HIS D 279 33.93 -14.24 4.90
N ALA D 280 33.92 -13.54 3.76
CA ALA D 280 32.79 -13.62 2.85
C ALA D 280 33.00 -14.72 1.81
N ILE D 281 34.21 -15.27 1.79
CA ILE D 281 34.56 -16.25 0.78
C ILE D 281 34.83 -17.61 1.38
N LYS D 282 34.88 -18.59 0.51
CA LYS D 282 35.12 -19.95 0.94
C LYS D 282 35.76 -20.69 -0.24
N VAL E 28 -35.23 -11.64 -11.89
CA VAL E 28 -33.81 -11.63 -12.37
C VAL E 28 -33.21 -13.06 -12.51
N ASN E 29 -33.61 -13.83 -13.51
CA ASN E 29 -32.85 -15.05 -13.84
C ASN E 29 -31.99 -14.92 -15.10
N LEU E 30 -30.72 -15.31 -15.00
CA LEU E 30 -29.74 -14.99 -16.05
C LEU E 30 -29.26 -16.17 -16.91
N GLU E 31 -29.98 -17.28 -16.85
CA GLU E 31 -29.55 -18.46 -17.58
C GLU E 31 -29.63 -18.15 -19.05
N ASN E 32 -28.68 -18.66 -19.82
CA ASN E 32 -28.57 -18.28 -21.22
C ASN E 32 -28.18 -16.83 -21.47
N LYS E 33 -27.70 -16.18 -20.42
CA LYS E 33 -26.89 -14.98 -20.56
C LYS E 33 -25.37 -15.23 -20.42
N THR E 34 -24.58 -14.47 -21.17
CA THR E 34 -23.14 -14.51 -21.06
C THR E 34 -22.60 -13.11 -20.79
N TYR E 35 -21.82 -12.97 -19.71
CA TYR E 35 -21.18 -11.70 -19.39
C TYR E 35 -19.67 -11.83 -19.28
N VAL E 36 -18.95 -10.80 -19.70
CA VAL E 36 -17.53 -10.74 -19.53
C VAL E 36 -17.19 -9.86 -18.30
N ILE E 37 -16.40 -10.42 -17.38
CA ILE E 37 -16.03 -9.71 -16.17
C ILE E 37 -14.55 -9.38 -16.25
N MET E 38 -14.22 -8.10 -16.14
CA MET E 38 -12.84 -7.65 -16.25
C MET E 38 -12.31 -7.13 -14.92
N GLY E 39 -11.23 -7.75 -14.43
CA GLY E 39 -10.45 -7.19 -13.34
C GLY E 39 -10.62 -7.91 -12.01
N ILE E 40 -10.91 -9.21 -12.00
CA ILE E 40 -10.65 -10.00 -10.81
C ILE E 40 -9.14 -10.21 -10.60
N ALA E 41 -8.58 -9.76 -9.48
CA ALA E 41 -7.21 -10.09 -9.09
C ALA E 41 -7.18 -11.22 -8.07
N ASN E 42 -8.16 -11.26 -7.17
CA ASN E 42 -8.22 -12.21 -6.06
C ASN E 42 -9.62 -12.21 -5.44
N LYS E 43 -9.77 -12.92 -4.33
CA LYS E 43 -11.11 -13.20 -3.81
C LYS E 43 -11.76 -11.94 -3.24
N ARG E 44 -10.97 -10.90 -2.99
CA ARG E 44 -11.45 -9.67 -2.38
CA ARG E 44 -11.53 -9.71 -2.38
C ARG E 44 -11.91 -8.70 -3.46
N SER E 45 -11.52 -8.96 -4.71
CA SER E 45 -11.90 -8.08 -5.80
C SER E 45 -13.40 -7.82 -5.91
N ILE E 46 -13.73 -6.57 -6.23
CA ILE E 46 -15.15 -6.20 -6.43
C ILE E 46 -15.77 -7.11 -7.50
N ALA E 47 -15.04 -7.29 -8.61
CA ALA E 47 -15.52 -8.10 -9.74
C ALA E 47 -15.81 -9.55 -9.33
N PHE E 48 -15.16 -10.03 -8.27
CA PHE E 48 -15.49 -11.36 -7.80
C PHE E 48 -16.81 -11.40 -7.04
N GLY E 49 -17.13 -10.34 -6.30
CA GLY E 49 -18.48 -10.08 -5.82
C GLY E 49 -19.49 -10.13 -6.95
N VAL E 50 -19.23 -9.39 -8.02
CA VAL E 50 -20.03 -9.47 -9.25
C VAL E 50 -20.15 -10.91 -9.79
N ALA E 51 -19.02 -11.59 -9.96
CA ALA E 51 -19.08 -12.96 -10.47
C ALA E 51 -19.96 -13.89 -9.61
N LYS E 52 -19.79 -13.88 -8.29
CA LYS E 52 -20.58 -14.77 -7.43
C LYS E 52 -22.05 -14.54 -7.63
N VAL E 53 -22.44 -13.28 -7.72
CA VAL E 53 -23.85 -12.99 -7.92
C VAL E 53 -24.32 -13.49 -9.30
N LEU E 54 -23.62 -13.09 -10.35
CA LEU E 54 -24.02 -13.51 -11.70
C LEU E 54 -24.08 -15.03 -11.83
N ASP E 55 -23.09 -15.71 -11.26
CA ASP E 55 -23.01 -17.16 -11.36
C ASP E 55 -24.19 -17.75 -10.59
N GLN E 56 -24.46 -17.19 -9.42
CA GLN E 56 -25.54 -17.67 -8.57
C GLN E 56 -26.85 -17.51 -9.33
N LEU E 57 -26.93 -16.51 -10.22
CA LEU E 57 -28.15 -16.31 -11.00
C LEU E 57 -28.22 -17.06 -12.34
N GLY E 58 -27.19 -17.86 -12.64
CA GLY E 58 -27.25 -18.78 -13.77
C GLY E 58 -26.48 -18.33 -15.01
N ALA E 59 -25.82 -17.18 -14.95
CA ALA E 59 -25.08 -16.63 -16.09
C ALA E 59 -23.89 -17.51 -16.47
N LYS E 60 -23.57 -17.57 -17.76
CA LYS E 60 -22.27 -18.07 -18.21
C LYS E 60 -21.31 -16.89 -18.09
N LEU E 61 -20.10 -17.08 -17.56
CA LEU E 61 -19.15 -15.95 -17.34
C LEU E 61 -17.84 -16.15 -18.08
N VAL E 62 -17.32 -15.08 -18.69
CA VAL E 62 -15.97 -15.09 -19.23
C VAL E 62 -15.15 -14.13 -18.35
N PHE E 63 -13.88 -14.42 -18.08
CA PHE E 63 -13.11 -13.47 -17.27
C PHE E 63 -11.86 -13.00 -17.99
N THR E 64 -11.48 -11.76 -17.75
CA THR E 64 -10.22 -11.27 -18.28
C THR E 64 -9.29 -10.78 -17.18
N TYR E 65 -7.97 -10.92 -17.36
CA TYR E 65 -6.99 -10.58 -16.33
C TYR E 65 -5.80 -9.90 -16.97
N ARG E 66 -4.98 -9.22 -16.16
CA ARG E 66 -3.72 -8.73 -16.66
C ARG E 66 -2.53 -9.59 -16.21
N LYS E 67 -2.28 -9.66 -14.91
CA LYS E 67 -1.18 -10.45 -14.38
C LYS E 67 -1.41 -11.97 -14.38
N GLU E 68 -0.30 -12.67 -14.57
CA GLU E 68 -0.15 -14.11 -14.39
CA GLU E 68 -0.29 -14.11 -14.45
C GLU E 68 -0.82 -14.55 -13.08
N ARG E 69 -0.40 -13.91 -12.00
CA ARG E 69 -0.86 -14.18 -10.65
C ARG E 69 -2.39 -14.07 -10.59
N SER E 70 -2.94 -13.10 -11.31
CA SER E 70 -4.39 -12.97 -11.33
C SER E 70 -5.10 -14.15 -12.01
N ARG E 71 -4.56 -14.66 -13.11
CA ARG E 71 -5.16 -15.83 -13.79
C ARG E 71 -5.14 -17.02 -12.84
N LYS E 72 -4.06 -17.18 -12.09
CA LYS E 72 -3.96 -18.29 -11.16
C LYS E 72 -5.02 -18.23 -10.06
N GLU E 73 -5.12 -17.05 -9.43
CA GLU E 73 -6.19 -16.76 -8.49
C GLU E 73 -7.55 -17.07 -9.08
N LEU E 74 -7.76 -16.66 -10.32
CA LEU E 74 -9.02 -16.91 -11.00
C LEU E 74 -9.27 -18.40 -11.15
N GLU E 75 -8.23 -19.15 -11.50
CA GLU E 75 -8.37 -20.57 -11.68
C GLU E 75 -8.87 -21.20 -10.39
N LYS E 76 -8.30 -20.75 -9.28
CA LYS E 76 -8.65 -21.23 -7.96
C LYS E 76 -10.07 -20.78 -7.59
N LEU E 77 -10.39 -19.51 -7.83
CA LEU E 77 -11.70 -18.96 -7.48
C LEU E 77 -12.85 -19.60 -8.24
N LEU E 78 -12.58 -20.05 -9.46
CA LEU E 78 -13.61 -20.71 -10.24
C LEU E 78 -14.20 -21.96 -9.59
N GLU E 79 -13.39 -22.68 -8.79
CA GLU E 79 -13.88 -23.82 -8.03
C GLU E 79 -15.05 -23.50 -7.09
N GLN E 80 -15.21 -22.24 -6.70
CA GLN E 80 -16.37 -21.80 -5.91
C GLN E 80 -17.63 -21.52 -6.75
N LEU E 81 -17.48 -21.47 -8.06
CA LEU E 81 -18.56 -21.02 -8.93
C LEU E 81 -19.17 -22.23 -9.61
N ASN E 82 -20.34 -22.07 -10.19
CA ASN E 82 -20.95 -23.16 -10.93
C ASN E 82 -20.51 -23.14 -12.37
N GLN E 83 -19.54 -22.32 -12.75
CA GLN E 83 -19.15 -22.25 -14.15
C GLN E 83 -18.57 -23.59 -14.56
N PRO E 84 -19.27 -24.37 -15.43
CA PRO E 84 -18.81 -25.68 -15.94
C PRO E 84 -17.50 -25.64 -16.74
N GLU E 85 -17.27 -24.59 -17.55
CA GLU E 85 -15.94 -24.35 -18.11
C GLU E 85 -15.29 -23.07 -17.62
N ALA E 86 -13.97 -23.03 -17.71
CA ALA E 86 -13.20 -21.81 -17.48
C ALA E 86 -12.88 -21.05 -18.78
N HIS E 87 -13.45 -19.86 -18.95
CA HIS E 87 -13.07 -18.98 -20.05
C HIS E 87 -12.20 -17.80 -19.57
N LEU E 88 -10.89 -17.94 -19.63
CA LEU E 88 -9.96 -16.92 -19.14
C LEU E 88 -9.14 -16.25 -20.25
N TYR E 89 -9.06 -14.91 -20.24
CA TYR E 89 -8.34 -14.19 -21.28
C TYR E 89 -7.42 -13.15 -20.69
N GLN E 90 -6.17 -13.15 -21.15
CA GLN E 90 -5.27 -12.11 -20.68
C GLN E 90 -5.50 -10.85 -21.47
N ILE E 91 -5.98 -9.81 -20.80
CA ILE E 91 -6.14 -8.55 -21.49
C ILE E 91 -5.62 -7.41 -20.62
N ASP E 92 -4.52 -6.85 -21.08
CA ASP E 92 -3.99 -5.61 -20.52
C ASP E 92 -4.61 -4.45 -21.28
N VAL E 93 -5.46 -3.69 -20.62
CA VAL E 93 -6.19 -2.67 -21.37
C VAL E 93 -5.31 -1.51 -21.83
N GLN E 94 -4.02 -1.49 -21.46
CA GLN E 94 -3.09 -0.54 -22.05
C GLN E 94 -2.82 -0.85 -23.53
N SER E 95 -3.30 -2.00 -24.00
CA SER E 95 -2.98 -2.39 -25.37
C SER E 95 -4.21 -2.64 -26.22
N ASP E 96 -4.29 -1.89 -27.31
CA ASP E 96 -5.44 -2.01 -28.20
C ASP E 96 -5.51 -3.43 -28.76
N GLU E 97 -4.34 -3.91 -29.20
CA GLU E 97 -4.23 -5.24 -29.77
CA GLU E 97 -4.18 -5.25 -29.75
C GLU E 97 -4.75 -6.30 -28.81
N GLU E 98 -4.43 -6.18 -27.54
CA GLU E 98 -4.91 -7.16 -26.57
C GLU E 98 -6.42 -7.11 -26.40
N VAL E 99 -7.02 -5.91 -26.46
CA VAL E 99 -8.45 -5.78 -26.23
C VAL E 99 -9.17 -6.24 -27.48
N ILE E 100 -8.69 -5.78 -28.64
CA ILE E 100 -9.23 -6.20 -29.91
C ILE E 100 -9.17 -7.71 -30.08
N ASN E 101 -7.97 -8.28 -29.92
CA ASN E 101 -7.79 -9.74 -30.07
C ASN E 101 -8.49 -10.55 -28.99
N GLY E 102 -8.48 -10.04 -27.75
CA GLY E 102 -9.18 -10.68 -26.65
C GLY E 102 -10.67 -10.86 -26.89
N PHE E 103 -11.34 -9.74 -27.18
CA PHE E 103 -12.76 -9.78 -27.46
C PHE E 103 -13.06 -10.58 -28.74
N GLU E 104 -12.16 -10.51 -29.72
CA GLU E 104 -12.38 -11.37 -30.86
C GLU E 104 -12.35 -12.84 -30.48
N GLN E 105 -11.36 -13.24 -29.68
CA GLN E 105 -11.28 -14.64 -29.23
C GLN E 105 -12.55 -15.01 -28.47
N ILE E 106 -12.99 -14.14 -27.55
CA ILE E 106 -14.19 -14.43 -26.79
C ILE E 106 -15.38 -14.77 -27.70
N GLY E 107 -15.62 -13.97 -28.73
CA GLY E 107 -16.70 -14.21 -29.66
C GLY E 107 -16.57 -15.54 -30.37
N LYS E 108 -15.34 -15.90 -30.72
CA LYS E 108 -15.12 -17.22 -31.31
C LYS E 108 -15.39 -18.33 -30.29
N ASP E 109 -15.02 -18.16 -29.03
CA ASP E 109 -15.14 -19.27 -28.06
C ASP E 109 -16.52 -19.45 -27.48
N VAL E 110 -17.23 -18.36 -27.21
CA VAL E 110 -18.56 -18.46 -26.58
C VAL E 110 -19.72 -17.83 -27.38
N GLY E 111 -19.42 -17.13 -28.48
CA GLY E 111 -20.48 -16.45 -29.23
C GLY E 111 -20.82 -15.05 -28.74
N ASN E 112 -21.95 -14.53 -29.19
CA ASN E 112 -22.46 -13.26 -28.70
C ASN E 112 -22.63 -13.22 -27.18
N ILE E 113 -22.31 -12.07 -26.59
CA ILE E 113 -22.43 -11.88 -25.16
C ILE E 113 -23.53 -10.88 -24.86
N ASP E 114 -23.95 -10.85 -23.59
CA ASP E 114 -24.97 -9.88 -23.19
C ASP E 114 -24.49 -8.70 -22.35
N GLY E 115 -23.22 -8.67 -21.95
CA GLY E 115 -22.74 -7.48 -21.23
C GLY E 115 -21.33 -7.60 -20.70
N VAL E 116 -20.79 -6.52 -20.15
CA VAL E 116 -19.40 -6.53 -19.67
C VAL E 116 -19.36 -5.80 -18.37
N TYR E 117 -18.63 -6.34 -17.40
CA TYR E 117 -18.51 -5.63 -16.15
C TYR E 117 -17.06 -5.17 -16.10
N HIS E 118 -16.84 -3.86 -15.94
CA HIS E 118 -15.50 -3.30 -15.95
C HIS E 118 -15.10 -2.92 -14.54
N SER E 119 -14.04 -3.59 -14.08
CA SER E 119 -13.63 -3.38 -12.71
C SER E 119 -12.13 -3.10 -12.71
N ILE E 120 -11.71 -2.10 -13.49
CA ILE E 120 -10.27 -1.87 -13.70
C ILE E 120 -9.83 -0.42 -13.43
N ALA E 121 -8.74 -0.25 -12.67
CA ALA E 121 -8.14 1.07 -12.55
C ALA E 121 -6.69 0.95 -12.12
N PHE E 122 -5.91 2.03 -12.27
CA PHE E 122 -4.54 2.03 -11.78
C PHE E 122 -4.01 3.46 -11.57
N ALA E 123 -3.19 3.68 -10.55
CA ALA E 123 -2.35 4.88 -10.52
C ALA E 123 -1.16 4.51 -9.68
N ASN E 124 -0.07 5.28 -9.81
CA ASN E 124 1.10 4.99 -9.03
C ASN E 124 0.81 5.40 -7.61
N MET E 125 1.37 4.62 -6.69
N MET E 125 1.31 4.62 -6.66
CA MET E 125 1.29 4.82 -5.25
CA MET E 125 1.54 5.13 -5.32
C MET E 125 1.45 6.26 -4.79
C MET E 125 2.24 6.47 -5.37
N GLU E 126 2.41 6.99 -5.37
N GLU E 126 3.23 6.58 -6.26
CA GLU E 126 2.69 8.34 -4.89
CA GLU E 126 4.12 7.72 -6.36
C GLU E 126 1.67 9.37 -5.39
C GLU E 126 3.36 9.07 -6.46
N ASP E 127 0.68 8.89 -6.14
N ASP E 127 2.39 9.13 -7.37
CA ASP E 127 -0.38 9.74 -6.67
CA ASP E 127 1.52 10.30 -7.47
C ASP E 127 -1.68 9.52 -5.89
C ASP E 127 0.40 10.28 -6.42
N LEU E 128 -1.60 8.76 -4.77
N LEU E 128 -0.26 9.14 -6.22
CA LEU E 128 -2.75 8.52 -3.90
CA LEU E 128 -1.31 9.01 -5.21
C LEU E 128 -2.59 9.06 -2.46
C LEU E 128 -0.94 9.59 -3.84
N ARG E 129 -1.82 10.13 -2.34
N ARG E 129 0.32 9.44 -3.47
CA ARG E 129 -1.44 10.70 -1.06
CA ARG E 129 0.74 9.79 -2.12
C ARG E 129 -0.72 12.03 -1.24
C ARG E 129 1.58 11.06 -2.08
N GLY E 130 -0.55 12.76 -0.13
N GLY E 130 1.55 11.86 -3.13
CA GLY E 130 0.13 14.04 -0.19
CA GLY E 130 1.97 13.27 -3.08
C GLY E 130 -0.69 14.90 -1.14
C GLY E 130 0.76 14.19 -3.07
N ARG E 131 0.02 15.64 -2.01
N ARG E 131 1.00 15.50 -2.91
CA ARG E 131 -0.48 16.81 -2.72
CA ARG E 131 -0.06 16.54 -3.05
C ARG E 131 -0.72 16.56 -4.21
C ARG E 131 -0.66 16.53 -4.45
N PHE E 132 -1.96 16.78 -4.63
CA PHE E 132 -2.46 16.62 -6.01
C PHE E 132 -1.70 17.55 -7.00
N SER E 133 -1.38 18.75 -6.55
CA SER E 133 -0.75 19.73 -7.41
C SER E 133 0.63 19.25 -7.90
N GLU E 134 1.16 18.18 -7.30
CA GLU E 134 2.50 17.69 -7.70
C GLU E 134 2.45 16.40 -8.55
N THR E 135 1.25 15.97 -8.91
CA THR E 135 1.07 14.89 -9.86
C THR E 135 1.89 15.08 -11.14
N SER E 136 2.69 14.07 -11.48
CA SER E 136 3.45 13.98 -12.72
C SER E 136 2.49 13.83 -13.87
N ARG E 137 2.94 14.31 -15.03
CA ARG E 137 2.26 14.10 -16.29
C ARG E 137 2.10 12.62 -16.62
N GLU E 138 3.14 11.80 -16.40
CA GLU E 138 3.03 10.39 -16.82
C GLU E 138 2.05 9.67 -15.87
N GLY E 139 2.14 9.98 -14.58
CA GLY E 139 1.20 9.48 -13.58
C GLY E 139 -0.24 9.88 -13.85
N PHE E 140 -0.43 11.14 -14.29
CA PHE E 140 -1.76 11.59 -14.62
C PHE E 140 -2.33 10.84 -15.83
N LEU E 141 -1.54 10.75 -16.90
CA LEU E 141 -1.98 10.12 -18.14
C LEU E 141 -2.11 8.61 -17.99
N LEU E 142 -1.17 7.98 -17.27
CA LEU E 142 -1.32 6.57 -16.94
C LEU E 142 -2.69 6.28 -16.28
N ALA E 143 -3.07 7.07 -15.28
CA ALA E 143 -4.35 6.81 -14.62
C ALA E 143 -5.53 6.98 -15.59
N GLN E 144 -5.46 7.99 -16.45
CA GLN E 144 -6.54 8.16 -17.44
C GLN E 144 -6.68 6.96 -18.36
N ASP E 145 -5.54 6.52 -18.89
CA ASP E 145 -5.47 5.47 -19.88
C ASP E 145 -6.14 4.20 -19.34
N ILE E 146 -5.63 3.70 -18.23
CA ILE E 146 -6.11 2.46 -17.69
C ILE E 146 -7.53 2.61 -17.14
N SER E 147 -7.80 3.69 -16.40
CA SER E 147 -9.01 3.75 -15.56
C SER E 147 -10.20 4.36 -16.29
N SER E 148 -9.96 4.99 -17.43
CA SER E 148 -11.05 5.58 -18.17
C SER E 148 -11.06 5.18 -19.62
N TYR E 149 -9.97 5.48 -20.31
CA TYR E 149 -9.93 5.19 -21.74
C TYR E 149 -10.24 3.74 -22.03
N SER E 150 -9.81 2.84 -21.16
CA SER E 150 -10.06 1.43 -21.35
C SER E 150 -11.54 1.09 -21.52
N LEU E 151 -12.43 1.79 -20.81
CA LEU E 151 -13.86 1.58 -21.06
C LEU E 151 -14.29 1.82 -22.51
N THR E 152 -13.76 2.89 -23.08
CA THR E 152 -14.15 3.33 -24.42
C THR E 152 -13.79 2.22 -25.41
N ILE E 153 -12.52 1.81 -25.40
CA ILE E 153 -12.05 0.71 -26.24
C ILE E 153 -12.73 -0.63 -25.96
N VAL E 154 -12.95 -0.98 -24.69
CA VAL E 154 -13.70 -2.22 -24.38
C VAL E 154 -15.12 -2.17 -24.95
N ALA E 155 -15.81 -1.03 -24.78
CA ALA E 155 -17.17 -0.89 -25.29
C ALA E 155 -17.16 -1.05 -26.79
N HIS E 156 -16.23 -0.36 -27.45
CA HIS E 156 -16.07 -0.53 -28.90
C HIS E 156 -16.00 -1.98 -29.34
N GLU E 157 -15.20 -2.80 -28.65
CA GLU E 157 -15.01 -4.20 -29.11
C GLU E 157 -16.14 -5.09 -28.64
N ALA E 158 -16.65 -4.83 -27.44
CA ALA E 158 -17.73 -5.63 -26.87
C ALA E 158 -19.01 -5.46 -27.69
N LYS E 159 -19.24 -4.26 -28.22
CA LYS E 159 -20.32 -3.97 -29.16
C LYS E 159 -20.43 -5.01 -30.26
N LYS E 160 -19.30 -5.44 -30.83
CA LYS E 160 -19.28 -6.38 -31.96
C LYS E 160 -19.95 -7.71 -31.58
N LEU E 161 -19.99 -8.00 -30.29
CA LEU E 161 -20.51 -9.24 -29.72
C LEU E 161 -21.91 -9.00 -29.16
N MET E 162 -22.47 -7.83 -29.44
CA MET E 162 -23.82 -7.53 -28.95
C MET E 162 -24.75 -7.03 -30.03
N PRO E 163 -24.97 -7.84 -31.09
CA PRO E 163 -25.74 -7.31 -32.21
C PRO E 163 -27.16 -6.98 -31.79
N GLU E 164 -27.64 -7.71 -30.79
CA GLU E 164 -28.98 -7.66 -30.27
C GLU E 164 -29.13 -6.60 -29.21
N GLY E 165 -28.06 -5.90 -28.86
CA GLY E 165 -28.06 -5.06 -27.67
C GLY E 165 -27.45 -5.75 -26.46
N GLY E 166 -27.09 -4.98 -25.44
CA GLY E 166 -26.62 -5.52 -24.18
C GLY E 166 -26.41 -4.50 -23.08
N SER E 167 -25.53 -4.79 -22.13
CA SER E 167 -25.33 -3.88 -20.99
C SER E 167 -23.87 -3.78 -20.58
N ILE E 168 -23.36 -2.57 -20.31
CA ILE E 168 -21.97 -2.42 -19.87
C ILE E 168 -21.89 -1.65 -18.54
N VAL E 169 -21.21 -2.19 -17.54
CA VAL E 169 -21.15 -1.48 -16.27
C VAL E 169 -19.70 -1.20 -15.89
N ALA E 170 -19.41 0.01 -15.46
CA ALA E 170 -18.08 0.29 -14.90
C ALA E 170 -18.15 0.69 -13.41
N THR E 171 -17.01 0.61 -12.72
CA THR E 171 -16.98 0.76 -11.29
C THR E 171 -16.34 2.09 -10.96
N THR E 172 -17.09 2.98 -10.32
CA THR E 172 -16.49 4.25 -9.97
C THR E 172 -16.50 4.48 -8.47
N TYR E 173 -15.94 5.63 -8.07
CA TYR E 173 -15.95 5.99 -6.69
C TYR E 173 -16.36 7.45 -6.52
N LEU E 174 -17.22 7.73 -5.52
CA LEU E 174 -17.52 9.11 -5.07
C LEU E 174 -16.43 10.18 -5.29
N GLY E 175 -15.15 9.81 -5.21
CA GLY E 175 -14.07 10.75 -5.49
C GLY E 175 -13.99 11.30 -6.91
N GLY E 176 -14.73 10.71 -7.83
CA GLY E 176 -14.93 11.27 -9.18
C GLY E 176 -15.92 12.42 -9.20
N GLU E 177 -16.72 12.56 -8.15
CA GLU E 177 -17.76 13.57 -8.07
C GLU E 177 -17.36 14.68 -7.14
N PHE E 178 -16.41 14.46 -6.23
CA PHE E 178 -16.02 15.42 -5.18
C PHE E 178 -14.56 15.24 -4.85
N ALA E 179 -13.86 16.28 -4.43
CA ALA E 179 -12.48 16.11 -4.02
C ALA E 179 -12.49 15.38 -2.66
N VAL E 180 -11.94 14.18 -2.64
CA VAL E 180 -11.78 13.42 -1.39
C VAL E 180 -10.29 13.37 -1.07
N GLN E 181 -9.85 13.91 0.07
CA GLN E 181 -8.44 13.90 0.42
C GLN E 181 -7.79 12.59 0.04
N ASN E 182 -6.61 12.68 -0.56
CA ASN E 182 -5.75 11.55 -0.87
C ASN E 182 -6.08 10.77 -2.13
N TYR E 183 -7.33 10.78 -2.55
CA TYR E 183 -7.71 10.07 -3.76
C TYR E 183 -7.15 10.73 -5.04
N ASN E 184 -6.83 12.02 -4.96
CA ASN E 184 -5.93 12.66 -5.90
C ASN E 184 -6.11 12.30 -7.38
N VAL E 185 -5.07 11.78 -8.02
CA VAL E 185 -5.12 11.64 -9.46
C VAL E 185 -6.24 10.66 -9.84
N MET E 186 -6.62 9.75 -8.94
CA MET E 186 -7.72 8.83 -9.27
C MET E 186 -9.09 9.51 -9.31
N GLY E 187 -9.17 10.60 -8.56
CA GLY E 187 -10.43 11.34 -8.47
C GLY E 187 -10.69 11.89 -9.85
N VAL E 188 -9.63 12.45 -10.44
CA VAL E 188 -9.73 13.02 -11.76
C VAL E 188 -9.93 11.95 -12.84
N ALA E 189 -9.47 10.72 -12.63
CA ALA E 189 -9.70 9.66 -13.59
C ALA E 189 -11.11 9.09 -13.48
N LYS E 190 -11.68 9.07 -12.28
CA LYS E 190 -13.07 8.65 -12.12
C LYS E 190 -13.99 9.74 -12.64
N ALA E 191 -13.63 11.01 -12.50
CA ALA E 191 -14.50 12.02 -13.13
C ALA E 191 -14.60 11.71 -14.65
N SER E 192 -13.43 11.44 -15.22
CA SER E 192 -13.31 11.17 -16.64
C SER E 192 -14.08 9.89 -16.98
N LEU E 193 -14.01 8.93 -16.07
CA LEU E 193 -14.67 7.65 -16.34
C LEU E 193 -16.18 7.87 -16.31
N GLU E 194 -16.61 8.68 -15.35
CA GLU E 194 -18.03 8.87 -15.23
C GLU E 194 -18.60 9.56 -16.48
N ALA E 195 -17.91 10.58 -16.99
CA ALA E 195 -18.27 11.18 -18.28
C ALA E 195 -18.21 10.14 -19.41
N ASN E 196 -17.19 9.27 -19.42
CA ASN E 196 -17.04 8.24 -20.44
C ASN E 196 -18.32 7.40 -20.51
N VAL E 197 -18.85 7.01 -19.36
CA VAL E 197 -20.10 6.29 -19.30
C VAL E 197 -21.28 7.02 -19.95
N LYS E 198 -21.38 8.32 -19.69
CA LYS E 198 -22.46 9.15 -20.24
C LYS E 198 -22.36 9.20 -21.77
N TYR E 199 -21.17 9.52 -22.25
CA TYR E 199 -20.92 9.59 -23.70
C TYR E 199 -21.06 8.23 -24.37
N LEU E 200 -20.65 7.16 -23.68
CA LEU E 200 -20.89 5.85 -24.28
C LEU E 200 -22.40 5.54 -24.36
N ALA E 201 -23.14 5.85 -23.31
CA ALA E 201 -24.58 5.64 -23.27
C ALA E 201 -25.25 6.40 -24.43
N LEU E 202 -24.76 7.62 -24.67
CA LEU E 202 -25.40 8.41 -25.69
C LEU E 202 -25.07 7.73 -27.02
N ASP E 203 -23.84 7.30 -27.20
CA ASP E 203 -23.40 6.75 -28.49
C ASP E 203 -24.04 5.38 -28.78
N LEU E 204 -24.12 4.53 -27.76
CA LEU E 204 -24.42 3.11 -28.00
C LEU E 204 -25.88 2.82 -27.75
N GLY E 205 -26.55 3.79 -27.12
CA GLY E 205 -27.99 3.77 -26.96
C GLY E 205 -28.81 3.31 -28.16
N PRO E 206 -28.55 3.88 -29.36
CA PRO E 206 -29.39 3.44 -30.48
C PRO E 206 -29.13 2.01 -30.88
N ASP E 207 -27.98 1.48 -30.48
CA ASP E 207 -27.73 0.06 -30.66
C ASP E 207 -28.31 -0.78 -29.54
N ASN E 208 -29.11 -0.19 -28.65
CA ASN E 208 -29.66 -0.94 -27.54
C ASN E 208 -28.59 -1.48 -26.59
N ILE E 209 -27.51 -0.71 -26.39
CA ILE E 209 -26.48 -1.09 -25.43
C ILE E 209 -26.49 -0.04 -24.35
N ARG E 210 -26.79 -0.48 -23.12
CA ARG E 210 -26.83 0.46 -21.99
C ARG E 210 -25.46 0.56 -21.31
N VAL E 211 -25.13 1.73 -20.75
CA VAL E 211 -23.82 1.86 -20.17
C VAL E 211 -24.05 2.61 -18.88
N ASN E 212 -23.63 2.03 -17.76
CA ASN E 212 -23.95 2.59 -16.44
C ASN E 212 -22.72 2.48 -15.52
N ALA E 213 -22.73 3.13 -14.37
CA ALA E 213 -21.62 3.04 -13.42
C ALA E 213 -22.21 2.56 -12.11
N ILE E 214 -21.42 1.80 -11.34
CA ILE E 214 -21.71 1.64 -9.92
C ILE E 214 -20.65 2.42 -9.16
N SER E 215 -21.10 3.33 -8.30
CA SER E 215 -20.16 4.08 -7.45
C SER E 215 -20.13 3.33 -6.13
N ALA E 216 -19.15 2.45 -5.97
CA ALA E 216 -19.06 1.66 -4.75
C ALA E 216 -18.49 2.48 -3.60
N GLY E 217 -18.98 2.19 -2.39
CA GLY E 217 -18.34 2.70 -1.19
C GLY E 217 -16.99 2.02 -0.94
N PRO E 218 -16.19 2.55 -0.02
CA PRO E 218 -14.92 1.90 0.28
C PRO E 218 -15.01 0.41 0.64
N ILE E 219 -14.14 -0.40 0.04
CA ILE E 219 -14.12 -1.82 0.37
C ILE E 219 -12.68 -2.36 0.36
N ARG E 220 -12.33 -3.11 1.40
CA ARG E 220 -10.96 -3.58 1.49
C ARG E 220 -10.64 -4.53 0.33
N THR E 221 -9.88 -4.03 -0.63
CA THR E 221 -9.36 -4.82 -1.73
C THR E 221 -7.87 -4.58 -1.79
N LEU E 222 -7.21 -5.29 -2.70
CA LEU E 222 -5.78 -5.11 -2.89
C LEU E 222 -5.49 -3.68 -3.36
N SER E 223 -6.22 -3.18 -4.34
CA SER E 223 -5.94 -1.83 -4.80
C SER E 223 -6.19 -0.76 -3.73
N ALA E 224 -7.21 -0.98 -2.90
CA ALA E 224 -7.47 -0.03 -1.82
C ALA E 224 -6.24 0.23 -0.94
N LYS E 225 -5.26 -0.67 -0.96
CA LYS E 225 -4.08 -0.48 -0.12
C LYS E 225 -3.16 0.62 -0.58
N GLY E 226 -3.37 1.09 -1.80
CA GLY E 226 -2.53 2.15 -2.33
C GLY E 226 -3.03 3.54 -2.03
N VAL E 227 -4.25 3.63 -1.49
CA VAL E 227 -4.87 4.91 -1.17
C VAL E 227 -4.59 5.35 0.27
N GLY E 228 -3.81 6.42 0.43
CA GLY E 228 -3.61 7.00 1.75
C GLY E 228 -4.95 7.25 2.45
N GLY E 229 -4.97 6.99 3.75
CA GLY E 229 -6.09 7.35 4.59
C GLY E 229 -7.34 6.50 4.41
N PHE E 230 -7.23 5.34 3.75
CA PHE E 230 -8.36 4.43 3.49
C PHE E 230 -9.05 3.93 4.79
N ASN E 231 -8.30 3.61 5.83
CA ASN E 231 -8.94 3.07 7.01
C ASN E 231 -9.88 4.09 7.63
N THR E 232 -9.38 5.32 7.80
CA THR E 232 -10.18 6.47 8.17
C THR E 232 -11.50 6.62 7.41
N ILE E 233 -11.46 6.62 6.08
CA ILE E 233 -12.68 6.81 5.30
C ILE E 233 -13.69 5.69 5.68
N LEU E 234 -13.21 4.47 5.91
CA LEU E 234 -14.09 3.36 6.27
C LEU E 234 -14.83 3.61 7.59
N LYS E 235 -14.11 4.12 8.58
CA LYS E 235 -14.70 4.30 9.89
C LYS E 235 -15.74 5.41 9.76
N GLU E 236 -15.34 6.45 9.07
CA GLU E 236 -16.23 7.58 8.92
C GLU E 236 -17.53 7.19 8.19
N ILE E 237 -17.49 6.22 7.26
CA ILE E 237 -18.75 5.69 6.70
C ILE E 237 -19.62 5.06 7.78
N GLU E 238 -19.06 4.23 8.67
CA GLU E 238 -19.86 3.62 9.71
C GLU E 238 -20.47 4.65 10.64
N GLU E 239 -19.67 5.66 11.02
CA GLU E 239 -20.16 6.76 11.84
C GLU E 239 -21.18 7.70 11.19
N ARG E 240 -21.11 7.89 9.88
CA ARG E 240 -21.78 9.01 9.22
CA ARG E 240 -21.80 9.02 9.24
C ARG E 240 -22.78 8.61 8.13
N ALA E 241 -22.47 7.64 7.30
CA ALA E 241 -23.46 7.24 6.28
C ALA E 241 -24.81 6.79 6.87
N PRO E 242 -25.92 6.99 6.13
CA PRO E 242 -27.26 6.60 6.55
C PRO E 242 -27.40 5.19 7.14
N LEU E 243 -26.85 4.20 6.45
CA LEU E 243 -27.10 2.85 6.87
C LEU E 243 -26.15 2.53 8.01
N LYS E 244 -25.21 3.43 8.30
CA LYS E 244 -24.27 3.28 9.43
C LYS E 244 -23.42 2.00 9.38
N ARG E 245 -22.88 1.67 8.19
CA ARG E 245 -22.13 0.44 8.02
C ARG E 245 -21.56 0.53 6.61
N ASN E 246 -20.45 -0.16 6.36
CA ASN E 246 -19.84 -0.22 5.07
C ASN E 246 -20.51 -1.24 4.19
N VAL E 247 -20.29 -1.18 2.87
CA VAL E 247 -20.93 -2.16 1.96
C VAL E 247 -19.89 -3.26 1.69
N ASP E 248 -20.27 -4.27 0.91
CA ASP E 248 -19.28 -5.25 0.45
C ASP E 248 -19.43 -5.59 -1.03
N GLN E 249 -18.59 -6.51 -1.52
CA GLN E 249 -18.49 -6.80 -2.95
C GLN E 249 -19.78 -7.44 -3.49
N VAL E 250 -20.44 -8.21 -2.64
CA VAL E 250 -21.65 -8.91 -3.04
C VAL E 250 -22.74 -7.87 -3.25
N GLU E 251 -22.66 -6.75 -2.53
CA GLU E 251 -23.70 -5.76 -2.66
C GLU E 251 -23.50 -4.98 -3.94
N VAL E 252 -22.25 -4.68 -4.28
CA VAL E 252 -21.97 -4.18 -5.62
C VAL E 252 -22.47 -5.21 -6.62
N GLY E 253 -22.22 -6.48 -6.33
CA GLY E 253 -22.62 -7.55 -7.26
C GLY E 253 -24.12 -7.58 -7.55
N LYS E 254 -24.96 -7.47 -6.53
CA LYS E 254 -26.40 -7.50 -6.76
C LYS E 254 -26.89 -6.27 -7.51
N THR E 255 -26.26 -5.10 -7.29
CA THR E 255 -26.58 -3.99 -8.17
C THR E 255 -26.12 -4.17 -9.63
N ALA E 256 -24.94 -4.73 -9.80
CA ALA E 256 -24.49 -5.10 -11.14
C ALA E 256 -25.47 -6.07 -11.80
N ALA E 257 -26.00 -7.02 -11.04
CA ALA E 257 -26.95 -7.95 -11.67
C ALA E 257 -28.15 -7.17 -12.20
N TYR E 258 -28.63 -6.22 -11.40
CA TYR E 258 -29.76 -5.40 -11.84
C TYR E 258 -29.45 -4.70 -13.17
N LEU E 259 -28.33 -3.98 -13.23
CA LEU E 259 -27.91 -3.23 -14.41
C LEU E 259 -27.59 -4.09 -15.64
N LEU E 260 -26.95 -5.23 -15.40
CA LEU E 260 -26.64 -6.13 -16.49
C LEU E 260 -27.90 -6.92 -16.96
N SER E 261 -29.04 -6.79 -16.30
CA SER E 261 -30.19 -7.61 -16.69
C SER E 261 -31.31 -6.76 -17.29
N ASP E 262 -32.40 -7.38 -17.75
CA ASP E 262 -33.51 -6.64 -18.30
C ASP E 262 -34.34 -5.88 -17.26
N LEU E 263 -34.05 -6.11 -15.98
CA LEU E 263 -34.74 -5.39 -14.91
C LEU E 263 -34.50 -3.89 -15.03
N SER E 264 -33.42 -3.55 -15.70
CA SER E 264 -32.95 -2.17 -15.67
C SER E 264 -33.03 -1.65 -17.08
N SER E 265 -33.94 -2.17 -17.88
N SER E 265 -33.99 -2.11 -17.86
CA SER E 265 -34.16 -1.60 -19.19
CA SER E 265 -33.94 -1.92 -19.32
C SER E 265 -34.79 -0.23 -18.96
C SER E 265 -34.11 -0.47 -19.77
N GLY E 266 -34.35 0.74 -19.76
N GLY E 266 -34.54 0.40 -18.85
CA GLY E 266 -34.79 2.10 -19.55
CA GLY E 266 -34.92 1.76 -19.20
C GLY E 266 -33.77 2.87 -18.75
C GLY E 266 -33.87 2.73 -18.71
N VAL E 267 -32.82 2.16 -18.12
CA VAL E 267 -31.79 2.85 -17.35
C VAL E 267 -30.45 2.90 -18.08
N THR E 268 -30.02 4.08 -18.48
CA THR E 268 -28.70 4.18 -19.10
C THR E 268 -28.07 5.55 -18.77
N GLY E 269 -26.74 5.61 -18.82
CA GLY E 269 -25.99 6.81 -18.48
C GLY E 269 -26.11 7.09 -17.00
N GLU E 270 -26.57 6.10 -16.23
CA GLU E 270 -26.80 6.32 -14.81
C GLU E 270 -25.56 5.96 -13.95
N ASN E 271 -25.48 6.55 -12.76
CA ASN E 271 -24.46 6.17 -11.80
C ASN E 271 -25.17 5.72 -10.53
N ILE E 272 -25.14 4.44 -10.14
CA ILE E 272 -25.83 4.01 -8.91
C ILE E 272 -24.89 3.88 -7.72
N HIS E 273 -25.14 4.62 -6.64
CA HIS E 273 -24.25 4.58 -5.50
C HIS E 273 -24.64 3.40 -4.65
N VAL E 274 -23.68 2.49 -4.46
CA VAL E 274 -23.84 1.39 -3.54
C VAL E 274 -22.82 1.71 -2.44
N ASP E 275 -23.23 2.60 -1.54
CA ASP E 275 -22.30 3.19 -0.61
C ASP E 275 -22.99 3.52 0.72
N SER E 276 -24.12 2.83 0.99
CA SER E 276 -24.86 2.92 2.23
C SER E 276 -25.51 4.28 2.42
N GLY E 277 -25.72 4.97 1.30
CA GLY E 277 -26.26 6.33 1.31
C GLY E 277 -25.28 7.47 1.46
N PHE E 278 -23.97 7.20 1.55
CA PHE E 278 -23.00 8.26 1.88
C PHE E 278 -22.95 9.45 0.90
N HIS E 279 -23.25 9.17 -0.38
CA HIS E 279 -23.22 10.14 -1.45
C HIS E 279 -24.26 11.26 -1.20
N ALA E 280 -25.25 10.97 -0.35
CA ALA E 280 -26.44 11.80 -0.22
C ALA E 280 -26.34 12.76 0.95
N ILE E 281 -25.30 12.62 1.76
CA ILE E 281 -25.21 13.44 2.94
C ILE E 281 -23.98 14.30 2.85
N LYS E 282 -23.87 15.21 3.80
CA LYS E 282 -22.79 16.12 3.82
C LYS E 282 -22.76 16.63 5.26
N VAL F 28 -15.06 45.38 -10.01
CA VAL F 28 -13.93 45.42 -9.03
C VAL F 28 -13.06 46.71 -9.04
N ASN F 29 -11.82 46.56 -8.56
CA ASN F 29 -10.64 47.35 -9.01
C ASN F 29 -9.30 46.64 -8.82
N LEU F 30 -8.52 46.53 -9.88
CA LEU F 30 -7.46 45.52 -9.93
C LEU F 30 -6.09 46.16 -10.15
N GLU F 31 -5.90 47.38 -9.69
CA GLU F 31 -4.57 47.99 -9.81
C GLU F 31 -3.58 47.30 -8.89
N ASN F 32 -2.31 47.31 -9.28
CA ASN F 32 -1.30 46.63 -8.46
C ASN F 32 -1.42 45.10 -8.43
N LYS F 33 -2.40 44.58 -9.19
CA LYS F 33 -2.52 43.15 -9.43
C LYS F 33 -1.86 42.72 -10.75
N THR F 34 -1.40 41.47 -10.83
CA THR F 34 -0.79 40.95 -12.04
C THR F 34 -1.36 39.58 -12.32
N TYR F 35 -1.99 39.42 -13.48
CA TYR F 35 -2.51 38.13 -13.89
C TYR F 35 -1.82 37.58 -15.13
N VAL F 36 -1.64 36.26 -15.16
CA VAL F 36 -1.15 35.57 -16.35
C VAL F 36 -2.33 35.04 -17.14
N ILE F 37 -2.39 35.38 -18.42
CA ILE F 37 -3.48 34.83 -19.26
C ILE F 37 -2.97 33.85 -20.32
N MET F 38 -3.48 32.61 -20.29
CA MET F 38 -3.02 31.59 -21.19
C MET F 38 -4.07 31.23 -22.24
N GLY F 39 -3.72 31.36 -23.53
CA GLY F 39 -4.55 30.83 -24.60
C GLY F 39 -5.33 31.82 -25.45
N ILE F 40 -4.79 33.02 -25.60
CA ILE F 40 -5.22 33.89 -26.70
C ILE F 40 -4.56 33.47 -27.99
N ALA F 41 -5.40 33.06 -28.96
CA ALA F 41 -5.00 32.84 -30.36
C ALA F 41 -5.32 34.05 -31.23
N ASN F 42 -6.48 34.68 -30.97
CA ASN F 42 -6.88 35.83 -31.80
C ASN F 42 -7.87 36.72 -31.05
N LYS F 43 -8.49 37.66 -31.77
CA LYS F 43 -9.42 38.61 -31.17
C LYS F 43 -10.68 37.88 -30.68
N ARG F 44 -10.99 36.70 -31.21
CA ARG F 44 -12.22 36.01 -30.82
CA ARG F 44 -12.22 36.01 -30.81
C ARG F 44 -11.98 35.03 -29.66
N SER F 45 -10.72 34.86 -29.24
CA SER F 45 -10.49 33.97 -28.10
C SER F 45 -11.28 34.43 -26.87
N ILE F 46 -11.99 33.50 -26.22
CA ILE F 46 -12.45 33.78 -24.86
C ILE F 46 -11.42 34.51 -24.00
N ALA F 47 -10.16 34.07 -23.97
CA ALA F 47 -9.18 34.71 -23.10
C ALA F 47 -8.88 36.16 -23.46
N PHE F 48 -9.13 36.54 -24.70
CA PHE F 48 -9.09 37.95 -25.04
C PHE F 48 -10.24 38.73 -24.39
N GLY F 49 -11.44 38.16 -24.26
CA GLY F 49 -12.48 38.80 -23.47
C GLY F 49 -12.02 39.02 -22.03
N VAL F 50 -11.44 37.98 -21.43
CA VAL F 50 -10.84 38.14 -20.11
C VAL F 50 -9.81 39.27 -20.10
N ALA F 51 -8.93 39.31 -21.10
CA ALA F 51 -7.88 40.31 -21.11
C ALA F 51 -8.42 41.74 -21.08
N LYS F 52 -9.38 42.02 -21.96
CA LYS F 52 -9.99 43.35 -22.03
C LYS F 52 -10.57 43.78 -20.71
N VAL F 53 -11.30 42.89 -20.06
CA VAL F 53 -11.96 43.23 -18.81
C VAL F 53 -10.88 43.49 -17.76
N LEU F 54 -9.94 42.59 -17.64
CA LEU F 54 -8.91 42.80 -16.62
C LEU F 54 -8.12 44.07 -16.90
N ASP F 55 -7.90 44.36 -18.17
CA ASP F 55 -7.02 45.45 -18.54
C ASP F 55 -7.70 46.75 -18.18
N GLN F 56 -8.99 46.82 -18.51
CA GLN F 56 -9.86 47.93 -18.18
C GLN F 56 -9.91 48.17 -16.66
N LEU F 57 -9.75 47.10 -15.88
CA LEU F 57 -9.89 47.21 -14.45
C LEU F 57 -8.57 47.57 -13.75
N GLY F 58 -7.56 47.92 -14.53
CA GLY F 58 -6.26 48.26 -13.95
C GLY F 58 -5.19 47.19 -13.81
N ALA F 59 -5.49 45.90 -14.04
CA ALA F 59 -4.52 44.79 -13.91
C ALA F 59 -3.32 44.89 -14.85
N LYS F 60 -2.15 44.42 -14.38
CA LYS F 60 -1.01 44.21 -15.26
C LYS F 60 -1.18 42.81 -15.85
N LEU F 61 -1.10 42.67 -17.16
CA LEU F 61 -1.25 41.34 -17.76
C LEU F 61 0.03 40.82 -18.43
N VAL F 62 0.19 39.51 -18.30
CA VAL F 62 1.28 38.72 -18.86
C VAL F 62 0.55 37.67 -19.68
N PHE F 63 1.05 37.39 -20.90
CA PHE F 63 0.32 36.52 -21.82
C PHE F 63 1.18 35.34 -22.28
N THR F 64 0.59 34.15 -22.32
CA THR F 64 1.33 33.03 -22.83
C THR F 64 0.59 32.44 -24.03
N TYR F 65 1.39 31.88 -24.95
CA TYR F 65 0.94 31.41 -26.27
C TYR F 65 1.71 30.18 -26.74
N ARG F 66 1.11 29.41 -27.65
CA ARG F 66 1.84 28.30 -28.31
C ARG F 66 2.43 28.63 -29.71
N LYS F 67 1.60 29.03 -30.67
CA LYS F 67 2.03 29.16 -32.06
C LYS F 67 2.65 30.52 -32.29
N GLU F 68 3.62 30.63 -33.19
CA GLU F 68 4.18 31.94 -33.47
CA GLU F 68 4.17 31.95 -33.47
C GLU F 68 3.09 32.90 -33.94
N ARG F 69 2.08 32.35 -34.61
CA ARG F 69 0.93 33.11 -35.11
C ARG F 69 0.11 33.74 -33.96
N SER F 70 -0.09 32.99 -32.87
CA SER F 70 -0.80 33.53 -31.71
C SER F 70 -0.01 34.70 -31.09
N ARG F 71 1.31 34.61 -31.07
CA ARG F 71 2.13 35.72 -30.59
C ARG F 71 1.95 36.95 -31.50
N LYS F 72 1.95 36.72 -32.80
CA LYS F 72 1.71 37.81 -33.75
C LYS F 72 0.37 38.48 -33.46
N GLU F 73 -0.65 37.69 -33.15
CA GLU F 73 -1.95 38.27 -32.93
C GLU F 73 -1.95 39.07 -31.63
N LEU F 74 -1.39 38.47 -30.57
CA LEU F 74 -1.13 39.14 -29.31
C LEU F 74 -0.45 40.51 -29.46
N GLU F 75 0.67 40.56 -30.18
CA GLU F 75 1.30 41.85 -30.41
C GLU F 75 0.35 42.88 -31.04
N LYS F 76 -0.53 42.46 -31.94
CA LYS F 76 -1.48 43.36 -32.60
C LYS F 76 -2.66 43.69 -31.66
N LEU F 77 -3.10 42.71 -30.88
CA LEU F 77 -4.18 42.95 -29.91
C LEU F 77 -3.80 43.82 -28.71
N LEU F 78 -2.54 43.86 -28.32
CA LEU F 78 -2.10 44.74 -27.25
C LEU F 78 -2.30 46.23 -27.50
N GLU F 79 -2.38 46.63 -28.76
CA GLU F 79 -2.54 48.04 -29.08
C GLU F 79 -3.89 48.57 -28.58
N GLN F 80 -4.91 47.71 -28.60
CA GLN F 80 -6.21 48.02 -28.05
C GLN F 80 -6.26 48.02 -26.52
N LEU F 81 -5.18 47.58 -25.89
CA LEU F 81 -5.16 47.44 -24.44
C LEU F 81 -4.41 48.59 -23.79
N ASN F 82 -4.54 48.68 -22.47
CA ASN F 82 -3.83 49.73 -21.77
C ASN F 82 -2.47 49.33 -21.25
N GLN F 83 -2.08 48.07 -21.38
CA GLN F 83 -0.78 47.62 -20.92
C GLN F 83 0.34 48.50 -21.44
N PRO F 84 1.11 49.10 -20.53
CA PRO F 84 2.28 49.87 -20.94
C PRO F 84 3.36 48.95 -21.51
N GLU F 85 3.37 47.69 -21.10
CA GLU F 85 4.40 46.74 -21.52
C GLU F 85 3.81 45.44 -22.09
N ALA F 86 4.41 44.99 -23.19
CA ALA F 86 4.19 43.65 -23.69
C ALA F 86 4.91 42.63 -22.81
N HIS F 87 4.18 41.74 -22.13
CA HIS F 87 4.81 40.63 -21.43
C HIS F 87 4.34 39.30 -22.04
N LEU F 88 5.10 38.77 -23.00
CA LEU F 88 4.69 37.59 -23.79
C LEU F 88 5.58 36.37 -23.59
N TYR F 89 4.99 35.18 -23.41
CA TYR F 89 5.81 33.97 -23.25
C TYR F 89 5.30 32.76 -24.02
N GLN F 90 6.19 32.08 -24.73
CA GLN F 90 5.76 30.89 -25.44
C GLN F 90 5.72 29.78 -24.41
N ILE F 91 4.55 29.20 -24.24
CA ILE F 91 4.45 28.02 -23.41
C ILE F 91 3.53 27.02 -24.09
N ASP F 92 4.10 25.95 -24.63
CA ASP F 92 3.30 24.79 -25.01
C ASP F 92 3.06 23.97 -23.74
N VAL F 93 1.83 23.95 -23.24
CA VAL F 93 1.56 23.16 -22.04
C VAL F 93 1.80 21.64 -22.16
N GLN F 94 2.20 21.17 -23.34
CA GLN F 94 2.62 19.76 -23.44
C GLN F 94 3.99 19.47 -22.84
N SER F 95 4.76 20.53 -22.60
CA SER F 95 6.16 20.39 -22.20
C SER F 95 6.28 20.91 -20.78
N ASP F 96 6.73 20.04 -19.87
CA ASP F 96 6.85 20.44 -18.48
C ASP F 96 7.90 21.54 -18.44
N GLU F 97 8.94 21.42 -19.27
CA GLU F 97 10.04 22.38 -19.29
C GLU F 97 9.56 23.77 -19.63
N GLU F 98 8.65 23.84 -20.59
CA GLU F 98 8.24 25.16 -21.07
C GLU F 98 7.38 25.84 -20.02
N VAL F 99 6.53 25.07 -19.33
CA VAL F 99 5.71 25.61 -18.25
C VAL F 99 6.58 26.03 -17.09
N ILE F 100 7.56 25.20 -16.74
CA ILE F 100 8.43 25.49 -15.61
C ILE F 100 9.26 26.72 -15.88
N ASN F 101 9.96 26.73 -17.03
CA ASN F 101 10.80 27.86 -17.39
C ASN F 101 9.99 29.11 -17.66
N GLY F 102 8.79 28.96 -18.23
CA GLY F 102 7.95 30.13 -18.50
C GLY F 102 7.58 30.89 -17.24
N PHE F 103 7.02 30.17 -16.28
CA PHE F 103 6.55 30.78 -15.04
C PHE F 103 7.75 31.30 -14.23
N GLU F 104 8.87 30.60 -14.33
CA GLU F 104 10.05 31.12 -13.68
C GLU F 104 10.53 32.45 -14.27
N GLN F 105 10.48 32.57 -15.60
CA GLN F 105 10.93 33.78 -16.25
C GLN F 105 9.89 34.86 -15.99
N ILE F 106 8.64 34.48 -15.84
CA ILE F 106 7.61 35.49 -15.56
C ILE F 106 7.84 36.16 -14.19
N GLY F 107 8.09 35.35 -13.17
CA GLY F 107 8.48 35.87 -11.86
C GLY F 107 9.75 36.69 -11.89
N LYS F 108 10.72 36.29 -12.70
CA LYS F 108 11.92 37.11 -12.84
C LYS F 108 11.60 38.47 -13.42
N ASP F 109 10.63 38.54 -14.33
CA ASP F 109 10.31 39.76 -15.08
C ASP F 109 9.29 40.67 -14.39
N VAL F 110 8.26 40.11 -13.76
CA VAL F 110 7.22 40.95 -13.17
C VAL F 110 7.09 40.75 -11.65
N GLY F 111 7.76 39.75 -11.11
CA GLY F 111 7.62 39.45 -9.69
C GLY F 111 6.45 38.52 -9.40
N ASN F 112 5.92 38.56 -8.19
CA ASN F 112 4.76 37.75 -7.82
C ASN F 112 3.54 38.20 -8.62
N ILE F 113 2.59 37.28 -8.75
CA ILE F 113 1.39 37.51 -9.53
C ILE F 113 0.22 37.19 -8.63
N ASP F 114 -0.96 37.53 -9.12
CA ASP F 114 -2.15 37.38 -8.29
C ASP F 114 -3.06 36.27 -8.77
N GLY F 115 -2.86 35.73 -9.98
CA GLY F 115 -3.75 34.69 -10.49
C GLY F 115 -3.43 34.33 -11.93
N VAL F 116 -4.05 33.26 -12.42
CA VAL F 116 -3.82 32.75 -13.78
C VAL F 116 -5.20 32.47 -14.36
N TYR F 117 -5.44 32.94 -15.60
CA TYR F 117 -6.62 32.51 -16.36
C TYR F 117 -6.16 31.43 -17.33
N HIS F 118 -6.72 30.24 -17.20
CA HIS F 118 -6.35 29.14 -18.07
C HIS F 118 -7.42 29.02 -19.14
N SER F 119 -7.03 29.16 -20.42
CA SER F 119 -8.01 29.12 -21.51
C SER F 119 -7.53 28.24 -22.67
N ILE F 120 -7.23 26.98 -22.35
CA ILE F 120 -6.51 26.07 -23.25
C ILE F 120 -7.19 24.71 -23.27
N ALA F 121 -7.45 24.24 -24.49
CA ALA F 121 -7.84 22.87 -24.70
C ALA F 121 -7.50 22.50 -26.12
N PHE F 122 -7.50 21.20 -26.41
CA PHE F 122 -7.22 20.71 -27.76
C PHE F 122 -7.76 19.30 -27.91
N ALA F 123 -8.28 18.94 -29.07
CA ALA F 123 -8.53 17.55 -29.44
C ALA F 123 -8.44 17.48 -30.95
N ASN F 124 -8.22 16.31 -31.54
CA ASN F 124 -8.22 16.17 -32.99
C ASN F 124 -9.63 16.27 -33.54
N MET F 125 -9.75 16.90 -34.71
N MET F 125 -9.79 16.94 -34.69
CA MET F 125 -10.88 16.67 -35.61
CA MET F 125 -11.06 17.20 -35.37
C MET F 125 -11.23 15.19 -35.76
C MET F 125 -11.99 16.00 -35.31
N GLU F 126 -10.23 14.35 -35.99
N GLU F 126 -11.49 14.88 -35.84
CA GLU F 126 -10.48 12.99 -36.47
CA GLU F 126 -12.31 13.69 -36.07
C GLU F 126 -11.20 12.19 -35.41
C GLU F 126 -12.84 13.21 -34.75
N ASP F 127 -11.01 12.58 -34.15
N ASP F 127 -12.33 13.82 -33.68
CA ASP F 127 -11.66 11.89 -33.05
CA ASP F 127 -12.75 13.46 -32.36
C ASP F 127 -12.98 12.59 -32.68
C ASP F 127 -13.94 14.29 -31.88
N LEU F 128 -13.06 13.90 -32.90
N LEU F 128 -14.48 15.17 -32.73
CA LEU F 128 -14.29 14.63 -32.58
CA LEU F 128 -15.49 16.17 -32.33
C LEU F 128 -15.47 14.24 -33.49
C LEU F 128 -16.78 16.15 -33.15
N ARG F 129 -15.17 13.99 -34.76
N ARG F 129 -17.08 14.97 -33.69
CA ARG F 129 -16.18 13.62 -35.74
CA ARG F 129 -18.24 14.69 -34.52
C ARG F 129 -16.14 12.10 -35.97
C ARG F 129 -18.41 13.16 -34.51
N GLY F 130 -15.97 11.39 -34.85
N GLY F 130 -19.47 12.64 -35.11
CA GLY F 130 -16.21 9.96 -34.76
CA GLY F 130 -19.63 11.20 -35.23
C GLY F 130 -17.43 9.75 -33.88
C GLY F 130 -19.80 10.44 -33.93
N ARG F 131 -17.99 8.53 -33.90
N ARG F 131 -19.12 9.30 -33.83
CA ARG F 131 -18.79 8.06 -32.78
CA ARG F 131 -19.22 8.38 -32.68
C ARG F 131 -17.85 8.15 -31.59
C ARG F 131 -18.03 8.41 -31.70
N PHE F 132 -18.35 8.52 -30.41
CA PHE F 132 -17.41 8.63 -29.33
C PHE F 132 -16.68 7.29 -29.08
N SER F 133 -17.41 6.19 -29.26
CA SER F 133 -16.90 4.83 -29.04
C SER F 133 -15.72 4.50 -29.94
N GLU F 134 -15.48 5.31 -30.97
CA GLU F 134 -14.45 5.02 -31.95
C GLU F 134 -13.22 5.87 -31.68
N THR F 135 -13.22 6.61 -30.57
CA THR F 135 -12.09 7.47 -30.22
C THR F 135 -10.78 6.68 -30.02
N SER F 136 -9.70 7.18 -30.61
CA SER F 136 -8.41 6.51 -30.49
C SER F 136 -7.87 6.81 -29.09
N ARG F 137 -7.07 5.89 -28.57
CA ARG F 137 -6.29 6.11 -27.36
C ARG F 137 -5.39 7.37 -27.43
N GLU F 138 -4.70 7.60 -28.55
CA GLU F 138 -3.75 8.72 -28.60
C GLU F 138 -4.51 10.05 -28.59
N GLY F 139 -5.67 10.08 -29.24
CA GLY F 139 -6.54 11.26 -29.23
C GLY F 139 -7.25 11.49 -27.90
N PHE F 140 -7.71 10.42 -27.24
CA PHE F 140 -8.23 10.54 -25.89
C PHE F 140 -7.19 11.16 -24.97
N LEU F 141 -5.96 10.64 -24.97
CA LEU F 141 -4.93 11.11 -24.02
C LEU F 141 -4.38 12.49 -24.36
N LEU F 142 -4.34 12.82 -25.66
CA LEU F 142 -3.93 14.13 -26.12
C LEU F 142 -4.82 15.23 -25.54
N ALA F 143 -6.12 14.98 -25.68
CA ALA F 143 -7.18 15.81 -25.10
C ALA F 143 -7.03 16.00 -23.59
N GLN F 144 -6.74 14.91 -22.86
CA GLN F 144 -6.58 14.95 -21.41
C GLN F 144 -5.34 15.77 -21.05
N ASP F 145 -4.28 15.51 -21.81
CA ASP F 145 -3.00 16.08 -21.53
C ASP F 145 -3.06 17.61 -21.60
N ILE F 146 -3.63 18.14 -22.69
CA ILE F 146 -3.60 19.57 -22.97
C ILE F 146 -4.73 20.29 -22.27
N SER F 147 -5.87 19.59 -22.22
CA SER F 147 -7.14 20.18 -21.77
C SER F 147 -7.36 20.03 -20.26
N SER F 148 -6.75 19.03 -19.62
CA SER F 148 -6.90 18.87 -18.18
C SER F 148 -5.58 18.87 -17.39
N TYR F 149 -4.63 18.00 -17.75
CA TYR F 149 -3.41 17.91 -16.97
C TYR F 149 -2.75 19.28 -16.89
N SER F 150 -2.79 20.00 -17.99
CA SER F 150 -2.05 21.21 -18.07
C SER F 150 -2.41 22.19 -16.94
N LEU F 151 -3.65 22.16 -16.47
CA LEU F 151 -3.99 23.03 -15.33
C LEU F 151 -3.16 22.67 -14.08
N THR F 152 -2.95 21.37 -13.89
CA THR F 152 -2.31 20.86 -12.68
C THR F 152 -0.88 21.41 -12.61
N ILE F 153 -0.15 21.27 -13.71
CA ILE F 153 1.22 21.78 -13.75
C ILE F 153 1.31 23.30 -13.77
N VAL F 154 0.34 23.93 -14.42
CA VAL F 154 0.36 25.39 -14.40
C VAL F 154 0.17 25.86 -12.95
N ALA F 155 -0.80 25.28 -12.25
CA ALA F 155 -1.11 25.57 -10.84
C ALA F 155 0.10 25.40 -9.96
N HIS F 156 0.84 24.33 -10.24
CA HIS F 156 2.04 24.06 -9.46
C HIS F 156 3.13 25.11 -9.70
N GLU F 157 3.33 25.49 -10.95
CA GLU F 157 4.38 26.48 -11.22
C GLU F 157 3.95 27.88 -10.80
N ALA F 158 2.69 28.24 -11.08
CA ALA F 158 2.18 29.56 -10.73
C ALA F 158 2.18 29.76 -9.23
N LYS F 159 1.79 28.74 -8.49
CA LYS F 159 1.82 28.79 -7.05
C LYS F 159 3.09 29.41 -6.45
N LYS F 160 4.27 29.08 -6.97
CA LYS F 160 5.51 29.72 -6.51
C LYS F 160 5.54 31.24 -6.63
N LEU F 161 4.66 31.81 -7.44
CA LEU F 161 4.63 33.27 -7.64
C LEU F 161 3.45 33.86 -6.88
N MET F 162 2.99 33.15 -5.86
CA MET F 162 1.76 33.52 -5.17
C MET F 162 1.97 33.20 -3.70
N PRO F 163 3.11 33.61 -3.14
CA PRO F 163 3.41 33.32 -1.74
C PRO F 163 2.33 33.70 -0.72
N GLU F 164 1.45 34.66 -1.04
CA GLU F 164 0.30 34.93 -0.17
C GLU F 164 -1.07 34.67 -0.76
N GLY F 165 -1.12 33.94 -1.84
CA GLY F 165 -2.38 33.37 -2.25
C GLY F 165 -2.73 34.00 -3.57
N GLY F 166 -3.91 33.67 -4.07
CA GLY F 166 -4.28 34.20 -5.35
C GLY F 166 -5.31 33.32 -5.97
N SER F 167 -5.51 33.49 -7.26
CA SER F 167 -6.67 32.83 -7.84
C SER F 167 -6.36 32.25 -9.21
N ILE F 168 -7.02 31.11 -9.52
CA ILE F 168 -6.78 30.39 -10.74
C ILE F 168 -8.07 29.90 -11.34
N VAL F 169 -8.27 30.28 -12.59
CA VAL F 169 -9.53 30.03 -13.27
C VAL F 169 -9.22 29.29 -14.55
N ALA F 170 -10.00 28.25 -14.77
CA ALA F 170 -9.96 27.50 -16.01
C ALA F 170 -11.34 27.59 -16.67
N THR F 171 -11.35 27.34 -17.98
CA THR F 171 -12.56 27.45 -18.77
C THR F 171 -13.14 26.09 -19.14
N THR F 172 -14.40 25.82 -18.81
CA THR F 172 -14.91 24.51 -19.18
C THR F 172 -16.19 24.67 -20.00
N TYR F 173 -16.86 23.56 -20.27
CA TYR F 173 -18.09 23.62 -21.03
C TYR F 173 -18.96 22.55 -20.45
N LEU F 174 -20.27 22.77 -20.52
CA LEU F 174 -21.28 21.95 -19.91
C LEU F 174 -21.27 20.51 -20.43
N GLY F 175 -20.59 20.28 -21.56
CA GLY F 175 -20.43 18.92 -22.12
C GLY F 175 -19.53 18.10 -21.21
N GLY F 176 -18.88 18.75 -20.24
CA GLY F 176 -18.22 18.06 -19.13
C GLY F 176 -19.08 17.52 -18.00
N GLU F 177 -20.32 18.00 -17.91
CA GLU F 177 -21.29 17.49 -16.94
C GLU F 177 -22.32 16.57 -17.56
N PHE F 178 -22.60 16.72 -18.85
CA PHE F 178 -23.62 15.94 -19.53
C PHE F 178 -23.08 15.55 -20.86
N ALA F 179 -23.69 14.54 -21.44
CA ALA F 179 -23.27 14.07 -22.72
C ALA F 179 -24.04 14.86 -23.78
N VAL F 180 -23.30 15.60 -24.60
CA VAL F 180 -23.81 16.50 -25.60
C VAL F 180 -23.36 15.90 -26.92
N GLN F 181 -24.29 15.57 -27.82
CA GLN F 181 -23.93 15.08 -29.17
C GLN F 181 -22.77 15.88 -29.77
N ASN F 182 -21.79 15.13 -30.24
CA ASN F 182 -20.65 15.63 -30.99
C ASN F 182 -19.45 16.05 -30.19
N TYR F 183 -19.64 16.44 -28.93
CA TYR F 183 -18.57 17.06 -28.18
C TYR F 183 -17.61 15.96 -27.76
N ASN F 184 -18.16 14.76 -27.64
CA ASN F 184 -17.35 13.53 -27.62
C ASN F 184 -16.10 13.60 -26.73
N VAL F 185 -14.91 13.46 -27.31
CA VAL F 185 -13.71 13.28 -26.46
C VAL F 185 -13.52 14.50 -25.57
N MET F 186 -13.88 15.67 -26.08
CA MET F 186 -13.63 16.88 -25.31
C MET F 186 -14.53 16.96 -24.04
N GLY F 187 -15.63 16.23 -24.07
CA GLY F 187 -16.55 16.16 -22.92
C GLY F 187 -15.92 15.43 -21.75
N VAL F 188 -15.25 14.32 -22.07
CA VAL F 188 -14.55 13.53 -21.07
C VAL F 188 -13.35 14.33 -20.55
N ALA F 189 -12.64 15.04 -21.42
CA ALA F 189 -11.55 15.94 -20.96
C ALA F 189 -12.07 17.07 -20.09
N LYS F 190 -13.26 17.59 -20.36
CA LYS F 190 -13.83 18.64 -19.49
C LYS F 190 -14.25 18.11 -18.10
N ALA F 191 -14.80 16.89 -18.08
CA ALA F 191 -15.18 16.22 -16.83
C ALA F 191 -13.92 16.08 -15.96
N SER F 192 -12.84 15.68 -16.63
CA SER F 192 -11.51 15.56 -16.02
C SER F 192 -11.06 16.92 -15.50
N LEU F 193 -11.27 17.96 -16.31
CA LEU F 193 -10.84 19.31 -15.93
C LEU F 193 -11.63 19.82 -14.72
N GLU F 194 -12.90 19.51 -14.69
CA GLU F 194 -13.72 20.02 -13.62
C GLU F 194 -13.39 19.36 -12.28
N ALA F 195 -12.98 18.10 -12.32
CA ALA F 195 -12.48 17.48 -11.10
C ALA F 195 -11.09 18.03 -10.72
N ASN F 196 -10.28 18.27 -11.72
CA ASN F 196 -8.94 18.83 -11.55
C ASN F 196 -9.06 20.11 -10.72
N VAL F 197 -10.00 20.96 -11.11
CA VAL F 197 -10.32 22.15 -10.33
C VAL F 197 -10.68 21.84 -8.87
N LYS F 198 -11.49 20.81 -8.64
CA LYS F 198 -11.93 20.52 -7.29
C LYS F 198 -10.76 19.98 -6.43
N TYR F 199 -9.95 19.06 -6.99
CA TYR F 199 -8.79 18.53 -6.29
C TYR F 199 -7.71 19.62 -6.08
N LEU F 200 -7.60 20.56 -7.01
CA LEU F 200 -6.58 21.60 -6.90
C LEU F 200 -6.98 22.60 -5.82
N ALA F 201 -8.30 22.84 -5.75
CA ALA F 201 -8.87 23.74 -4.77
C ALA F 201 -8.70 23.19 -3.38
N LEU F 202 -8.97 21.88 -3.24
CA LEU F 202 -8.69 21.20 -1.96
C LEU F 202 -7.22 21.34 -1.59
N ASP F 203 -6.33 21.13 -2.55
CA ASP F 203 -4.88 21.06 -2.27
C ASP F 203 -4.26 22.44 -1.96
N LEU F 204 -4.61 23.46 -2.73
CA LEU F 204 -3.99 24.78 -2.64
C LEU F 204 -4.77 25.68 -1.69
N GLY F 205 -6.01 25.30 -1.37
CA GLY F 205 -6.79 26.01 -0.34
C GLY F 205 -5.98 26.50 0.85
N PRO F 206 -5.17 25.59 1.45
CA PRO F 206 -4.48 26.06 2.65
C PRO F 206 -3.39 27.08 2.32
N ASP F 207 -3.00 27.18 1.06
CA ASP F 207 -2.08 28.19 0.60
C ASP F 207 -2.78 29.49 0.22
N ASN F 208 -4.08 29.58 0.53
CA ASN F 208 -4.89 30.70 0.08
C ASN F 208 -4.95 30.88 -1.45
N ILE F 209 -4.78 29.81 -2.21
CA ILE F 209 -5.02 29.88 -3.61
C ILE F 209 -6.38 29.24 -3.90
N ARG F 210 -7.21 30.02 -4.59
CA ARG F 210 -8.54 29.57 -4.90
C ARG F 210 -8.47 29.01 -6.31
N VAL F 211 -9.27 27.98 -6.57
CA VAL F 211 -9.32 27.44 -7.93
C VAL F 211 -10.75 27.21 -8.32
N ASN F 212 -11.14 27.73 -9.49
CA ASN F 212 -12.52 27.70 -9.99
C ASN F 212 -12.57 27.53 -11.50
N ALA F 213 -13.75 27.18 -12.01
CA ALA F 213 -14.02 26.99 -13.42
C ALA F 213 -15.17 27.91 -13.86
N ILE F 214 -15.08 28.40 -15.09
CA ILE F 214 -16.21 29.05 -15.72
C ILE F 214 -16.69 28.11 -16.82
N SER F 215 -17.97 27.77 -16.76
CA SER F 215 -18.58 26.94 -17.80
C SER F 215 -19.20 27.90 -18.82
N ALA F 216 -18.44 28.23 -19.86
CA ALA F 216 -18.90 29.18 -20.84
C ALA F 216 -19.91 28.52 -21.77
N GLY F 217 -20.93 29.26 -22.17
CA GLY F 217 -21.82 28.80 -23.25
C GLY F 217 -21.05 28.91 -24.56
N PRO F 218 -21.66 28.40 -25.64
CA PRO F 218 -21.03 28.35 -26.96
C PRO F 218 -20.80 29.74 -27.50
N ILE F 219 -19.62 29.92 -28.06
CA ILE F 219 -19.12 31.20 -28.53
C ILE F 219 -18.32 30.92 -29.81
N ARG F 220 -18.54 31.71 -30.84
CA ARG F 220 -17.78 31.54 -32.07
C ARG F 220 -16.28 31.88 -31.88
N THR F 221 -15.44 30.84 -31.79
CA THR F 221 -13.99 31.00 -31.70
C THR F 221 -13.31 30.16 -32.78
N LEU F 222 -12.01 30.32 -33.01
CA LEU F 222 -11.31 29.43 -33.92
C LEU F 222 -11.49 27.94 -33.54
N SER F 223 -11.33 27.60 -32.26
CA SER F 223 -11.43 26.22 -31.85
C SER F 223 -12.84 25.67 -32.02
N ALA F 224 -13.83 26.53 -31.85
CA ALA F 224 -15.20 26.10 -32.05
C ALA F 224 -15.49 25.55 -33.46
N LYS F 225 -14.74 26.02 -34.45
CA LYS F 225 -14.97 25.56 -35.81
C LYS F 225 -14.72 24.06 -35.91
N GLY F 226 -14.03 23.50 -34.94
CA GLY F 226 -13.67 22.09 -35.00
C GLY F 226 -14.73 21.17 -34.45
N VAL F 227 -15.72 21.73 -33.78
CA VAL F 227 -16.75 20.89 -33.17
C VAL F 227 -17.98 20.71 -34.05
N GLY F 228 -18.37 19.47 -34.35
CA GLY F 228 -19.51 19.26 -35.22
C GLY F 228 -20.75 19.84 -34.59
N GLY F 229 -21.65 20.38 -35.39
CA GLY F 229 -22.97 20.79 -34.91
C GLY F 229 -22.96 22.02 -34.03
N PHE F 230 -21.86 22.75 -34.01
CA PHE F 230 -21.78 24.01 -33.26
C PHE F 230 -22.91 25.01 -33.59
N ASN F 231 -23.08 25.34 -34.86
CA ASN F 231 -24.14 26.25 -35.22
C ASN F 231 -25.48 25.82 -34.67
N THR F 232 -25.82 24.54 -34.73
CA THR F 232 -27.18 24.25 -34.33
C THR F 232 -27.38 24.32 -32.80
N ILE F 233 -26.28 24.29 -32.05
CA ILE F 233 -26.36 24.39 -30.58
C ILE F 233 -26.52 25.85 -30.20
N LEU F 234 -25.76 26.73 -30.84
CA LEU F 234 -25.99 28.16 -30.78
C LEU F 234 -27.47 28.49 -30.84
N LYS F 235 -28.11 27.96 -31.88
CA LYS F 235 -29.49 28.28 -32.20
C LYS F 235 -30.41 27.71 -31.12
N GLU F 236 -30.07 26.54 -30.59
CA GLU F 236 -30.89 25.89 -29.57
C GLU F 236 -30.87 26.72 -28.29
N ILE F 237 -29.75 27.39 -28.07
CA ILE F 237 -29.58 28.20 -26.89
C ILE F 237 -30.56 29.37 -26.91
N GLU F 238 -30.58 30.12 -28.02
CA GLU F 238 -31.48 31.24 -28.19
C GLU F 238 -32.93 30.81 -28.03
N GLU F 239 -33.27 29.63 -28.53
CA GLU F 239 -34.66 29.20 -28.43
C GLU F 239 -35.01 28.74 -27.01
N ARG F 240 -34.06 28.11 -26.33
CA ARG F 240 -34.41 27.36 -25.12
C ARG F 240 -33.85 27.91 -23.80
N ALA F 241 -32.64 28.46 -23.79
CA ALA F 241 -31.99 29.01 -22.57
C ALA F 241 -32.89 30.03 -21.91
N PRO F 242 -32.80 30.16 -20.59
CA PRO F 242 -33.63 31.19 -19.96
C PRO F 242 -33.42 32.62 -20.50
N LEU F 243 -32.22 33.06 -20.81
CA LEU F 243 -32.09 34.45 -21.25
C LEU F 243 -32.36 34.53 -22.73
N LYS F 244 -32.66 33.39 -23.35
CA LYS F 244 -33.02 33.40 -24.77
C LYS F 244 -31.97 34.07 -25.65
N ARG F 245 -30.70 33.99 -25.32
CA ARG F 245 -29.70 34.55 -26.21
C ARG F 245 -28.39 33.84 -25.91
N ASN F 246 -27.41 33.99 -26.80
CA ASN F 246 -26.08 33.45 -26.57
C ASN F 246 -25.26 34.39 -25.71
N VAL F 247 -24.08 33.97 -25.22
CA VAL F 247 -23.20 34.88 -24.48
C VAL F 247 -21.97 35.21 -25.30
N ASP F 248 -21.07 36.00 -24.71
CA ASP F 248 -19.88 36.43 -25.42
C ASP F 248 -18.66 36.44 -24.54
N GLN F 249 -17.52 36.73 -25.14
CA GLN F 249 -16.26 36.60 -24.46
C GLN F 249 -16.17 37.55 -23.27
N VAL F 250 -16.82 38.69 -23.40
CA VAL F 250 -16.66 39.75 -22.39
C VAL F 250 -17.43 39.36 -21.13
N GLU F 251 -18.54 38.66 -21.34
CA GLU F 251 -19.35 38.11 -20.26
C GLU F 251 -18.53 37.08 -19.48
N VAL F 252 -17.90 36.14 -20.18
CA VAL F 252 -16.95 35.27 -19.49
C VAL F 252 -15.87 36.10 -18.78
N GLY F 253 -15.34 37.13 -19.43
CA GLY F 253 -14.32 37.99 -18.80
C GLY F 253 -14.76 38.70 -17.53
N LYS F 254 -15.99 39.21 -17.51
CA LYS F 254 -16.57 39.83 -16.30
C LYS F 254 -16.68 38.81 -15.14
N THR F 255 -17.17 37.60 -15.40
CA THR F 255 -17.15 36.57 -14.38
C THR F 255 -15.74 36.18 -13.93
N ALA F 256 -14.81 36.11 -14.89
CA ALA F 256 -13.38 35.93 -14.57
C ALA F 256 -12.86 37.00 -13.58
N ALA F 257 -13.23 38.26 -13.80
CA ALA F 257 -12.70 39.33 -12.93
C ALA F 257 -13.22 39.11 -11.53
N TYR F 258 -14.47 38.69 -11.42
CA TYR F 258 -15.06 38.33 -10.13
C TYR F 258 -14.24 37.20 -9.49
N LEU F 259 -13.97 36.14 -10.24
CA LEU F 259 -13.28 34.98 -9.67
C LEU F 259 -11.81 35.33 -9.35
N LEU F 260 -11.17 36.17 -10.17
CA LEU F 260 -9.77 36.55 -9.96
C LEU F 260 -9.57 37.64 -8.91
N SER F 261 -10.65 38.27 -8.43
CA SER F 261 -10.55 39.38 -7.51
C SER F 261 -10.93 38.96 -6.10
N ASP F 262 -10.80 39.88 -5.17
CA ASP F 262 -11.22 39.63 -3.80
C ASP F 262 -12.73 39.52 -3.65
N LEU F 263 -13.48 39.92 -4.67
CA LEU F 263 -14.92 39.78 -4.60
C LEU F 263 -15.33 38.34 -4.29
N SER F 264 -14.53 37.39 -4.72
CA SER F 264 -14.97 36.01 -4.63
C SER F 264 -14.18 35.27 -3.56
N SER F 265 -13.59 35.99 -2.62
N SER F 265 -13.70 35.98 -2.55
CA SER F 265 -12.99 35.31 -1.50
CA SER F 265 -12.69 35.43 -1.63
C SER F 265 -14.11 34.47 -0.88
C SER F 265 -13.07 34.13 -0.91
N GLY F 266 -13.76 33.27 -0.45
N GLY F 266 -14.38 33.86 -0.81
CA GLY F 266 -14.77 32.36 0.05
CA GLY F 266 -14.88 32.70 -0.09
C GLY F 266 -15.29 31.44 -1.04
C GLY F 266 -15.34 31.60 -1.02
N VAL F 267 -15.01 31.77 -2.30
CA VAL F 267 -15.40 30.87 -3.39
C VAL F 267 -14.22 30.09 -3.99
N THR F 268 -14.32 28.77 -3.91
CA THR F 268 -13.35 27.88 -4.51
C THR F 268 -13.97 26.51 -4.78
N GLY F 269 -13.43 25.82 -5.78
CA GLY F 269 -13.91 24.51 -6.19
C GLY F 269 -15.24 24.66 -6.86
N GLU F 270 -15.53 25.89 -7.26
CA GLU F 270 -16.80 26.19 -7.90
C GLU F 270 -16.74 26.25 -9.44
N ASN F 271 -17.91 26.05 -10.05
CA ASN F 271 -18.07 26.05 -11.49
C ASN F 271 -19.24 27.01 -11.74
N ILE F 272 -18.93 28.21 -12.23
CA ILE F 272 -19.97 29.18 -12.56
C ILE F 272 -20.31 29.11 -14.04
N HIS F 273 -21.59 28.82 -14.32
CA HIS F 273 -22.05 28.72 -15.69
C HIS F 273 -22.30 30.13 -16.24
N VAL F 274 -21.52 30.53 -17.23
CA VAL F 274 -21.81 31.79 -17.89
C VAL F 274 -22.45 31.42 -19.24
N ASP F 275 -23.75 31.13 -19.22
CA ASP F 275 -24.36 30.43 -20.35
C ASP F 275 -25.84 30.73 -20.55
N SER F 276 -26.28 31.93 -20.16
CA SER F 276 -27.69 32.28 -20.25
C SER F 276 -28.66 31.38 -19.49
N GLY F 277 -28.16 30.67 -18.47
CA GLY F 277 -29.02 29.76 -17.70
C GLY F 277 -29.32 28.43 -18.35
N PHE F 278 -28.69 28.14 -19.48
CA PHE F 278 -28.97 26.88 -20.21
C PHE F 278 -28.68 25.61 -19.38
N HIS F 279 -27.63 25.65 -18.56
CA HIS F 279 -27.33 24.55 -17.65
C HIS F 279 -28.51 24.18 -16.75
N ALA F 280 -29.39 25.15 -16.45
CA ALA F 280 -30.40 24.93 -15.41
C ALA F 280 -31.68 24.29 -15.93
N ILE F 281 -31.83 24.15 -17.24
CA ILE F 281 -33.07 23.59 -17.78
C ILE F 281 -32.91 22.23 -18.45
N LYS F 282 -34.03 21.56 -18.68
CA LYS F 282 -34.11 20.42 -19.59
C LYS F 282 -35.40 20.52 -20.40
N VAL G 28 -17.72 46.76 -10.81
CA VAL G 28 -18.87 46.70 -9.86
C VAL G 28 -19.14 48.02 -9.08
N ASN G 29 -19.18 49.17 -9.77
CA ASN G 29 -19.74 50.38 -9.13
C ASN G 29 -21.26 50.52 -9.25
N LEU G 30 -21.94 50.74 -8.15
CA LEU G 30 -23.41 50.61 -8.13
C LEU G 30 -24.17 51.91 -7.87
N GLU G 31 -23.61 53.04 -8.28
CA GLU G 31 -24.35 54.29 -8.15
C GLU G 31 -25.50 54.32 -9.13
N ASN G 32 -26.60 54.94 -8.73
CA ASN G 32 -27.85 54.94 -9.49
C ASN G 32 -28.41 53.55 -9.69
N LYS G 33 -27.96 52.60 -8.88
CA LYS G 33 -28.68 51.35 -8.61
C LYS G 33 -29.47 51.39 -7.30
N THR G 34 -30.56 50.63 -7.26
CA THR G 34 -31.38 50.49 -6.06
C THR G 34 -31.72 49.03 -5.82
N TYR G 35 -31.42 48.53 -4.62
CA TYR G 35 -31.80 47.17 -4.27
C TYR G 35 -32.67 47.09 -3.02
N VAL G 36 -33.66 46.23 -3.08
CA VAL G 36 -34.40 45.82 -1.88
C VAL G 36 -33.69 44.67 -1.19
N ILE G 37 -33.31 44.88 0.08
CA ILE G 37 -32.67 43.87 0.92
C ILE G 37 -33.68 43.39 1.99
N MET G 38 -34.14 42.15 1.84
CA MET G 38 -35.14 41.58 2.72
C MET G 38 -34.47 40.70 3.76
N GLY G 39 -34.83 40.93 5.02
CA GLY G 39 -34.45 40.02 6.09
C GLY G 39 -33.25 40.43 6.93
N ILE G 40 -32.98 41.71 7.14
CA ILE G 40 -32.10 42.10 8.25
C ILE G 40 -32.84 42.04 9.59
N ALA G 41 -32.29 41.29 10.54
CA ALA G 41 -32.75 41.33 11.94
C ALA G 41 -31.75 42.05 12.86
N ASN G 42 -30.44 41.97 12.63
CA ASN G 42 -29.49 42.66 13.54
C ASN G 42 -28.11 42.84 12.92
N LYS G 43 -27.11 43.29 13.70
CA LYS G 43 -25.77 43.49 13.11
C LYS G 43 -25.17 42.22 12.49
N ARG G 44 -25.69 41.04 12.86
CA ARG G 44 -25.13 39.74 12.49
CA ARG G 44 -25.06 39.80 12.40
C ARG G 44 -25.84 39.15 11.26
N SER G 45 -26.96 39.73 10.87
CA SER G 45 -27.70 39.13 9.77
C SER G 45 -26.83 39.01 8.50
N ILE G 46 -26.97 37.90 7.76
CA ILE G 46 -26.29 37.80 6.45
C ILE G 46 -26.68 39.01 5.57
N ALA G 47 -27.95 39.42 5.66
CA ALA G 47 -28.40 40.49 4.80
C ALA G 47 -27.75 41.84 5.16
N PHE G 48 -27.22 42.01 6.36
CA PHE G 48 -26.52 43.25 6.65
C PHE G 48 -25.08 43.21 6.13
N GLY G 49 -24.53 42.00 5.98
CA GLY G 49 -23.30 41.81 5.21
C GLY G 49 -23.45 42.37 3.81
N VAL G 50 -24.53 41.93 3.15
CA VAL G 50 -24.83 42.39 1.82
C VAL G 50 -24.94 43.90 1.81
N ALA G 51 -25.63 44.45 2.82
CA ALA G 51 -25.97 45.86 2.83
C ALA G 51 -24.71 46.71 2.92
N LYS G 52 -23.86 46.38 3.88
CA LYS G 52 -22.56 47.02 4.04
C LYS G 52 -21.82 47.03 2.72
N VAL G 53 -21.98 45.95 1.94
CA VAL G 53 -21.18 45.86 0.72
C VAL G 53 -21.79 46.70 -0.40
N LEU G 54 -23.07 46.46 -0.66
CA LEU G 54 -23.80 47.27 -1.61
C LEU G 54 -23.73 48.75 -1.29
N ASP G 55 -23.75 49.12 0.01
CA ASP G 55 -23.76 50.53 0.43
C ASP G 55 -22.41 51.13 0.07
N GLN G 56 -21.37 50.37 0.39
CA GLN G 56 -19.99 50.65 0.07
C GLN G 56 -19.82 50.99 -1.40
N LEU G 57 -20.55 50.29 -2.27
CA LEU G 57 -20.30 50.40 -3.69
C LEU G 57 -21.18 51.48 -4.32
N GLY G 58 -21.94 52.19 -3.49
CA GLY G 58 -22.73 53.34 -3.95
C GLY G 58 -24.19 53.12 -4.30
N ALA G 59 -24.73 51.94 -4.03
CA ALA G 59 -26.14 51.62 -4.29
C ALA G 59 -27.07 52.36 -3.34
N LYS G 60 -28.32 52.51 -3.78
CA LYS G 60 -29.38 52.95 -2.88
C LYS G 60 -30.08 51.70 -2.39
N LEU G 61 -30.39 51.67 -1.09
CA LEU G 61 -30.92 50.46 -0.47
C LEU G 61 -32.30 50.65 0.19
N VAL G 62 -33.13 49.62 0.06
CA VAL G 62 -34.48 49.66 0.60
C VAL G 62 -34.47 48.39 1.45
N PHE G 63 -34.95 48.49 2.69
CA PHE G 63 -34.97 47.36 3.63
C PHE G 63 -36.38 46.86 3.94
N THR G 64 -36.59 45.55 3.89
CA THR G 64 -37.84 45.07 4.45
C THR G 64 -37.58 44.23 5.71
N TYR G 65 -38.52 44.32 6.65
CA TYR G 65 -38.45 43.60 7.92
C TYR G 65 -39.80 42.97 8.27
N ARG G 66 -39.81 42.04 9.23
CA ARG G 66 -41.07 41.56 9.83
C ARG G 66 -41.39 42.12 11.22
N LYS G 67 -40.50 41.93 12.18
CA LYS G 67 -40.74 42.27 13.58
C LYS G 67 -40.35 43.71 13.87
N GLU G 68 -41.16 44.39 14.67
CA GLU G 68 -40.82 45.77 14.94
CA GLU G 68 -40.89 45.72 15.21
C GLU G 68 -39.41 45.87 15.49
N ARG G 69 -38.91 44.85 16.19
CA ARG G 69 -37.55 44.89 16.71
C ARG G 69 -36.53 44.93 15.56
N SER G 70 -36.87 44.37 14.41
CA SER G 70 -35.92 44.36 13.29
C SER G 70 -35.85 45.77 12.65
N ARG G 71 -36.95 46.52 12.70
CA ARG G 71 -36.89 47.92 12.29
C ARG G 71 -35.98 48.73 13.22
N LYS G 72 -36.16 48.58 14.53
CA LYS G 72 -35.36 49.31 15.51
C LYS G 72 -33.87 49.03 15.34
N GLU G 73 -33.57 47.80 14.95
CA GLU G 73 -32.22 47.39 14.72
C GLU G 73 -31.70 48.05 13.43
N LEU G 74 -32.57 48.09 12.43
CA LEU G 74 -32.24 48.66 11.12
C LEU G 74 -31.95 50.14 11.30
N GLU G 75 -32.82 50.83 12.06
CA GLU G 75 -32.60 52.24 12.30
C GLU G 75 -31.25 52.52 12.95
N LYS G 76 -30.80 51.67 13.87
CA LYS G 76 -29.51 51.92 14.50
C LYS G 76 -28.31 51.58 13.60
N LEU G 77 -28.51 50.67 12.66
CA LEU G 77 -27.45 50.21 11.75
C LEU G 77 -27.31 51.09 10.51
N LEU G 78 -28.43 51.63 10.06
CA LEU G 78 -28.42 52.72 9.10
C LEU G 78 -27.38 53.83 9.37
N GLU G 79 -27.10 54.08 10.64
CA GLU G 79 -26.13 55.11 11.03
C GLU G 79 -24.71 54.81 10.56
N GLN G 80 -24.45 53.55 10.24
CA GLN G 80 -23.12 53.12 9.81
C GLN G 80 -23.02 53.01 8.31
N LEU G 81 -24.17 53.05 7.65
CA LEU G 81 -24.22 53.07 6.21
C LEU G 81 -24.07 54.51 5.73
N ASN G 82 -23.74 54.65 4.46
CA ASN G 82 -23.75 55.93 3.79
C ASN G 82 -25.11 56.32 3.25
N GLN G 83 -26.15 55.50 3.41
CA GLN G 83 -27.45 55.86 2.87
C GLN G 83 -27.92 57.19 3.44
N PRO G 84 -28.33 58.14 2.57
CA PRO G 84 -28.82 59.43 3.03
C PRO G 84 -30.24 59.35 3.58
N GLU G 85 -31.05 58.39 3.13
CA GLU G 85 -32.30 58.15 3.84
C GLU G 85 -32.58 56.70 4.19
N ALA G 86 -33.47 56.56 5.18
CA ALA G 86 -33.98 55.28 5.63
C ALA G 86 -35.18 54.90 4.77
N HIS G 87 -35.09 53.80 4.04
CA HIS G 87 -36.28 53.27 3.38
C HIS G 87 -36.71 51.92 3.98
N LEU G 88 -37.64 51.93 4.92
CA LEU G 88 -37.96 50.74 5.70
C LEU G 88 -39.37 50.28 5.48
N TYR G 89 -39.57 49.07 4.98
CA TYR G 89 -40.93 48.55 4.90
C TYR G 89 -41.11 47.31 5.75
N GLN G 90 -42.29 47.21 6.36
CA GLN G 90 -42.64 46.01 7.08
C GLN G 90 -43.31 45.07 6.11
N ILE G 91 -42.67 43.95 5.79
CA ILE G 91 -43.27 42.93 4.97
C ILE G 91 -43.10 41.61 5.68
N ASP G 92 -44.20 40.98 6.09
CA ASP G 92 -44.17 39.60 6.50
C ASP G 92 -44.54 38.76 5.29
N VAL G 93 -43.59 38.00 4.73
CA VAL G 93 -43.85 37.26 3.47
C VAL G 93 -44.90 36.12 3.56
N GLN G 94 -45.50 35.92 4.73
CA GLN G 94 -46.67 35.02 4.79
C GLN G 94 -47.93 35.67 4.21
N SER G 95 -47.95 36.99 4.12
CA SER G 95 -49.11 37.73 3.64
C SER G 95 -48.89 38.12 2.19
N ASP G 96 -49.72 37.58 1.30
CA ASP G 96 -49.79 38.06 -0.08
C ASP G 96 -49.99 39.56 -0.13
N GLU G 97 -51.00 40.03 0.59
CA GLU G 97 -51.28 41.47 0.66
CA GLU G 97 -51.30 41.45 0.78
C GLU G 97 -50.07 42.30 1.09
N GLU G 98 -49.31 41.85 2.08
CA GLU G 98 -48.19 42.66 2.57
C GLU G 98 -47.02 42.70 1.61
N VAL G 99 -46.70 41.57 0.99
CA VAL G 99 -45.74 41.57 -0.11
C VAL G 99 -46.25 42.48 -1.25
N ILE G 100 -47.49 42.29 -1.64
CA ILE G 100 -48.04 43.02 -2.79
C ILE G 100 -48.02 44.53 -2.53
N ASN G 101 -48.45 44.94 -1.34
CA ASN G 101 -48.51 46.35 -0.98
C ASN G 101 -47.15 46.94 -0.61
N GLY G 102 -46.32 46.16 0.07
CA GLY G 102 -44.93 46.52 0.31
C GLY G 102 -44.18 46.96 -0.95
N PHE G 103 -44.22 46.12 -1.98
CA PHE G 103 -43.42 46.38 -3.14
C PHE G 103 -43.99 47.55 -3.93
N GLU G 104 -45.32 47.52 -4.08
CA GLU G 104 -46.04 48.60 -4.74
C GLU G 104 -45.66 49.96 -4.14
N GLN G 105 -45.69 50.01 -2.82
CA GLN G 105 -45.27 51.16 -2.04
C GLN G 105 -43.80 51.51 -2.30
N ILE G 106 -42.94 50.51 -2.37
CA ILE G 106 -41.52 50.72 -2.60
C ILE G 106 -41.36 51.44 -3.93
N GLY G 107 -42.15 51.01 -4.90
CA GLY G 107 -42.09 51.59 -6.23
C GLY G 107 -42.46 53.06 -6.24
N LYS G 108 -43.51 53.41 -5.48
CA LYS G 108 -43.94 54.80 -5.30
C LYS G 108 -42.87 55.65 -4.60
N ASP G 109 -42.11 55.04 -3.69
CA ASP G 109 -41.22 55.83 -2.84
C ASP G 109 -39.85 56.09 -3.46
N VAL G 110 -39.30 55.06 -4.10
CA VAL G 110 -37.97 55.14 -4.69
C VAL G 110 -37.99 54.86 -6.19
N GLY G 111 -39.15 54.55 -6.76
CA GLY G 111 -39.21 54.26 -8.18
C GLY G 111 -38.68 52.88 -8.53
N ASN G 112 -37.97 52.77 -9.64
CA ASN G 112 -37.63 51.46 -10.18
C ASN G 112 -36.38 50.87 -9.58
N ILE G 113 -36.42 49.56 -9.34
CA ILE G 113 -35.32 48.89 -8.66
C ILE G 113 -34.50 48.02 -9.60
N ASP G 114 -33.28 47.75 -9.18
CA ASP G 114 -32.39 46.91 -9.97
C ASP G 114 -32.33 45.44 -9.53
N GLY G 115 -32.71 45.15 -8.30
CA GLY G 115 -32.67 43.79 -7.79
C GLY G 115 -33.21 43.67 -6.37
N VAL G 116 -33.44 42.43 -5.97
CA VAL G 116 -33.89 42.05 -4.63
C VAL G 116 -32.87 41.05 -4.11
N TYR G 117 -32.47 41.24 -2.86
CA TYR G 117 -31.70 40.24 -2.18
C TYR G 117 -32.60 39.62 -1.12
N HIS G 118 -32.85 38.33 -1.25
CA HIS G 118 -33.78 37.61 -0.41
C HIS G 118 -32.94 36.86 0.63
N SER G 119 -33.13 37.19 1.90
CA SER G 119 -32.41 36.61 3.01
C SER G 119 -33.41 36.24 4.14
N ILE G 120 -34.31 35.31 3.78
CA ILE G 120 -35.47 34.99 4.60
C ILE G 120 -35.71 33.51 4.67
N ALA G 121 -35.83 32.99 5.90
CA ALA G 121 -36.23 31.61 6.08
C ALA G 121 -36.84 31.47 7.46
N PHE G 122 -37.59 30.40 7.67
CA PHE G 122 -38.09 30.14 9.02
C PHE G 122 -38.51 28.69 9.16
N ALA G 123 -38.29 28.11 10.34
CA ALA G 123 -38.81 26.79 10.70
C ALA G 123 -38.94 26.82 12.20
N ASN G 124 -39.86 26.04 12.77
CA ASN G 124 -39.99 25.93 14.22
C ASN G 124 -38.80 25.22 14.79
N MET G 125 -38.35 25.59 15.98
CA MET G 125 -37.34 24.76 16.62
C MET G 125 -37.58 23.25 16.77
N GLU G 126 -38.79 22.78 17.09
CA GLU G 126 -38.94 21.31 17.13
C GLU G 126 -38.35 20.69 15.84
N ASP G 127 -38.80 21.15 14.68
CA ASP G 127 -38.44 20.51 13.42
C ASP G 127 -37.01 20.87 12.97
N LEU G 128 -36.09 21.23 13.87
CA LEU G 128 -34.67 21.50 13.51
C LEU G 128 -33.62 20.66 14.28
N ARG G 129 -34.11 19.49 14.71
CA ARG G 129 -33.37 18.63 15.62
C ARG G 129 -34.09 17.29 15.65
N GLY G 130 -33.44 16.29 16.24
CA GLY G 130 -34.03 14.96 16.32
C GLY G 130 -34.43 14.50 14.93
N ARG G 131 -35.67 14.06 14.76
CA ARG G 131 -35.92 13.09 13.69
C ARG G 131 -36.74 13.77 12.65
N PHE G 132 -36.22 13.79 11.43
CA PHE G 132 -36.94 14.42 10.34
C PHE G 132 -38.28 13.77 10.07
N SER G 133 -38.34 12.43 10.16
CA SER G 133 -39.54 11.68 9.84
C SER G 133 -40.67 12.06 10.79
N GLU G 134 -40.35 12.76 11.88
CA GLU G 134 -41.41 13.18 12.81
C GLU G 134 -41.88 14.63 12.57
N THR G 135 -41.33 15.32 11.58
CA THR G 135 -41.89 16.61 11.17
C THR G 135 -43.41 16.57 11.01
N SER G 136 -44.06 17.55 11.64
CA SER G 136 -45.50 17.76 11.47
C SER G 136 -45.84 18.36 10.10
N ARG G 137 -47.04 18.07 9.60
CA ARG G 137 -47.50 18.68 8.36
C ARG G 137 -47.39 20.19 8.47
N GLU G 138 -47.85 20.71 9.60
CA GLU G 138 -47.95 22.16 9.77
C GLU G 138 -46.54 22.79 9.75
N GLY G 139 -45.56 22.14 10.40
CA GLY G 139 -44.21 22.67 10.42
C GLY G 139 -43.55 22.60 9.05
N PHE G 140 -43.87 21.55 8.31
CA PHE G 140 -43.27 21.38 7.01
C PHE G 140 -43.77 22.46 6.06
N LEU G 141 -45.07 22.73 6.09
CA LEU G 141 -45.61 23.73 5.17
C LEU G 141 -45.22 25.17 5.58
N LEU G 142 -44.97 25.36 6.88
CA LEU G 142 -44.59 26.68 7.35
C LEU G 142 -43.19 27.00 6.85
N ALA G 143 -42.30 26.01 6.83
CA ALA G 143 -40.96 26.25 6.32
C ALA G 143 -40.98 26.53 4.81
N GLN G 144 -41.75 25.72 4.08
CA GLN G 144 -41.96 25.90 2.65
C GLN G 144 -42.52 27.29 2.36
N ASP G 145 -43.51 27.70 3.14
CA ASP G 145 -44.20 28.93 2.84
C ASP G 145 -43.25 30.13 2.98
N ILE G 146 -42.59 30.24 4.12
CA ILE G 146 -41.70 31.40 4.37
C ILE G 146 -40.38 31.34 3.62
N SER G 147 -39.84 30.14 3.49
CA SER G 147 -38.46 29.95 3.04
C SER G 147 -38.32 29.73 1.53
N SER G 148 -39.43 29.38 0.87
CA SER G 148 -39.39 29.07 -0.56
C SER G 148 -40.49 29.83 -1.32
N TYR G 149 -41.73 29.61 -0.96
CA TYR G 149 -42.82 30.26 -1.66
C TYR G 149 -42.64 31.76 -1.66
N SER G 150 -42.08 32.32 -0.58
CA SER G 150 -41.95 33.75 -0.52
C SER G 150 -41.13 34.30 -1.66
N LEU G 151 -40.14 33.55 -2.14
CA LEU G 151 -39.36 34.01 -3.27
C LEU G 151 -40.22 34.21 -4.48
N THR G 152 -41.15 33.29 -4.72
CA THR G 152 -41.96 33.29 -5.94
C THR G 152 -42.82 34.54 -5.99
N ILE G 153 -43.49 34.83 -4.88
CA ILE G 153 -44.38 35.99 -4.84
C ILE G 153 -43.55 37.30 -4.77
N VAL G 154 -42.43 37.31 -4.07
CA VAL G 154 -41.55 38.46 -4.13
C VAL G 154 -41.03 38.77 -5.56
N ALA G 155 -40.71 37.73 -6.32
CA ALA G 155 -40.21 37.90 -7.68
C ALA G 155 -41.38 38.41 -8.53
N HIS G 156 -42.58 37.90 -8.30
CA HIS G 156 -43.73 38.30 -9.11
C HIS G 156 -44.02 39.78 -8.93
N GLU G 157 -43.88 40.26 -7.69
CA GLU G 157 -44.23 41.62 -7.37
C GLU G 157 -43.05 42.50 -7.70
N ALA G 158 -41.84 42.01 -7.45
CA ALA G 158 -40.67 42.80 -7.79
C ALA G 158 -40.46 42.95 -9.30
N LYS G 159 -40.96 41.98 -10.07
CA LYS G 159 -40.87 42.06 -11.53
C LYS G 159 -41.55 43.35 -12.01
N LYS G 160 -42.61 43.75 -11.30
CA LYS G 160 -43.33 44.98 -11.61
C LYS G 160 -42.45 46.25 -11.55
N LEU G 161 -41.34 46.22 -10.84
CA LEU G 161 -40.49 47.41 -10.65
C LEU G 161 -39.19 47.26 -11.42
N MET G 162 -39.18 46.29 -12.32
CA MET G 162 -37.98 46.03 -13.11
C MET G 162 -38.27 45.88 -14.61
N PRO G 163 -38.98 46.86 -15.22
CA PRO G 163 -39.38 46.72 -16.62
C PRO G 163 -38.19 46.53 -17.57
N GLU G 164 -37.03 47.01 -17.15
CA GLU G 164 -35.77 46.95 -17.88
C GLU G 164 -34.97 45.66 -17.69
N GLY G 165 -35.36 44.82 -16.73
CA GLY G 165 -34.55 43.68 -16.27
C GLY G 165 -34.02 43.93 -14.88
N GLY G 166 -33.42 42.91 -14.27
CA GLY G 166 -32.84 43.04 -12.94
C GLY G 166 -32.27 41.74 -12.42
N SER G 167 -32.00 41.70 -11.12
CA SER G 167 -31.31 40.56 -10.53
C SER G 167 -31.89 40.22 -9.16
N ILE G 168 -32.34 38.99 -9.00
CA ILE G 168 -32.87 38.47 -7.73
C ILE G 168 -31.95 37.37 -7.19
N VAL G 169 -31.49 37.50 -5.95
CA VAL G 169 -30.58 36.52 -5.35
C VAL G 169 -31.17 36.05 -4.03
N ALA G 170 -31.22 34.74 -3.81
CA ALA G 170 -31.73 34.16 -2.58
C ALA G 170 -30.63 33.37 -1.92
N THR G 171 -30.79 33.16 -0.62
CA THR G 171 -29.72 32.63 0.22
C THR G 171 -30.12 31.21 0.58
N THR G 172 -29.25 30.26 0.22
CA THR G 172 -29.55 28.88 0.50
C THR G 172 -28.41 28.27 1.30
N TYR G 173 -28.51 26.95 1.54
CA TYR G 173 -27.45 26.25 2.27
C TYR G 173 -27.36 24.85 1.68
N LEU G 174 -26.17 24.27 1.72
CA LEU G 174 -25.80 22.97 1.14
C LEU G 174 -26.74 21.88 1.62
N GLY G 175 -27.35 22.10 2.79
CA GLY G 175 -28.45 21.27 3.29
C GLY G 175 -29.60 21.10 2.31
N GLY G 176 -29.72 22.01 1.35
CA GLY G 176 -30.63 21.89 0.21
C GLY G 176 -30.23 20.84 -0.81
N GLU G 177 -28.93 20.59 -0.95
CA GLU G 177 -28.51 19.64 -1.98
C GLU G 177 -28.12 18.28 -1.43
N PHE G 178 -27.74 18.23 -0.16
CA PHE G 178 -27.49 16.98 0.58
C PHE G 178 -28.17 16.98 1.94
N ALA G 179 -28.47 15.80 2.50
CA ALA G 179 -28.92 15.65 3.88
C ALA G 179 -27.84 16.02 4.89
N VAL G 180 -28.05 17.11 5.59
CA VAL G 180 -27.17 17.48 6.68
C VAL G 180 -27.92 17.24 7.98
N GLN G 181 -27.46 16.28 8.78
CA GLN G 181 -27.97 16.07 10.14
C GLN G 181 -28.44 17.34 10.86
N ASN G 182 -29.65 17.27 11.42
CA ASN G 182 -30.30 18.39 12.13
C ASN G 182 -31.00 19.44 11.27
N TYR G 183 -30.58 19.62 10.03
CA TYR G 183 -31.09 20.70 9.23
C TYR G 183 -32.50 20.33 8.78
N ASN G 184 -32.73 19.03 8.54
CA ASN G 184 -34.07 18.45 8.54
C ASN G 184 -35.05 19.23 7.69
N VAL G 185 -36.08 19.83 8.29
CA VAL G 185 -37.16 20.39 7.47
C VAL G 185 -36.69 21.57 6.63
N MET G 186 -35.69 22.29 7.11
CA MET G 186 -35.19 23.41 6.36
C MET G 186 -34.44 22.92 5.11
N GLY G 187 -33.79 21.77 5.18
CA GLY G 187 -33.03 21.33 4.03
C GLY G 187 -34.02 21.06 2.92
N VAL G 188 -35.18 20.51 3.27
CA VAL G 188 -36.15 20.19 2.24
C VAL G 188 -36.71 21.53 1.80
N ALA G 189 -36.75 22.52 2.68
CA ALA G 189 -37.23 23.80 2.19
C ALA G 189 -36.21 24.48 1.28
N LYS G 190 -34.91 24.29 1.57
CA LYS G 190 -33.86 24.86 0.71
C LYS G 190 -33.78 24.15 -0.65
N ALA G 191 -34.08 22.85 -0.71
CA ALA G 191 -34.18 22.18 -1.99
C ALA G 191 -35.24 22.85 -2.86
N SER G 192 -36.41 23.03 -2.24
CA SER G 192 -37.56 23.70 -2.81
C SER G 192 -37.14 25.09 -3.30
N LEU G 193 -36.43 25.82 -2.46
CA LEU G 193 -35.93 27.16 -2.85
C LEU G 193 -34.97 27.17 -4.04
N GLU G 194 -34.02 26.24 -4.04
CA GLU G 194 -33.07 26.17 -5.11
C GLU G 194 -33.78 25.89 -6.42
N ALA G 195 -34.80 25.01 -6.38
CA ALA G 195 -35.57 24.66 -7.56
C ALA G 195 -36.41 25.86 -7.95
N ASN G 196 -36.92 26.57 -6.93
CA ASN G 196 -37.70 27.80 -7.12
C ASN G 196 -36.84 28.79 -7.90
N VAL G 197 -35.56 28.86 -7.54
CA VAL G 197 -34.68 29.77 -8.23
C VAL G 197 -34.54 29.37 -9.68
N LYS G 198 -34.51 28.07 -9.93
CA LYS G 198 -34.29 27.58 -11.28
C LYS G 198 -35.53 27.88 -12.13
N TYR G 199 -36.71 27.65 -11.58
CA TYR G 199 -37.93 27.86 -12.35
C TYR G 199 -38.17 29.35 -12.54
N LEU G 200 -37.77 30.18 -11.57
CA LEU G 200 -37.98 31.61 -11.74
C LEU G 200 -37.03 32.10 -12.80
N ALA G 201 -35.82 31.55 -12.83
CA ALA G 201 -34.85 31.91 -13.88
C ALA G 201 -35.35 31.53 -15.28
N LEU G 202 -35.95 30.35 -15.45
CA LEU G 202 -36.55 29.97 -16.74
C LEU G 202 -37.64 30.97 -17.09
N ASP G 203 -38.58 31.16 -16.17
CA ASP G 203 -39.77 31.98 -16.42
C ASP G 203 -39.45 33.46 -16.69
N LEU G 204 -38.44 34.01 -16.04
CA LEU G 204 -38.30 35.46 -16.06
C LEU G 204 -37.11 35.88 -16.89
N GLY G 205 -36.31 34.92 -17.33
CA GLY G 205 -35.23 35.20 -18.28
C GLY G 205 -35.71 36.03 -19.48
N PRO G 206 -36.83 35.63 -20.10
CA PRO G 206 -37.25 36.43 -21.25
C PRO G 206 -37.49 37.88 -20.90
N ASP G 207 -37.63 38.22 -19.61
CA ASP G 207 -37.78 39.62 -19.22
C ASP G 207 -36.46 40.20 -18.75
N ASN G 208 -35.38 39.47 -18.98
CA ASN G 208 -34.06 39.90 -18.55
C ASN G 208 -33.96 40.02 -17.03
N ILE G 209 -34.67 39.17 -16.31
CA ILE G 209 -34.50 39.19 -14.86
C ILE G 209 -33.73 37.94 -14.46
N ARG G 210 -32.51 38.10 -13.95
CA ARG G 210 -31.71 36.93 -13.56
C ARG G 210 -32.13 36.50 -12.14
N VAL G 211 -32.23 35.19 -11.88
CA VAL G 211 -32.50 34.72 -10.52
C VAL G 211 -31.45 33.68 -10.22
N ASN G 212 -30.74 33.89 -9.11
CA ASN G 212 -29.67 33.03 -8.65
C ASN G 212 -29.72 32.85 -7.13
N ALA G 213 -28.90 31.95 -6.62
CA ALA G 213 -28.84 31.64 -5.20
C ALA G 213 -27.38 31.73 -4.77
N ILE G 214 -27.15 32.21 -3.57
CA ILE G 214 -25.86 32.06 -2.93
C ILE G 214 -25.99 31.01 -1.85
N SER G 215 -25.18 29.96 -1.90
CA SER G 215 -25.17 28.95 -0.86
C SER G 215 -24.10 29.35 0.16
N ALA G 216 -24.49 29.96 1.27
CA ALA G 216 -23.48 30.42 2.25
C ALA G 216 -23.06 29.29 3.18
N GLY G 217 -21.79 29.35 3.62
CA GLY G 217 -21.28 28.45 4.65
C GLY G 217 -21.99 28.78 5.94
N PRO G 218 -21.75 27.97 6.99
CA PRO G 218 -22.38 28.37 8.28
C PRO G 218 -21.81 29.69 8.85
N ILE G 219 -22.68 30.55 9.38
CA ILE G 219 -22.33 31.87 9.90
C ILE G 219 -23.09 32.19 11.21
N ARG G 220 -22.42 32.66 12.25
CA ARG G 220 -23.13 32.87 13.51
C ARG G 220 -24.13 34.01 13.39
N THR G 221 -25.40 33.63 13.23
CA THR G 221 -26.51 34.57 13.27
C THR G 221 -27.56 34.18 14.32
N LEU G 222 -28.53 35.07 14.49
CA LEU G 222 -29.66 34.82 15.35
C LEU G 222 -30.39 33.52 14.96
N SER G 223 -30.63 33.33 13.67
CA SER G 223 -31.42 32.16 13.26
C SER G 223 -30.59 30.86 13.31
N ALA G 224 -29.26 30.99 13.37
CA ALA G 224 -28.39 29.82 13.43
C ALA G 224 -28.42 29.21 14.81
N LYS G 225 -28.91 29.99 15.76
CA LYS G 225 -29.04 29.52 17.12
C LYS G 225 -30.16 28.48 17.19
N GLY G 226 -30.99 28.40 16.17
CA GLY G 226 -32.12 27.46 16.22
C GLY G 226 -31.75 26.08 15.75
N VAL G 227 -30.58 25.92 15.14
CA VAL G 227 -30.25 24.69 14.45
C VAL G 227 -29.39 23.75 15.30
N GLY G 228 -29.85 22.56 15.66
CA GLY G 228 -28.96 21.70 16.44
C GLY G 228 -27.61 21.54 15.77
N GLY G 229 -26.53 21.50 16.54
CA GLY G 229 -25.25 21.02 16.05
C GLY G 229 -24.54 22.03 15.18
N PHE G 230 -25.05 23.26 15.15
CA PHE G 230 -24.38 24.36 14.45
C PHE G 230 -22.90 24.58 14.84
N ASN G 231 -22.57 24.53 16.13
CA ASN G 231 -21.18 24.78 16.50
C ASN G 231 -20.26 23.72 15.92
N THR G 232 -20.66 22.46 16.05
CA THR G 232 -19.92 21.37 15.40
C THR G 232 -19.62 21.59 13.91
N ILE G 233 -20.61 22.08 13.16
CA ILE G 233 -20.45 22.22 11.71
C ILE G 233 -19.42 23.32 11.44
N LEU G 234 -19.46 24.41 12.20
CA LEU G 234 -18.49 25.49 12.13
C LEU G 234 -17.04 24.97 12.22
N LYS G 235 -16.83 24.03 13.14
CA LYS G 235 -15.50 23.60 13.52
C LYS G 235 -15.00 22.70 12.39
N GLU G 236 -15.89 21.85 11.91
CA GLU G 236 -15.56 20.99 10.79
C GLU G 236 -15.18 21.74 9.49
N ILE G 237 -15.85 22.84 9.18
CA ILE G 237 -15.54 23.61 7.99
C ILE G 237 -14.10 24.04 8.10
N GLU G 238 -13.74 24.55 9.27
CA GLU G 238 -12.35 24.91 9.58
C GLU G 238 -11.34 23.79 9.42
N GLU G 239 -11.73 22.57 9.76
CA GLU G 239 -10.82 21.46 9.67
C GLU G 239 -10.76 20.88 8.26
N ARG G 240 -11.89 20.92 7.55
CA ARG G 240 -12.12 20.08 6.37
C ARG G 240 -12.33 20.87 5.06
N ALA G 241 -12.77 22.12 5.13
CA ALA G 241 -13.05 22.88 3.90
C ALA G 241 -11.73 23.30 3.30
N PRO G 242 -11.67 23.39 1.96
CA PRO G 242 -10.41 23.73 1.32
C PRO G 242 -9.68 24.97 1.85
N LEU G 243 -10.40 25.99 2.31
CA LEU G 243 -9.70 27.21 2.74
C LEU G 243 -9.36 27.13 4.20
N LYS G 244 -9.91 26.12 4.88
CA LYS G 244 -9.62 25.89 6.31
C LYS G 244 -10.04 27.07 7.18
N ARG G 245 -11.18 27.66 6.85
CA ARG G 245 -11.65 28.79 7.64
C ARG G 245 -13.14 28.97 7.40
N ASN G 246 -13.83 29.62 8.33
CA ASN G 246 -15.21 29.98 8.06
C ASN G 246 -15.35 31.24 7.21
N VAL G 247 -16.52 31.39 6.58
CA VAL G 247 -16.82 32.62 5.87
C VAL G 247 -17.67 33.54 6.74
N ASP G 248 -17.63 34.83 6.41
CA ASP G 248 -18.49 35.81 7.05
C ASP G 248 -19.47 36.43 6.07
N GLN G 249 -20.39 37.19 6.66
CA GLN G 249 -21.47 37.88 6.00
C GLN G 249 -20.97 38.78 4.88
N VAL G 250 -19.91 39.54 5.15
CA VAL G 250 -19.31 40.41 4.14
C VAL G 250 -18.83 39.63 2.92
N GLU G 251 -18.28 38.42 3.12
CA GLU G 251 -17.98 37.59 1.96
C GLU G 251 -19.25 37.22 1.17
N VAL G 252 -20.40 37.12 1.85
CA VAL G 252 -21.63 36.78 1.10
C VAL G 252 -22.12 38.00 0.32
N GLY G 253 -21.87 39.18 0.91
CA GLY G 253 -22.15 40.48 0.28
C GLY G 253 -21.31 40.75 -0.95
N LYS G 254 -19.99 40.54 -0.84
CA LYS G 254 -19.09 40.63 -2.01
C LYS G 254 -19.60 39.76 -3.16
N THR G 255 -20.05 38.52 -2.91
CA THR G 255 -20.62 37.72 -3.99
C THR G 255 -22.01 38.16 -4.43
N ALA G 256 -22.81 38.64 -3.49
CA ALA G 256 -24.07 39.33 -3.78
C ALA G 256 -23.91 40.51 -4.72
N ALA G 257 -22.92 41.36 -4.46
CA ALA G 257 -22.62 42.49 -5.33
C ALA G 257 -22.34 42.05 -6.77
N TYR G 258 -21.65 40.92 -6.91
CA TYR G 258 -21.37 40.33 -8.19
C TYR G 258 -22.70 39.89 -8.84
N LEU G 259 -23.51 39.11 -8.13
CA LEU G 259 -24.71 38.54 -8.74
C LEU G 259 -25.74 39.59 -9.10
N LEU G 260 -25.77 40.70 -8.35
CA LEU G 260 -26.78 41.76 -8.49
C LEU G 260 -26.29 42.84 -9.46
N SER G 261 -25.07 42.69 -9.97
CA SER G 261 -24.58 43.69 -10.90
C SER G 261 -24.38 43.15 -12.32
N ASP G 262 -24.01 44.03 -13.24
CA ASP G 262 -23.80 43.60 -14.61
C ASP G 262 -22.60 42.66 -14.75
N LEU G 263 -21.70 42.65 -13.76
CA LEU G 263 -20.59 41.72 -13.78
C LEU G 263 -21.10 40.30 -14.02
N SER G 264 -22.28 39.98 -13.57
CA SER G 264 -22.78 38.62 -13.74
C SER G 264 -23.81 38.44 -14.86
N SER G 265 -23.67 39.20 -15.94
N SER G 265 -23.85 39.39 -15.80
CA SER G 265 -24.74 39.40 -16.92
CA SER G 265 -24.72 39.24 -16.96
C SER G 265 -25.22 38.16 -17.67
C SER G 265 -24.35 37.93 -17.62
N GLY G 266 -24.37 37.14 -17.81
N GLY G 266 -25.34 37.17 -18.08
CA GLY G 266 -24.71 35.89 -18.49
CA GLY G 266 -25.06 35.82 -18.58
C GLY G 266 -25.04 34.74 -17.56
C GLY G 266 -25.23 34.70 -17.56
N VAL G 267 -25.16 35.07 -16.28
CA VAL G 267 -25.40 34.12 -15.21
C VAL G 267 -26.82 34.17 -14.61
N THR G 268 -27.55 33.07 -14.74
CA THR G 268 -28.87 32.95 -14.14
C THR G 268 -29.18 31.47 -13.92
N GLY G 269 -30.10 31.17 -13.00
CA GLY G 269 -30.38 29.80 -12.54
C GLY G 269 -29.22 29.10 -11.83
N GLU G 270 -28.25 29.89 -11.34
CA GLU G 270 -27.01 29.40 -10.79
C GLU G 270 -27.05 29.44 -9.26
N ASN G 271 -26.20 28.63 -8.64
CA ASN G 271 -26.07 28.57 -7.20
C ASN G 271 -24.59 28.65 -6.89
N ILE G 272 -24.12 29.80 -6.36
CA ILE G 272 -22.72 30.00 -6.03
C ILE G 272 -22.45 29.76 -4.54
N HIS G 273 -21.57 28.79 -4.28
CA HIS G 273 -21.34 28.36 -2.93
C HIS G 273 -20.24 29.24 -2.34
N VAL G 274 -20.57 30.01 -1.30
CA VAL G 274 -19.55 30.92 -0.71
C VAL G 274 -19.23 30.32 0.66
N ASP G 275 -18.33 29.34 0.69
CA ASP G 275 -18.35 28.34 1.76
C ASP G 275 -17.02 27.67 1.91
N SER G 276 -15.98 28.39 1.45
CA SER G 276 -14.59 28.03 1.64
C SER G 276 -14.25 26.74 0.92
N GLY G 277 -15.09 26.32 -0.03
CA GLY G 277 -14.80 25.10 -0.75
C GLY G 277 -15.60 23.88 -0.33
N PHE G 278 -16.21 23.98 0.84
CA PHE G 278 -16.80 22.81 1.48
C PHE G 278 -17.67 21.97 0.55
N HIS G 279 -18.44 22.61 -0.32
CA HIS G 279 -19.41 21.92 -1.19
C HIS G 279 -18.76 20.93 -2.14
N ALA G 280 -17.51 21.19 -2.44
CA ALA G 280 -16.76 20.49 -3.46
C ALA G 280 -16.03 19.25 -2.94
N ILE G 281 -16.04 19.02 -1.63
CA ILE G 281 -15.23 17.96 -1.03
C ILE G 281 -16.20 16.96 -0.41
N LYS G 282 -15.80 15.70 -0.35
CA LYS G 282 -16.51 14.73 0.45
C LYS G 282 -15.58 13.98 1.40
N ASN H 29 -36.99 -12.57 -6.65
CA ASN H 29 -38.24 -13.26 -6.18
C ASN H 29 -38.78 -12.78 -4.84
N LEU H 30 -40.05 -12.37 -4.83
CA LEU H 30 -40.59 -11.68 -3.66
C LEU H 30 -41.69 -12.46 -2.96
N GLU H 31 -41.51 -13.77 -2.83
CA GLU H 31 -42.50 -14.55 -2.11
C GLU H 31 -42.44 -14.22 -0.62
N ASN H 32 -43.57 -14.29 0.06
CA ASN H 32 -43.64 -13.85 1.47
C ASN H 32 -43.10 -12.44 1.69
N LYS H 33 -43.15 -11.62 0.66
CA LYS H 33 -42.96 -10.18 0.81
C LYS H 33 -44.31 -9.49 0.68
N THR H 34 -44.46 -8.38 1.40
CA THR H 34 -45.70 -7.62 1.43
C THR H 34 -45.42 -6.15 1.22
N TYR H 35 -46.03 -5.59 0.19
CA TYR H 35 -45.74 -4.21 -0.17
C TYR H 35 -47.03 -3.43 -0.28
N VAL H 36 -46.98 -2.16 0.16
CA VAL H 36 -48.10 -1.26 0.03
C VAL H 36 -47.88 -0.38 -1.19
N ILE H 37 -48.90 -0.26 -2.02
CA ILE H 37 -48.76 0.45 -3.28
C ILE H 37 -49.78 1.57 -3.27
N MET H 38 -49.28 2.81 -3.34
CA MET H 38 -50.12 3.99 -3.19
C MET H 38 -50.19 4.78 -4.50
N GLY H 39 -51.42 4.94 -5.01
CA GLY H 39 -51.69 5.83 -6.13
C GLY H 39 -52.00 5.13 -7.44
N ILE H 40 -52.72 4.00 -7.37
CA ILE H 40 -53.34 3.47 -8.59
C ILE H 40 -54.70 4.15 -8.80
N ALA H 41 -54.84 4.74 -9.99
CA ALA H 41 -56.10 5.35 -10.42
C ALA H 41 -56.78 4.49 -11.48
N ASN H 42 -55.97 4.04 -12.45
CA ASN H 42 -56.47 3.31 -13.62
C ASN H 42 -55.40 2.42 -14.24
N LYS H 43 -55.75 1.69 -15.30
CA LYS H 43 -54.79 0.76 -15.91
C LYS H 43 -53.48 1.45 -16.33
N ARG H 44 -53.51 2.77 -16.48
CA ARG H 44 -52.30 3.43 -16.93
C ARG H 44 -51.48 3.98 -15.77
N SER H 45 -51.95 3.87 -14.54
CA SER H 45 -51.13 4.38 -13.46
C SER H 45 -49.77 3.68 -13.48
N ILE H 46 -48.72 4.47 -13.23
CA ILE H 46 -47.40 3.97 -12.95
C ILE H 46 -47.41 2.91 -11.84
N ALA H 47 -48.15 3.18 -10.77
CA ALA H 47 -48.32 2.22 -9.69
C ALA H 47 -48.95 0.88 -10.17
N PHE H 48 -49.72 0.88 -11.25
CA PHE H 48 -50.24 -0.41 -11.71
C PHE H 48 -49.13 -1.18 -12.40
N GLY H 49 -48.25 -0.44 -13.06
CA GLY H 49 -47.06 -1.04 -13.64
C GLY H 49 -46.20 -1.71 -12.59
N VAL H 50 -46.08 -1.06 -11.44
CA VAL H 50 -45.34 -1.58 -10.30
C VAL H 50 -46.08 -2.77 -9.73
N ALA H 51 -47.40 -2.66 -9.64
CA ALA H 51 -48.18 -3.74 -9.09
C ALA H 51 -47.95 -5.02 -9.91
N LYS H 52 -48.24 -4.97 -11.21
CA LYS H 52 -48.08 -6.13 -12.09
C LYS H 52 -46.73 -6.81 -11.93
N VAL H 53 -45.66 -6.02 -11.91
CA VAL H 53 -44.30 -6.54 -11.78
C VAL H 53 -44.05 -7.22 -10.43
N LEU H 54 -44.38 -6.55 -9.32
CA LEU H 54 -44.34 -7.17 -8.00
C LEU H 54 -45.26 -8.40 -7.90
N ASP H 55 -46.44 -8.32 -8.50
CA ASP H 55 -47.38 -9.44 -8.39
C ASP H 55 -46.80 -10.66 -9.10
N GLN H 56 -46.32 -10.43 -10.32
CA GLN H 56 -45.56 -11.37 -11.12
C GLN H 56 -44.42 -12.00 -10.31
N LEU H 57 -43.70 -11.22 -9.51
CA LEU H 57 -42.62 -11.73 -8.66
C LEU H 57 -43.06 -12.40 -7.36
N GLY H 58 -44.36 -12.64 -7.20
CA GLY H 58 -44.89 -13.44 -6.09
C GLY H 58 -45.29 -12.67 -4.84
N ALA H 59 -45.03 -11.36 -4.82
CA ALA H 59 -45.38 -10.54 -3.65
C ALA H 59 -46.88 -10.49 -3.33
N LYS H 60 -47.17 -10.26 -2.04
CA LYS H 60 -48.51 -9.88 -1.58
C LYS H 60 -48.64 -8.37 -1.64
N LEU H 61 -49.76 -7.88 -2.17
CA LEU H 61 -49.92 -6.44 -2.38
C LEU H 61 -51.09 -5.87 -1.60
N VAL H 62 -50.85 -4.76 -0.90
CA VAL H 62 -51.91 -3.93 -0.36
C VAL H 62 -51.99 -2.66 -1.19
N PHE H 63 -53.21 -2.24 -1.52
CA PHE H 63 -53.39 -0.99 -2.25
C PHE H 63 -54.02 0.15 -1.45
N THR H 64 -53.60 1.39 -1.70
CA THR H 64 -54.31 2.49 -1.08
C THR H 64 -54.81 3.44 -2.16
N TYR H 65 -56.12 3.76 -2.14
CA TYR H 65 -56.77 4.65 -3.12
C TYR H 65 -57.28 5.91 -2.43
N ARG H 66 -57.68 6.92 -3.20
CA ARG H 66 -58.04 8.16 -2.56
C ARG H 66 -59.56 8.34 -2.51
N LYS H 67 -60.25 8.01 -3.59
CA LYS H 67 -61.67 8.30 -3.57
C LYS H 67 -62.47 7.09 -4.05
N GLU H 68 -63.73 6.96 -3.63
CA GLU H 68 -64.45 5.70 -3.85
C GLU H 68 -64.51 5.24 -5.30
N ARG H 69 -64.50 6.19 -6.22
CA ARG H 69 -64.38 5.90 -7.63
C ARG H 69 -63.22 4.94 -7.91
N SER H 70 -62.04 5.24 -7.42
CA SER H 70 -60.94 4.34 -7.75
C SER H 70 -61.13 2.96 -7.10
N ARG H 71 -62.15 2.81 -6.25
CA ARG H 71 -62.38 1.51 -5.59
C ARG H 71 -62.99 0.48 -6.54
N LYS H 72 -64.19 0.76 -7.05
CA LYS H 72 -64.81 -0.09 -8.08
C LYS H 72 -63.80 -0.40 -9.19
N GLU H 73 -62.88 0.54 -9.44
CA GLU H 73 -61.95 0.50 -10.56
C GLU H 73 -60.78 -0.43 -10.26
N LEU H 74 -60.10 -0.12 -9.16
CA LEU H 74 -59.12 -1.01 -8.57
C LEU H 74 -59.60 -2.43 -8.47
N GLU H 75 -60.79 -2.65 -7.88
CA GLU H 75 -61.35 -3.99 -7.75
C GLU H 75 -61.29 -4.73 -9.08
N LYS H 76 -61.59 -4.02 -10.16
CA LYS H 76 -61.59 -4.61 -11.50
C LYS H 76 -60.17 -4.89 -11.98
N LEU H 77 -59.26 -3.92 -11.78
CA LEU H 77 -57.85 -4.11 -12.11
C LEU H 77 -57.19 -5.32 -11.44
N LEU H 78 -57.47 -5.55 -10.17
CA LEU H 78 -56.95 -6.73 -9.48
C LEU H 78 -57.50 -8.09 -9.98
N GLU H 79 -58.46 -8.10 -10.88
CA GLU H 79 -58.82 -9.38 -11.49
C GLU H 79 -57.72 -9.87 -12.42
N GLN H 80 -56.94 -8.93 -12.96
CA GLN H 80 -55.71 -9.22 -13.69
C GLN H 80 -54.65 -9.90 -12.83
N LEU H 81 -54.35 -9.34 -11.67
CA LEU H 81 -53.26 -9.82 -10.84
C LEU H 81 -53.51 -11.20 -10.24
N ASN H 82 -52.51 -11.73 -9.54
CA ASN H 82 -52.65 -13.05 -8.96
C ASN H 82 -52.98 -12.99 -7.49
N GLN H 83 -53.42 -11.84 -7.02
CA GLN H 83 -53.74 -11.69 -5.61
C GLN H 83 -54.92 -12.58 -5.24
N PRO H 84 -54.78 -13.39 -4.17
CA PRO H 84 -55.94 -14.17 -3.75
C PRO H 84 -56.99 -13.25 -3.12
N GLU H 85 -56.55 -12.13 -2.53
CA GLU H 85 -57.48 -11.18 -1.89
C GLU H 85 -57.28 -9.71 -2.24
N ALA H 86 -58.37 -8.96 -2.08
CA ALA H 86 -58.37 -7.53 -2.22
C ALA H 86 -58.06 -6.88 -0.87
N HIS H 87 -56.86 -6.34 -0.75
CA HIS H 87 -56.54 -5.49 0.39
C HIS H 87 -56.45 -4.05 -0.11
N LEU H 88 -57.46 -3.26 0.25
CA LEU H 88 -57.80 -2.01 -0.40
C LEU H 88 -58.22 -1.08 0.71
N TYR H 89 -57.68 0.14 0.69
CA TYR H 89 -57.79 1.05 1.81
C TYR H 89 -57.86 2.42 1.21
N GLN H 90 -58.85 3.19 1.63
CA GLN H 90 -58.88 4.56 1.20
C GLN H 90 -57.94 5.38 2.07
N ILE H 91 -56.95 6.05 1.47
CA ILE H 91 -56.16 7.00 2.21
C ILE H 91 -55.95 8.19 1.31
N ASP H 92 -56.51 9.31 1.73
CA ASP H 92 -56.14 10.60 1.18
C ASP H 92 -54.99 11.17 2.00
N VAL H 93 -53.81 11.37 1.42
CA VAL H 93 -52.60 11.76 2.20
C VAL H 93 -52.61 13.21 2.69
N GLN H 94 -53.72 13.88 2.43
CA GLN H 94 -53.88 15.21 2.96
C GLN H 94 -54.31 15.13 4.40
N SER H 95 -54.77 13.96 4.84
CA SER H 95 -55.15 13.75 6.24
C SER H 95 -54.17 12.88 7.02
N ASP H 96 -53.53 13.45 8.02
CA ASP H 96 -52.83 12.66 9.04
C ASP H 96 -53.59 11.44 9.53
N GLU H 97 -54.80 11.65 10.04
CA GLU H 97 -55.62 10.54 10.50
C GLU H 97 -55.91 9.45 9.49
N GLU H 98 -56.14 9.81 8.23
CA GLU H 98 -56.34 8.78 7.23
C GLU H 98 -55.01 8.04 6.95
N VAL H 99 -53.88 8.72 7.02
CA VAL H 99 -52.63 8.00 6.85
C VAL H 99 -52.39 7.15 8.11
N ILE H 100 -52.55 7.77 9.29
CA ILE H 100 -52.33 7.08 10.57
C ILE H 100 -53.23 5.84 10.69
N ASN H 101 -54.55 5.98 10.52
CA ASN H 101 -55.47 4.86 10.72
C ASN H 101 -55.35 3.83 9.64
N GLY H 102 -55.14 4.33 8.43
CA GLY H 102 -54.84 3.51 7.26
C GLY H 102 -53.73 2.50 7.45
N PHE H 103 -52.55 2.98 7.84
CA PHE H 103 -51.44 2.05 8.01
C PHE H 103 -51.73 1.18 9.23
N GLU H 104 -52.20 1.79 10.32
CA GLU H 104 -52.65 1.00 11.48
C GLU H 104 -53.55 -0.19 11.08
N GLN H 105 -54.47 0.01 10.16
CA GLN H 105 -55.39 -1.07 9.74
C GLN H 105 -54.67 -2.14 8.93
N ILE H 106 -53.89 -1.67 7.94
CA ILE H 106 -53.02 -2.55 7.13
C ILE H 106 -52.23 -3.52 8.02
N GLY H 107 -51.56 -2.97 9.03
CA GLY H 107 -50.92 -3.79 10.05
C GLY H 107 -51.84 -4.79 10.74
N LYS H 108 -53.08 -4.41 11.02
CA LYS H 108 -53.98 -5.37 11.66
C LYS H 108 -54.44 -6.43 10.66
N ASP H 109 -54.63 -6.06 9.40
CA ASP H 109 -55.26 -6.97 8.44
C ASP H 109 -54.26 -7.93 7.81
N VAL H 110 -52.98 -7.54 7.81
CA VAL H 110 -51.98 -8.14 6.95
C VAL H 110 -50.64 -8.34 7.65
N GLY H 111 -50.37 -7.56 8.70
CA GLY H 111 -49.20 -7.79 9.54
C GLY H 111 -48.12 -6.85 9.04
N ASN H 112 -46.90 -7.00 9.56
CA ASN H 112 -45.71 -6.36 9.03
C ASN H 112 -45.51 -6.36 7.52
N ILE H 113 -44.99 -5.24 7.02
CA ILE H 113 -44.74 -5.06 5.57
C ILE H 113 -43.25 -4.93 5.27
N ASP H 114 -42.92 -5.03 3.98
CA ASP H 114 -41.53 -5.03 3.55
C ASP H 114 -41.12 -3.76 2.82
N GLY H 115 -42.11 -3.00 2.35
CA GLY H 115 -41.83 -1.65 1.90
C GLY H 115 -43.09 -0.98 1.41
N VAL H 116 -42.90 0.26 0.97
CA VAL H 116 -43.96 1.13 0.42
C VAL H 116 -43.59 1.71 -0.94
N TYR H 117 -44.48 1.53 -1.91
CA TYR H 117 -44.33 2.29 -3.15
C TYR H 117 -45.26 3.48 -3.25
N HIS H 118 -44.64 4.66 -3.18
CA HIS H 118 -45.33 5.94 -3.31
C HIS H 118 -45.41 6.43 -4.76
N SER H 119 -46.63 6.53 -5.30
CA SER H 119 -46.88 7.00 -6.67
C SER H 119 -47.96 8.08 -6.60
N ILE H 120 -47.64 9.15 -5.86
CA ILE H 120 -48.62 10.18 -5.54
C ILE H 120 -48.15 11.64 -5.67
N ALA H 121 -48.98 12.44 -6.33
CA ALA H 121 -48.65 13.83 -6.54
C ALA H 121 -49.91 14.61 -6.93
N PHE H 122 -49.87 15.92 -6.75
CA PHE H 122 -51.00 16.77 -7.16
C PHE H 122 -50.60 18.23 -7.28
N ALA H 123 -51.19 18.86 -8.29
CA ALA H 123 -51.16 20.32 -8.45
C ALA H 123 -52.40 20.75 -9.21
N ASN H 124 -52.90 21.95 -8.94
CA ASN H 124 -54.03 22.46 -9.71
C ASN H 124 -53.59 22.66 -11.15
N MET H 125 -54.51 22.34 -12.05
CA MET H 125 -54.27 22.46 -13.47
C MET H 125 -53.78 23.87 -13.89
N GLU H 126 -54.35 24.95 -13.38
CA GLU H 126 -53.89 26.25 -13.88
C GLU H 126 -52.42 26.57 -13.55
N ASP H 127 -51.88 25.84 -12.58
CA ASP H 127 -50.50 26.04 -12.19
C ASP H 127 -49.54 25.20 -13.03
N LEU H 128 -50.03 24.39 -13.97
CA LEU H 128 -49.13 23.51 -14.75
C LEU H 128 -48.93 23.90 -16.23
N ARG H 129 -48.83 25.22 -16.43
CA ARG H 129 -48.75 25.86 -17.74
C ARG H 129 -48.52 27.34 -17.48
N GLY H 130 -48.44 28.13 -18.53
CA GLY H 130 -48.15 29.56 -18.39
C GLY H 130 -46.95 29.85 -17.49
N ARG H 131 -47.15 30.63 -16.43
CA ARG H 131 -46.01 31.28 -15.78
C ARG H 131 -45.86 30.81 -14.33
N PHE H 132 -44.76 30.11 -14.07
CA PHE H 132 -44.44 29.66 -12.73
C PHE H 132 -44.57 30.83 -11.73
N SER H 133 -44.03 31.98 -12.12
CA SER H 133 -43.96 33.15 -11.24
C SER H 133 -45.36 33.64 -10.81
N GLU H 134 -46.40 33.04 -11.37
CA GLU H 134 -47.76 33.47 -11.13
C GLU H 134 -48.46 32.44 -10.24
N THR H 135 -47.71 31.48 -9.72
CA THR H 135 -48.26 30.43 -8.86
C THR H 135 -48.79 31.00 -7.54
N SER H 136 -50.01 30.62 -7.17
CA SER H 136 -50.58 30.99 -5.89
C SER H 136 -49.96 30.26 -4.68
N ARG H 137 -49.94 30.94 -3.54
CA ARG H 137 -49.55 30.36 -2.27
C ARG H 137 -50.25 29.03 -2.00
N GLU H 138 -51.56 29.03 -2.25
CA GLU H 138 -52.41 27.89 -1.93
CA GLU H 138 -52.37 27.87 -1.89
C GLU H 138 -52.05 26.71 -2.84
N GLY H 139 -51.77 27.03 -4.10
CA GLY H 139 -51.53 26.01 -5.11
C GLY H 139 -50.11 25.48 -4.95
N PHE H 140 -49.22 26.35 -4.52
CA PHE H 140 -47.87 25.94 -4.24
C PHE H 140 -47.85 25.07 -2.99
N LEU H 141 -48.55 25.47 -1.93
CA LEU H 141 -48.55 24.65 -0.75
C LEU H 141 -49.31 23.32 -0.93
N LEU H 142 -50.38 23.32 -1.71
CA LEU H 142 -51.07 22.09 -2.04
C LEU H 142 -50.10 21.07 -2.64
N ALA H 143 -49.33 21.52 -3.62
CA ALA H 143 -48.43 20.63 -4.31
C ALA H 143 -47.39 20.10 -3.29
N GLN H 144 -46.82 20.97 -2.47
CA GLN H 144 -45.87 20.52 -1.45
C GLN H 144 -46.51 19.49 -0.53
N ASP H 145 -47.71 19.78 -0.09
CA ASP H 145 -48.43 18.95 0.83
C ASP H 145 -48.57 17.52 0.29
N ILE H 146 -49.25 17.36 -0.86
CA ILE H 146 -49.56 16.05 -1.40
C ILE H 146 -48.34 15.33 -2.02
N SER H 147 -47.48 16.04 -2.73
CA SER H 147 -46.47 15.42 -3.59
C SER H 147 -45.16 15.15 -2.84
N SER H 148 -44.99 15.86 -1.73
CA SER H 148 -43.76 15.78 -0.97
C SER H 148 -44.00 15.44 0.50
N TYR H 149 -44.80 16.22 1.20
CA TYR H 149 -44.86 16.00 2.63
C TYR H 149 -45.50 14.64 2.94
N SER H 150 -46.42 14.21 2.09
CA SER H 150 -47.09 12.93 2.30
C SER H 150 -46.10 11.77 2.43
N LEU H 151 -44.99 11.81 1.69
CA LEU H 151 -43.97 10.79 1.86
C LEU H 151 -43.50 10.68 3.31
N THR H 152 -43.20 11.83 3.93
CA THR H 152 -42.67 11.90 5.29
C THR H 152 -43.66 11.25 6.26
N ILE H 153 -44.93 11.60 6.17
CA ILE H 153 -45.92 11.05 7.10
C ILE H 153 -46.12 9.56 6.77
N VAL H 154 -46.25 9.21 5.49
CA VAL H 154 -46.26 7.81 5.11
C VAL H 154 -45.08 7.00 5.69
N ALA H 155 -43.86 7.53 5.54
CA ALA H 155 -42.69 6.84 6.07
C ALA H 155 -42.77 6.64 7.57
N HIS H 156 -43.11 7.68 8.33
CA HIS H 156 -43.22 7.59 9.79
C HIS H 156 -44.26 6.54 10.16
N GLU H 157 -45.37 6.51 9.44
CA GLU H 157 -46.41 5.56 9.79
C GLU H 157 -46.03 4.14 9.35
N ALA H 158 -45.46 4.03 8.14
CA ALA H 158 -45.07 2.76 7.55
C ALA H 158 -43.92 2.06 8.30
N LYS H 159 -43.01 2.86 8.85
CA LYS H 159 -41.95 2.40 9.74
C LYS H 159 -42.47 1.53 10.89
N LYS H 160 -43.57 1.96 11.51
CA LYS H 160 -44.20 1.19 12.56
C LYS H 160 -44.44 -0.26 12.11
N LEU H 161 -44.63 -0.47 10.81
CA LEU H 161 -44.93 -1.81 10.27
C LEU H 161 -43.71 -2.51 9.67
N MET H 162 -42.53 -1.93 9.86
CA MET H 162 -41.31 -2.58 9.37
C MET H 162 -40.24 -2.59 10.45
N PRO H 163 -40.49 -3.33 11.56
CA PRO H 163 -39.54 -3.35 12.67
C PRO H 163 -38.16 -3.89 12.27
N GLU H 164 -38.07 -4.69 11.22
CA GLU H 164 -36.77 -5.23 10.89
C GLU H 164 -36.16 -4.57 9.67
N GLY H 165 -36.69 -3.40 9.33
CA GLY H 165 -36.25 -2.64 8.17
C GLY H 165 -37.16 -2.87 6.98
N GLY H 166 -36.83 -2.24 5.86
CA GLY H 166 -37.71 -2.35 4.72
C GLY H 166 -37.30 -1.35 3.69
N SER H 167 -38.20 -1.04 2.77
CA SER H 167 -37.75 -0.24 1.63
C SER H 167 -38.85 0.69 1.16
N ILE H 168 -38.53 1.99 1.05
CA ILE H 168 -39.54 2.93 0.56
C ILE H 168 -39.11 3.62 -0.71
N VAL H 169 -40.00 3.63 -1.69
CA VAL H 169 -39.68 4.20 -2.98
C VAL H 169 -40.72 5.23 -3.38
N ALA H 170 -40.28 6.46 -3.68
CA ALA H 170 -41.16 7.49 -4.26
C ALA H 170 -40.86 7.69 -5.76
N THR H 171 -41.83 8.25 -6.48
CA THR H 171 -41.72 8.61 -7.89
C THR H 171 -41.50 10.12 -8.18
N THR H 172 -40.39 10.42 -8.83
CA THR H 172 -40.12 11.80 -9.17
C THR H 172 -40.01 11.99 -10.70
N TYR H 173 -39.67 13.20 -11.12
CA TYR H 173 -39.49 13.50 -12.52
C TYR H 173 -38.27 14.41 -12.62
N LEU H 174 -37.55 14.37 -13.74
CA LEU H 174 -36.33 15.16 -13.95
C LEU H 174 -36.55 16.65 -13.65
N GLY H 175 -37.78 17.09 -13.85
CA GLY H 175 -38.22 18.42 -13.51
C GLY H 175 -37.99 18.86 -12.08
N GLY H 176 -37.75 17.94 -11.16
CA GLY H 176 -37.28 18.39 -9.86
C GLY H 176 -35.81 18.74 -9.78
N GLU H 177 -35.04 18.49 -10.85
CA GLU H 177 -33.59 18.72 -10.89
C GLU H 177 -33.21 19.87 -11.81
N PHE H 178 -34.00 20.03 -12.86
CA PHE H 178 -33.80 21.09 -13.84
C PHE H 178 -35.12 21.78 -14.00
N ALA H 179 -35.12 23.05 -14.38
CA ALA H 179 -36.41 23.67 -14.72
C ALA H 179 -36.84 23.19 -16.10
N VAL H 180 -37.98 22.50 -16.13
CA VAL H 180 -38.59 22.03 -17.37
C VAL H 180 -39.83 22.87 -17.62
N GLN H 181 -39.84 23.63 -18.71
CA GLN H 181 -41.00 24.39 -19.15
C GLN H 181 -42.34 23.66 -18.91
N ASN H 182 -43.34 24.37 -18.38
CA ASN H 182 -44.70 23.88 -18.06
C ASN H 182 -44.84 23.14 -16.72
N TYR H 183 -43.81 22.41 -16.32
CA TYR H 183 -43.90 21.56 -15.15
C TYR H 183 -44.00 22.36 -13.87
N ASN H 184 -43.35 23.52 -13.86
CA ASN H 184 -43.62 24.60 -12.89
C ASN H 184 -43.73 24.18 -11.44
N VAL H 185 -44.86 24.40 -10.80
CA VAL H 185 -44.95 24.20 -9.35
C VAL H 185 -44.63 22.74 -8.98
N MET H 186 -44.93 21.79 -9.86
CA MET H 186 -44.62 20.38 -9.63
C MET H 186 -43.12 20.09 -9.62
N GLY H 187 -42.39 20.79 -10.48
CA GLY H 187 -40.94 20.77 -10.39
C GLY H 187 -40.36 21.19 -9.04
N VAL H 188 -40.96 22.17 -8.39
CA VAL H 188 -40.47 22.63 -7.07
C VAL H 188 -40.96 21.65 -6.00
N ALA H 189 -42.09 20.99 -6.22
CA ALA H 189 -42.56 19.96 -5.32
C ALA H 189 -41.71 18.70 -5.44
N LYS H 190 -41.41 18.24 -6.66
CA LYS H 190 -40.43 17.18 -6.85
C LYS H 190 -39.04 17.52 -6.29
N ALA H 191 -38.57 18.76 -6.43
CA ALA H 191 -37.25 19.02 -5.89
C ALA H 191 -37.38 18.75 -4.40
N SER H 192 -38.51 19.19 -3.85
CA SER H 192 -38.82 18.97 -2.45
C SER H 192 -38.85 17.48 -2.13
N LEU H 193 -39.61 16.67 -2.87
CA LEU H 193 -39.65 15.21 -2.70
C LEU H 193 -38.29 14.51 -2.79
N GLU H 194 -37.45 14.87 -3.76
CA GLU H 194 -36.09 14.36 -3.81
C GLU H 194 -35.21 14.72 -2.60
N ALA H 195 -35.39 15.91 -1.99
CA ALA H 195 -34.67 16.14 -0.74
C ALA H 195 -35.30 15.40 0.47
N ASN H 196 -36.59 15.12 0.41
CA ASN H 196 -37.30 14.45 1.48
C ASN H 196 -36.71 13.04 1.60
N VAL H 197 -36.62 12.39 0.42
CA VAL H 197 -35.89 11.12 0.24
C VAL H 197 -34.51 11.18 0.91
N LYS H 198 -33.65 12.08 0.48
CA LYS H 198 -32.38 12.23 1.19
C LYS H 198 -32.55 12.26 2.71
N TYR H 199 -33.52 13.04 3.20
CA TYR H 199 -33.58 13.25 4.62
C TYR H 199 -34.22 12.04 5.29
N LEU H 200 -35.25 11.45 4.67
CA LEU H 200 -35.78 10.18 5.16
C LEU H 200 -34.67 9.10 5.15
N ALA H 201 -33.79 9.08 4.14
CA ALA H 201 -32.69 8.12 4.09
C ALA H 201 -31.76 8.21 5.30
N LEU H 202 -31.31 9.42 5.61
CA LEU H 202 -30.40 9.68 6.71
C LEU H 202 -31.10 9.25 8.01
N ASP H 203 -32.31 9.75 8.25
CA ASP H 203 -33.05 9.48 9.49
C ASP H 203 -33.39 8.00 9.66
N LEU H 204 -33.85 7.36 8.58
CA LEU H 204 -34.45 6.02 8.73
C LEU H 204 -33.43 4.89 8.48
N GLY H 205 -32.23 5.29 8.07
CA GLY H 205 -31.16 4.34 7.72
C GLY H 205 -30.75 3.52 8.94
N PRO H 206 -30.60 4.17 10.11
CA PRO H 206 -30.23 3.36 11.27
C PRO H 206 -31.30 2.37 11.69
N ASP H 207 -32.49 2.46 11.11
CA ASP H 207 -33.54 1.48 11.37
C ASP H 207 -33.58 0.46 10.26
N ASN H 208 -32.61 0.61 9.36
CA ASN H 208 -32.52 -0.23 8.19
C ASN H 208 -33.69 -0.01 7.24
N ILE H 209 -34.21 1.21 7.15
CA ILE H 209 -35.25 1.42 6.17
C ILE H 209 -34.58 2.21 5.09
N ARG H 210 -34.63 1.71 3.86
CA ARG H 210 -33.95 2.48 2.80
C ARG H 210 -35.01 3.29 2.08
N VAL H 211 -34.62 4.49 1.65
CA VAL H 211 -35.57 5.36 0.94
C VAL H 211 -34.91 5.84 -0.32
N ASN H 212 -35.58 5.60 -1.44
CA ASN H 212 -35.10 6.03 -2.74
C ASN H 212 -36.22 6.60 -3.61
N ALA H 213 -35.80 7.21 -4.72
CA ALA H 213 -36.67 7.82 -5.72
C ALA H 213 -36.45 7.04 -7.01
N ILE H 214 -37.54 6.75 -7.74
CA ILE H 214 -37.40 6.53 -9.17
C ILE H 214 -37.84 7.76 -9.95
N SER H 215 -36.91 8.34 -10.72
CA SER H 215 -37.26 9.43 -11.62
C SER H 215 -37.65 8.92 -12.99
N ALA H 216 -38.95 8.84 -13.23
CA ALA H 216 -39.53 8.18 -14.41
C ALA H 216 -39.50 9.11 -15.63
N GLY H 217 -39.34 8.56 -16.82
CA GLY H 217 -39.43 9.35 -18.04
C GLY H 217 -40.89 9.68 -18.24
N PRO H 218 -41.25 10.32 -19.35
CA PRO H 218 -42.69 10.54 -19.47
C PRO H 218 -43.50 9.35 -19.95
N ILE H 219 -44.69 9.20 -19.37
CA ILE H 219 -45.61 8.11 -19.62
C ILE H 219 -47.03 8.67 -19.71
N ARG H 220 -47.79 8.29 -20.74
CA ARG H 220 -49.21 8.64 -20.79
C ARG H 220 -49.98 8.01 -19.62
N THR H 221 -50.18 8.82 -18.57
CA THR H 221 -51.06 8.54 -17.44
C THR H 221 -52.26 9.50 -17.40
N LEU H 222 -53.35 9.10 -16.76
CA LEU H 222 -54.35 10.04 -16.28
C LEU H 222 -53.78 11.41 -15.84
N SER H 223 -52.91 11.47 -14.86
CA SER H 223 -52.39 12.77 -14.42
C SER H 223 -51.55 13.53 -15.42
N ALA H 224 -50.96 12.86 -16.40
CA ALA H 224 -50.10 13.60 -17.34
C ALA H 224 -50.94 14.35 -18.38
N LYS H 225 -52.24 14.12 -18.40
CA LYS H 225 -53.10 15.01 -19.17
C LYS H 225 -53.06 16.46 -18.67
N GLY H 226 -52.90 16.64 -17.37
CA GLY H 226 -52.90 17.97 -16.81
C GLY H 226 -51.64 18.79 -17.02
N VAL H 227 -50.57 18.18 -17.55
CA VAL H 227 -49.32 18.91 -17.75
C VAL H 227 -49.29 19.51 -19.16
N GLY H 228 -48.91 20.77 -19.24
CA GLY H 228 -48.89 21.43 -20.54
C GLY H 228 -47.80 20.80 -21.39
N GLY H 229 -48.06 20.67 -22.69
CA GLY H 229 -47.04 20.27 -23.66
C GLY H 229 -46.35 18.93 -23.38
N PHE H 230 -47.09 18.02 -22.75
CA PHE H 230 -46.60 16.68 -22.48
C PHE H 230 -46.33 15.88 -23.77
N ASN H 231 -47.21 15.96 -24.76
CA ASN H 231 -46.92 15.29 -26.04
C ASN H 231 -45.63 15.80 -26.68
N THR H 232 -45.33 17.09 -26.53
CA THR H 232 -44.08 17.61 -27.09
C THR H 232 -42.86 16.97 -26.43
N ILE H 233 -42.95 16.69 -25.13
CA ILE H 233 -41.85 16.03 -24.42
C ILE H 233 -41.70 14.55 -24.82
N LEU H 234 -42.79 13.78 -24.81
CA LEU H 234 -42.81 12.44 -25.38
C LEU H 234 -41.99 12.28 -26.66
N LYS H 235 -42.13 13.22 -27.59
CA LYS H 235 -41.45 13.15 -28.88
C LYS H 235 -40.00 13.56 -28.77
N GLU H 236 -39.69 14.52 -27.91
CA GLU H 236 -38.30 14.90 -27.69
C GLU H 236 -37.46 13.71 -27.21
N ILE H 237 -38.02 12.91 -26.29
CA ILE H 237 -37.33 11.74 -25.74
C ILE H 237 -36.97 10.77 -26.85
N GLU H 238 -37.95 10.40 -27.68
CA GLU H 238 -37.71 9.58 -28.85
C GLU H 238 -36.58 10.14 -29.71
N GLU H 239 -36.58 11.44 -29.93
CA GLU H 239 -35.56 11.99 -30.79
C GLU H 239 -34.19 12.11 -30.14
N ARG H 240 -34.15 12.34 -28.84
CA ARG H 240 -32.94 12.85 -28.21
CA ARG H 240 -32.93 12.86 -28.22
C ARG H 240 -32.38 11.95 -27.12
N ALA H 241 -33.20 11.05 -26.56
CA ALA H 241 -32.69 10.23 -25.44
C ALA H 241 -31.71 9.20 -26.00
N PRO H 242 -30.67 8.81 -25.21
CA PRO H 242 -29.83 7.69 -25.68
C PRO H 242 -30.61 6.49 -26.25
N LEU H 243 -31.67 6.02 -25.60
CA LEU H 243 -32.34 4.81 -26.10
C LEU H 243 -33.26 5.11 -27.26
N LYS H 244 -33.47 6.38 -27.57
CA LYS H 244 -34.28 6.76 -28.75
C LYS H 244 -35.66 6.11 -28.71
N ARG H 245 -36.21 6.03 -27.51
CA ARG H 245 -37.54 5.50 -27.30
C ARG H 245 -38.00 5.95 -25.92
N ASN H 246 -39.31 5.85 -25.66
CA ASN H 246 -39.87 6.19 -24.36
C ASN H 246 -39.91 4.98 -23.45
N VAL H 247 -40.23 5.20 -22.17
CA VAL H 247 -40.26 4.11 -21.18
C VAL H 247 -41.71 3.74 -20.88
N ASP H 248 -41.98 2.57 -20.29
CA ASP H 248 -43.33 2.37 -19.79
C ASP H 248 -43.46 2.02 -18.30
N GLN H 249 -44.69 1.94 -17.81
CA GLN H 249 -44.94 1.70 -16.39
C GLN H 249 -44.33 0.38 -15.92
N VAL H 250 -44.32 -0.59 -16.82
CA VAL H 250 -43.66 -1.85 -16.51
C VAL H 250 -42.14 -1.67 -16.31
N GLU H 251 -41.48 -0.81 -17.09
CA GLU H 251 -40.05 -0.63 -16.85
C GLU H 251 -39.85 0.07 -15.56
N VAL H 252 -40.78 0.95 -15.18
CA VAL H 252 -40.63 1.63 -13.88
C VAL H 252 -40.75 0.60 -12.76
N GLY H 253 -41.69 -0.34 -12.93
CA GLY H 253 -41.95 -1.36 -11.91
C GLY H 253 -40.85 -2.38 -11.75
N LYS H 254 -40.14 -2.64 -12.85
CA LYS H 254 -38.98 -3.52 -12.79
C LYS H 254 -37.90 -2.89 -11.91
N THR H 255 -37.67 -1.59 -12.05
CA THR H 255 -36.70 -0.90 -11.24
C THR H 255 -37.20 -0.75 -9.79
N ALA H 256 -38.51 -0.62 -9.61
CA ALA H 256 -39.06 -0.66 -8.26
C ALA H 256 -38.87 -2.01 -7.58
N ALA H 257 -39.05 -3.09 -8.34
CA ALA H 257 -38.67 -4.41 -7.87
C ALA H 257 -37.23 -4.44 -7.30
N TYR H 258 -36.26 -3.97 -8.08
CA TYR H 258 -34.90 -3.83 -7.57
C TYR H 258 -34.83 -3.03 -6.26
N LEU H 259 -35.47 -1.86 -6.23
CA LEU H 259 -35.31 -0.97 -5.09
C LEU H 259 -36.03 -1.47 -3.85
N LEU H 260 -37.12 -2.19 -4.05
CA LEU H 260 -37.95 -2.69 -2.95
C LEU H 260 -37.42 -3.99 -2.35
N SER H 261 -36.50 -4.63 -3.08
CA SER H 261 -36.00 -5.94 -2.73
C SER H 261 -34.58 -5.86 -2.21
N ASP H 262 -34.00 -7.00 -1.85
CA ASP H 262 -32.67 -7.08 -1.27
C ASP H 262 -31.56 -6.86 -2.29
N LEU H 263 -31.88 -6.95 -3.58
CA LEU H 263 -30.89 -6.70 -4.63
C LEU H 263 -30.25 -5.33 -4.45
N SER H 264 -31.05 -4.40 -3.92
CA SER H 264 -30.62 -3.03 -3.73
C SER H 264 -30.16 -2.73 -2.30
N SER H 265 -29.84 -3.76 -1.51
N SER H 265 -29.72 -3.75 -1.56
CA SER H 265 -29.22 -3.47 -0.22
CA SER H 265 -29.50 -3.63 -0.11
C SER H 265 -27.95 -2.66 -0.51
C SER H 265 -28.59 -2.49 0.36
N GLY H 266 -27.58 -1.79 0.41
N GLY H 266 -27.65 -2.09 -0.49
CA GLY H 266 -26.48 -0.87 0.14
CA GLY H 266 -26.61 -1.13 -0.09
C GLY H 266 -26.90 0.45 -0.47
C GLY H 266 -26.86 0.28 -0.60
N VAL H 267 -28.05 0.46 -1.16
CA VAL H 267 -28.43 1.66 -1.89
C VAL H 267 -29.55 2.40 -1.17
N THR H 268 -29.23 3.61 -0.75
CA THR H 268 -30.25 4.45 -0.12
C THR H 268 -29.98 5.93 -0.42
N GLY H 269 -31.01 6.75 -0.38
CA GLY H 269 -30.91 8.17 -0.68
C GLY H 269 -30.60 8.41 -2.15
N GLU H 270 -30.89 7.41 -2.97
CA GLU H 270 -30.60 7.44 -4.40
C GLU H 270 -31.85 7.78 -5.23
N ASN H 271 -31.62 8.26 -6.45
CA ASN H 271 -32.63 8.63 -7.43
C ASN H 271 -32.14 7.97 -8.71
N ILE H 272 -32.81 6.89 -9.08
CA ILE H 272 -32.54 6.19 -10.34
C ILE H 272 -33.52 6.61 -11.45
N HIS H 273 -32.94 7.05 -12.57
CA HIS H 273 -33.67 7.61 -13.69
C HIS H 273 -34.00 6.45 -14.60
N VAL H 274 -35.29 6.14 -14.68
CA VAL H 274 -35.75 5.18 -15.67
C VAL H 274 -36.27 6.01 -16.82
N ASP H 275 -35.39 6.49 -17.69
CA ASP H 275 -35.76 7.58 -18.58
C ASP H 275 -35.08 7.55 -19.94
N SER H 276 -34.87 6.34 -20.43
CA SER H 276 -34.15 6.12 -21.68
C SER H 276 -32.84 6.89 -21.77
N GLY H 277 -32.34 7.36 -20.63
CA GLY H 277 -31.01 8.03 -20.51
C GLY H 277 -31.05 9.54 -20.65
N PHE H 278 -32.27 10.09 -20.65
CA PHE H 278 -32.48 11.51 -20.92
C PHE H 278 -31.77 12.42 -19.93
N HIS H 279 -31.65 12.02 -18.67
CA HIS H 279 -31.05 12.86 -17.65
C HIS H 279 -29.57 13.11 -17.89
N ALA H 280 -28.94 12.23 -18.65
CA ALA H 280 -27.46 12.22 -18.77
C ALA H 280 -26.95 13.10 -19.92
N ILE H 281 -27.88 13.64 -20.68
CA ILE H 281 -27.57 14.32 -21.93
C ILE H 281 -28.10 15.74 -21.84
N LYS H 282 -27.49 16.60 -22.63
CA LYS H 282 -27.97 17.97 -22.71
C LYS H 282 -27.83 18.45 -24.18
N GLU I . -1.32 -3.05 5.14
CA GLU I . -2.22 -3.82 6.02
C GLU I . -1.38 -4.64 7.04
O GLU I . -1.37 -5.90 7.00
CB GLU I . -3.19 -4.70 5.19
CG GLU I . -2.45 -5.70 4.30
CD GLU I . -2.86 -7.19 4.46
OE1 GLU I . -2.97 -7.62 5.64
OE2 GLU I . -2.99 -7.89 3.42
OXT GLU I . -0.78 -3.95 7.90
C1 JUS J . 11.76 -3.79 3.56
C2 JUS J . 10.90 -3.11 4.42
C3 JUS J . 10.10 -2.10 3.91
C4 JUS J . 10.23 -1.73 2.58
C5 JUS J . 11.09 -2.40 1.70
C6 JUS J . 11.88 -3.41 2.22
C8 JUS J . 10.47 -2.70 -0.50
C9 JUS J . 9.60 -3.68 -0.09
C10 JUS J . 8.80 -4.36 -1.01
C11 JUS J . 8.86 -4.02 -2.36
C12 JUS J . 9.74 -3.04 -2.79
C13 JUS J . 10.55 -2.38 -1.85
C14 JUS J . 10.74 -3.57 5.87
C15 JUS J . 9.51 -4.46 5.85
C16 JUS J . 9.04 -4.94 7.19
C17 JUS J . 8.75 -6.41 6.95
C18 JUS J . 7.27 -6.71 7.08
C19 JUS J . 7.13 -8.17 6.68
CAD JUS J . 11.39 -1.37 -2.32
O17 JUS J . 12.72 -4.04 1.38
NAB JUS J . 12.07 -0.56 -2.75
O7 JUS J . 11.24 -2.03 0.38
PA NAP K . 11.46 4.10 -1.78
O1A NAP K . 11.64 5.49 -1.23
O2A NAP K . 10.12 3.73 -2.23
O5B NAP K . 12.56 3.87 -2.90
C5B NAP K . 12.63 2.72 -3.70
C4B NAP K . 13.24 3.27 -4.97
O4B NAP K . 13.44 2.22 -5.87
C3B NAP K . 12.40 4.34 -5.65
O3B NAP K . 13.22 5.49 -5.78
C2B NAP K . 12.25 3.75 -7.02
O2B NAP K . 12.26 4.72 -8.06
C1B NAP K . 13.43 2.79 -7.14
N9A NAP K . 13.16 1.81 -8.20
C8A NAP K . 12.23 0.80 -8.20
N7A NAP K . 12.31 0.18 -9.40
C5A NAP K . 13.28 0.79 -10.16
C6A NAP K . 13.77 0.56 -11.46
N6A NAP K . 13.26 -0.42 -12.21
N1A NAP K . 14.80 1.34 -11.93
C2A NAP K . 15.33 2.36 -11.16
N3A NAP K . 14.83 2.59 -9.89
C4A NAP K . 13.81 1.82 -9.41
O3 NAP K . 11.71 3.02 -0.62
PN NAP K . 12.93 2.73 0.36
O1N NAP K . 12.20 2.14 1.49
O2N NAP K . 13.77 3.95 0.52
O5D NAP K . 13.78 1.68 -0.50
C5D NAP K . 15.15 1.81 -0.81
C4D NAP K . 15.85 0.46 -0.64
O4D NAP K . 15.81 0.18 0.75
C3D NAP K . 15.16 -0.73 -1.28
O3D NAP K . 16.14 -1.64 -1.74
C2D NAP K . 14.41 -1.42 -0.16
O2D NAP K . 14.24 -2.80 -0.38
C1D NAP K . 15.40 -1.14 0.93
N1N NAP K . 14.91 -1.32 2.30
C2N NAP K . 13.74 -0.75 2.73
C3N NAP K . 13.38 -0.91 4.06
C7N NAP K . 12.35 -0.03 4.71
O7N NAP K . 11.87 -0.49 5.92
N7N NAP K . 11.87 1.10 4.18
C4N NAP K . 14.18 -1.66 4.93
C5N NAP K . 15.34 -2.25 4.50
C6N NAP K . 15.70 -2.06 3.16
P2B NAP K . 10.90 5.29 -8.71
O1X NAP K . 10.11 4.19 -9.39
O2X NAP K . 11.39 6.37 -9.62
O3X NAP K . 9.96 5.78 -7.62
N GLU L . 36.13 -27.52 -15.00
CA GLU L . 37.60 -27.43 -14.87
C GLU L . 38.11 -28.39 -13.75
O GLU L . 37.28 -29.24 -13.34
CB GLU L . 38.14 -26.01 -14.61
CG GLU L . 39.17 -25.57 -15.63
CD GLU L . 38.38 -25.31 -16.93
OE1 GLU L . 37.87 -26.30 -17.53
OE2 GLU L . 38.20 -24.09 -17.21
OXT GLU L . 39.29 -28.24 -13.37
C1 JUS M . 27.50 -27.34 -7.51
C2 JUS M . 28.65 -28.06 -7.78
C3 JUS M . 28.72 -28.79 -8.95
C4 JUS M . 27.62 -28.83 -9.81
C5 JUS M . 26.46 -28.12 -9.52
C6 JUS M . 26.38 -27.37 -8.35
C8 JUS M . 25.38 -27.10 -11.27
C9 JUS M . 26.37 -26.11 -11.40
C10 JUS M . 26.23 -25.13 -12.39
C11 JUS M . 25.12 -25.13 -13.23
C12 JUS M . 24.17 -26.14 -13.13
C13 JUS M . 24.31 -27.10 -12.11
C14 JUS M . 29.87 -27.97 -6.84
C15 JUS M . 30.69 -26.79 -7.36
C16 JUS M . 32.19 -26.95 -7.14
C17 JUS M . 32.87 -25.62 -6.77
C18 JUS M . 33.03 -24.72 -7.98
C19 JUS M . 33.86 -23.48 -7.62
CAD JUS M . 23.29 -28.08 -11.94
O17 JUS M . 25.23 -26.66 -8.08
NAB JUS M . 22.46 -28.85 -11.81
O7 JUS M . 25.39 -28.13 -10.38
PA NAP N . 23.00 -33.47 -12.97
O1A NAP N . 23.13 -34.94 -12.81
O2A NAP N . 23.59 -32.96 -14.22
O5B NAP N . 21.42 -33.16 -12.84
C5B NAP N . 20.89 -31.85 -12.87
C4B NAP N . 19.48 -32.01 -13.41
O4B NAP N . 18.88 -30.75 -13.60
C3B NAP N . 19.38 -32.74 -14.74
O3B NAP N . 18.58 -33.88 -14.51
C2B NAP N . 18.52 -31.83 -15.59
O2B NAP N . 17.60 -32.54 -16.40
C1B NAP N . 17.83 -31.01 -14.51
N9A NAP N . 17.29 -29.78 -15.08
C8A NAP N . 18.00 -28.70 -15.54
N7A NAP N . 17.12 -27.85 -16.07
C5A NAP N . 15.87 -28.36 -15.95
C6A NAP N . 14.60 -27.88 -16.29
N6A NAP N . 14.46 -26.69 -16.86
N1A NAP N . 13.50 -28.67 -16.03
C2A NAP N . 13.62 -29.89 -15.43
N3A NAP N . 14.87 -30.33 -15.07
C4A NAP N . 15.96 -29.58 -15.33
O3 NAP N . 23.74 -32.68 -11.79
PN NAP N . 23.80 -32.78 -10.19
O1N NAP N . 25.19 -32.40 -9.90
O2N NAP N . 23.23 -34.07 -9.79
O5D NAP N . 22.79 -31.58 -9.86
C5D NAP N . 21.53 -31.78 -9.25
C4D NAP N . 21.35 -30.75 -8.12
O4D NAP N . 22.39 -30.88 -7.17
C3D NAP N . 21.38 -29.31 -8.63
O3D NAP N . 20.59 -28.48 -7.82
C2D NAP N . 22.84 -28.97 -8.39
O2D NAP N . 22.97 -27.57 -8.35
C1D NAP N . 22.96 -29.61 -7.01
N1N NAP N . 24.32 -29.67 -6.46
C2N NAP N . 25.23 -30.36 -7.18
C3N NAP N . 26.54 -30.45 -6.71
C7N NAP N . 27.53 -31.31 -7.45
O7N NAP N . 28.83 -31.22 -6.98
N7N NAP N . 27.25 -32.12 -8.47
C4N NAP N . 26.89 -29.81 -5.53
C5N NAP N . 25.95 -29.06 -4.83
C6N NAP N . 24.63 -29.03 -5.28
P2B NAP N . 17.86 -32.88 -17.97
O1X NAP N . 17.87 -31.64 -18.81
O2X NAP N . 16.65 -33.71 -18.36
O3X NAP N . 19.23 -33.48 -18.15
N GLU O . 11.00 -18.05 36.77
CA GLU O . 9.63 -17.59 36.58
C GLU O . 9.19 -17.84 35.14
O GLU O . 8.73 -16.84 34.55
CB GLU O . 9.54 -16.08 36.71
CG GLU O . 10.61 -15.55 37.67
CD GLU O . 11.32 -14.30 37.14
OE1 GLU O . 10.56 -13.37 36.79
OE2 GLU O . 12.57 -14.27 37.22
OXT GLU O . 9.49 -18.96 34.64
C1 JUS P . 17.40 -24.31 27.01
C2 JUS P . 16.02 -24.36 27.26
C3 JUS P . 15.54 -24.96 28.42
C4 JUS P . 16.41 -25.61 29.29
C5 JUS P . 17.77 -25.59 29.04
C6 JUS P . 18.27 -24.94 27.90
C8 JUS P . 19.32 -25.47 30.80
C9 JUS P . 19.10 -24.10 30.97
C10 JUS P . 19.74 -23.38 31.96
C11 JUS P . 20.64 -24.01 32.82
C12 JUS P . 20.84 -25.38 32.67
C13 JUS P . 20.19 -26.11 31.67
C14 JUS P . 15.07 -23.63 26.30
C15 JUS P . 15.18 -22.15 26.69
C16 JUS P . 13.84 -21.45 26.64
C17 JUS P . 14.10 -19.96 26.44
C18 JUS P . 14.15 -19.17 27.75
C19 JUS P . 14.36 -17.70 27.43
CAD JUS P . 20.41 -27.50 31.53
O17 JUS P . 19.61 -24.91 27.70
NAB JUS P . 20.57 -28.63 31.39
O7 JUS P . 18.65 -26.22 29.87
PA NAP Q . 17.54 -32.00 32.41
O1A NAP Q . 16.56 -33.12 32.24
O2A NAP Q . 17.42 -31.20 33.61
O5B NAP Q . 19.05 -32.46 32.24
C5B NAP Q . 20.11 -31.69 32.72
C4B NAP Q . 21.16 -32.77 32.89
O4B NAP Q . 22.48 -32.25 32.98
C3B NAP Q . 20.89 -33.54 34.18
O3B NAP Q . 20.85 -34.91 33.88
C2B NAP Q . 22.11 -33.29 35.02
O2B NAP Q . 22.46 -34.38 35.84
C1B NAP Q . 23.15 -33.01 33.95
N9A NAP Q . 24.26 -32.29 34.58
C8A NAP Q . 24.29 -31.00 35.03
N7A NAP Q . 25.55 -30.76 35.50
C5A NAP Q . 26.31 -31.88 35.38
C6A NAP Q . 27.60 -32.21 35.75
N6A NAP Q . 28.46 -31.37 36.33
N1A NAP Q . 28.04 -33.49 35.43
C2A NAP Q . 27.22 -34.43 34.86
N3A NAP Q . 25.95 -34.08 34.53
C4A NAP Q . 25.50 -32.84 34.78
O3 NAP Q . 17.34 -30.90 31.25
PN NAP Q . 17.35 -31.01 29.65
O1N NAP Q . 16.55 -29.84 29.29
O2N NAP Q . 16.95 -32.37 29.24
O5D NAP Q . 18.92 -30.79 29.35
C5D NAP Q . 19.66 -31.53 28.41
C4D NAP Q . 20.44 -30.61 27.44
O4D NAP Q . 19.54 -30.01 26.54
C3D NAP Q . 21.12 -29.43 28.11
O3D NAP Q . 22.36 -29.17 27.50
C2D NAP Q . 20.27 -28.21 27.85
O2D NAP Q . 21.07 -27.04 27.89
C1D NAP Q . 19.80 -28.63 26.46
N1N NAP Q . 18.59 -27.97 25.96
C2N NAP Q . 17.42 -28.04 26.66
C3N NAP Q . 16.28 -27.45 26.11
C7N NAP Q . 14.95 -27.51 26.78
O7N NAP Q . 14.00 -26.63 26.23
N7N NAP Q . 14.65 -28.26 27.82
C4N NAP Q . 16.35 -26.80 24.89
C5N NAP Q . 17.54 -26.77 24.18
C6N NAP Q . 18.67 -27.36 24.74
P2B NAP Q . 22.00 -34.42 37.41
O1X NAP Q . 22.86 -33.40 38.11
O2X NAP Q . 22.29 -35.83 37.87
O3X NAP Q . 20.52 -34.12 37.51
C1 JUS R . 43.95 -13.89 16.42
C2 JUS R . 45.03 -13.83 15.54
C3 JUS R . 46.29 -13.51 16.02
C4 JUS R . 46.44 -13.12 17.35
C5 JUS R . 45.35 -13.16 18.20
C6 JUS R . 44.08 -13.54 17.75
C8 JUS R . 45.75 -13.75 20.41
C9 JUS R . 45.91 -15.07 20.03
C10 JUS R . 46.17 -16.04 20.99
C11 JUS R . 46.28 -15.70 22.33
C12 JUS R . 46.10 -14.39 22.72
C13 JUS R . 45.85 -13.41 21.76
C14 JUS R . 44.88 -14.32 14.10
C15 JUS R . 45.61 -15.67 14.05
C16 JUS R . 45.31 -16.41 12.75
C17 JUS R . 46.02 -17.76 12.76
C18 JUS R . 45.03 -18.85 13.09
C19 JUS R . 45.72 -20.19 12.87
CAD JUS R . 45.70 -12.06 22.21
O17 JUS R . 43.00 -13.55 18.60
NAB JUS R . 45.58 -10.99 22.56
O7 JUS R . 45.51 -12.78 19.50
PA NAP S . 48.88 -7.64 21.69
O1A NAP S . 49.39 -6.39 21.06
O2A NAP S . 49.99 -8.48 22.20
O5B NAP S . 47.85 -7.22 22.84
C5B NAP S . 47.19 -8.17 23.62
C4B NAP S . 46.94 -7.43 24.92
O4B NAP S . 46.23 -8.22 25.83
C3B NAP S . 48.25 -7.08 25.61
O3B NAP S . 48.23 -5.69 25.84
C2B NAP S . 48.16 -7.78 26.93
O2B NAP S . 48.74 -7.03 27.98
C1B NAP S . 46.65 -7.82 27.10
N9A NAP S . 46.26 -8.80 28.10
C8A NAP S . 46.41 -10.16 28.06
N7A NAP S . 45.89 -10.66 29.21
C5A NAP S . 45.45 -9.62 29.98
C6A NAP S . 44.88 -9.56 31.25
N6A NAP S . 44.64 -10.66 31.96
N1A NAP S . 44.54 -8.32 31.76
C2A NAP S . 44.76 -7.14 31.05
N3A NAP S . 45.35 -7.22 29.80
C4A NAP S . 45.69 -8.44 29.30
O3 NAP S . 48.09 -8.54 20.59
PN NAP S . 46.95 -8.09 19.54
O1N NAP S . 47.00 -8.99 18.39
O2N NAP S . 46.90 -6.61 19.40
O5D NAP S . 45.63 -8.53 20.36
C5D NAP S . 44.58 -7.62 20.62
C4D NAP S . 43.22 -8.28 20.44
O4D NAP S . 42.98 -8.50 19.07
C3D NAP S . 43.04 -9.64 21.13
O3D NAP S . 41.70 -9.72 21.57
C2D NAP S . 43.23 -10.61 19.99
O2D NAP S . 42.54 -11.82 20.20
C1D NAP S . 42.56 -9.82 18.86
N1N NAP S . 42.88 -10.20 17.49
C2N NAP S . 44.14 -10.23 17.00
C3N NAP S . 44.31 -10.56 15.66
C7N NAP S . 45.68 -10.53 15.05
O7N NAP S . 45.80 -11.13 13.79
N7N NAP S . 46.67 -9.95 15.71
C4N NAP S . 43.25 -10.78 14.80
C5N NAP S . 41.96 -10.70 15.30
C6N NAP S . 41.82 -10.41 16.66
P2B NAP S . 50.18 -7.35 28.65
O1X NAP S . 50.23 -8.79 29.12
O2X NAP S . 50.45 -6.26 29.69
O3X NAP S . 51.18 -7.31 27.51
N GLU T . -1.69 3.89 4.35
CA GLU T . -1.26 4.74 5.48
C GLU T . -2.38 5.71 5.96
O GLU T . -2.53 6.80 5.34
CB GLU T . -0.05 5.55 5.00
CG GLU T . -0.50 6.98 4.66
CD GLU T . 0.63 7.93 4.28
OE1 GLU T . 1.26 8.45 5.24
OE2 GLU T . 0.84 8.12 3.05
OXT GLU T . -2.99 5.42 7.02
C1 JUS U . -11.51 3.63 -4.62
C2 JUS U . -11.33 3.23 -3.30
C3 JUS U . -10.39 2.23 -3.04
C4 JUS U . -9.69 1.62 -4.07
C5 JUS U . -9.88 2.01 -5.39
C6 JUS U . -10.81 3.01 -5.65
C8 JUS U . -8.09 1.91 -6.85
C9 JUS U . -7.54 2.98 -6.16
C10 JUS U . -6.33 3.54 -6.58
C11 JUS U . -5.69 3.01 -7.69
C12 JUS U . -6.21 1.90 -8.38
C13 JUS U . -7.42 1.37 -7.96
C14 JUS U . -12.08 3.93 -2.19
C15 JUS U . -11.15 5.06 -1.77
C16 JUS U . -11.15 5.35 -0.26
C17 JUS U . -11.08 6.87 -0.12
C18 JUS U . -9.70 7.34 0.33
C19 JUS U . -9.51 8.77 -0.12
CAD JUS U . -7.94 0.27 -8.68
O17 JUS U . -11.05 3.39 -6.94
NAB JUS U . -8.39 -0.62 -9.23
O7 JUS U . -9.26 1.35 -6.42
PA NAP V . -8.52 -4.89 -7.28
O1A NAP V . -8.97 -6.19 -6.73
O2A NAP V . -7.13 -4.52 -7.01
O5B NAP V . -8.81 -4.87 -8.85
C5B NAP V . -8.15 -3.95 -9.69
C4B NAP V . -8.04 -4.72 -11.00
O4B NAP V . -7.64 -3.86 -12.05
C3B NAP V . -7.04 -5.87 -10.91
O3B NAP V . -7.71 -7.00 -11.37
C2B NAP V . -6.03 -5.49 -11.97
O2B NAP V . -5.47 -6.59 -12.64
C1B NAP V . -6.86 -4.64 -12.91
N9A NAP V . -6.00 -3.79 -13.74
C8A NAP V . -5.19 -2.75 -13.36
N7A NAP V . -4.52 -2.35 -14.47
C5A NAP V . -4.87 -3.15 -15.52
C6A NAP V . -4.50 -3.18 -16.87
N6A NAP V . -3.62 -2.31 -17.38
N1A NAP V . -5.09 -4.13 -17.68
C2A NAP V . -6.04 -5.02 -17.21
N3A NAP V . -6.35 -5.02 -15.86
C4A NAP V . -5.80 -4.08 -15.06
O3 NAP V . -9.33 -3.69 -6.59
PN NAP V . -10.87 -3.26 -6.63
O1N NAP V . -10.95 -2.49 -5.40
O2N NAP V . -11.69 -4.50 -6.84
O5D NAP V . -10.99 -2.41 -8.00
C5D NAP V . -11.95 -2.67 -9.01
C4D NAP V . -12.61 -1.37 -9.45
O4D NAP V . -13.38 -0.83 -8.37
C3D NAP V . -11.63 -0.26 -9.82
O3D NAP V . -12.18 0.48 -10.88
C2D NAP V . -11.59 0.61 -8.58
O2D NAP V . -11.15 1.91 -8.89
C1D NAP V . -13.05 0.54 -8.22
N1N NAP V . -13.44 0.96 -6.87
C2N NAP V . -12.91 0.38 -5.76
C3N NAP V . -13.33 0.77 -4.49
C7N NAP V . -12.85 0.08 -3.25
O7N NAP V . -13.03 0.79 -2.08
N7N NAP V . -12.29 -1.13 -3.22
C4N NAP V . -14.33 1.75 -4.35
C5N NAP V . -14.83 2.33 -5.50
C6N NAP V . -14.43 1.88 -6.75
P2B NAP V . -4.01 -7.19 -12.30
O1X NAP V . -2.90 -6.25 -12.69
O2X NAP V . -3.97 -8.43 -13.13
O3X NAP V . -3.83 -7.35 -10.80
N GLU W . -18.95 21.34 -38.93
CA GLU W . -20.02 20.58 -39.61
C GLU W . -21.25 20.47 -38.67
O GLU W . -21.70 19.31 -38.43
CB GLU W . -19.53 19.19 -40.05
CG GLU W . -19.81 18.05 -39.05
CD GLU W . -19.92 16.63 -39.68
OE1 GLU W . -20.34 16.56 -40.86
OE2 GLU W . -19.57 15.65 -38.97
OXT GLU W . -21.74 21.54 -38.24
C1 JUS X . -16.60 24.14 -26.31
C2 JUS X . -17.29 24.76 -27.35
C3 JUS X . -16.63 25.27 -28.46
C4 JUS X . -15.24 25.22 -28.48
C5 JUS X . -14.52 24.60 -27.44
C6 JUS X . -15.21 24.07 -26.36
C8 JUS X . -12.66 23.41 -28.05
C9 JUS X . -13.46 22.39 -28.57
C10 JUS X . -12.91 21.25 -29.14
C11 JUS X . -11.52 21.10 -29.18
C12 JUS X . -10.74 22.13 -28.68
C13 JUS X . -11.30 23.26 -28.11
C14 JUS X . -18.81 24.75 -27.35
C15 JUS X . -19.18 23.39 -27.91
C16 JUS X . -20.44 23.50 -28.74
C17 JUS X . -21.39 22.31 -28.53
C18 JUS X . -20.80 21.08 -29.17
C19 JUS X . -21.86 20.26 -29.90
CAD JUS X . -10.48 24.29 -27.55
O17 JUS X . -14.51 23.48 -25.35
NAB JUS X . -9.85 25.12 -27.10
O7 JUS X . -13.15 24.55 -27.47
PA NAP Y . -9.32 29.52 -29.10
O1A NAP Y . -9.49 30.97 -29.28
O2A NAP Y . -9.12 28.65 -30.28
O5B NAP Y . -8.24 29.34 -27.94
C5B NAP Y . -7.77 28.03 -27.69
C4B NAP Y . -6.36 28.23 -27.16
O4B NAP Y . -5.84 26.96 -26.81
C3B NAP Y . -5.42 28.80 -28.21
O3B NAP Y . -4.88 29.99 -27.70
C2B NAP Y . -4.31 27.78 -28.33
O2B NAP Y . -3.02 28.30 -28.58
C1B NAP Y . -4.45 27.09 -26.96
N9A NAP Y . -3.76 25.81 -26.93
C8A NAP Y . -4.17 24.62 -27.51
N7A NAP Y . -3.20 23.72 -27.31
C5A NAP Y . -2.21 24.28 -26.59
C6A NAP Y . -0.99 23.81 -26.12
N6A NAP Y . -0.63 22.55 -26.33
N1A NAP Y . -0.15 24.65 -25.42
C2A NAP Y . -0.50 25.96 -25.18
N3A NAP Y . -1.69 26.44 -25.70
C4A NAP Y . -2.54 25.60 -26.34
O3 NAP Y . -10.67 28.90 -28.54
PN NAP Y . -11.56 29.28 -27.26
O1N NAP Y . -12.89 28.85 -27.65
O2N NAP Y . -11.17 30.64 -26.81
O5D NAP Y . -10.94 28.25 -26.17
C5D NAP Y . -10.59 28.70 -24.88
C4D NAP Y . -11.10 27.73 -23.83
O4D NAP Y . -12.49 27.86 -23.69
C3D NAP Y . -10.86 26.25 -24.15
O3D NAP Y . -10.51 25.61 -22.96
C2D NAP Y . -12.23 25.76 -24.59
O2D NAP Y . -12.29 24.35 -24.48
C1D NAP Y . -13.09 26.59 -23.65
N1N NAP Y . -14.50 26.73 -24.02
C2N NAP Y . -14.82 27.28 -25.22
C3N NAP Y . -16.15 27.46 -25.60
C7N NAP Y . -16.48 28.10 -26.95
O7N NAP Y . -17.75 27.90 -27.46
N7N NAP Y . -15.63 28.84 -27.65
C4N NAP Y . -17.15 27.11 -24.70
C5N NAP Y . -16.81 26.59 -23.47
C6N NAP Y . -15.48 26.41 -23.12
P2B NAP Y . -2.32 28.25 -30.05
O1X NAP Y . -1.94 26.86 -30.50
O2X NAP Y . -1.08 29.10 -29.94
O3X NAP Y . -3.32 28.72 -31.08
N GLU Z . -28.05 23.75 20.72
CA GLU Z . -27.90 22.30 20.97
C GLU Z . -26.92 21.66 19.96
O GLU Z . -27.27 20.57 19.44
CB GLU Z . -29.24 21.56 20.83
CG GLU Z . -29.43 20.56 21.98
CD GLU Z . -30.22 19.28 21.64
OE1 GLU Z . -30.98 19.28 20.63
OE2 GLU Z . -30.06 18.31 22.44
OXT GLU Z . -25.85 22.27 19.73
C1 JUS AA . -28.45 27.52 7.51
C2 JUS AA . -27.46 27.56 8.51
C3 JUS AA . -27.66 28.34 9.64
C4 JUS AA . -28.79 29.12 9.76
C5 JUS AA . -29.76 29.13 8.76
C6 JUS AA . -29.57 28.33 7.62
C8 JUS AA . -32.01 29.29 9.38
C9 JUS AA . -32.01 27.98 9.88
C10 JUS AA . -33.19 27.37 10.34
C11 JUS AA . -34.38 28.12 10.40
C12 JUS AA . -34.37 29.44 9.95
C13 JUS AA . -33.20 30.02 9.46
C14 JUS AA . -26.26 26.63 8.44
C15 JUS AA . -26.62 25.54 9.45
C16 JUS AA . -25.49 24.57 9.74
C17 JUS AA . -26.06 23.14 9.72
C18 JUS AA . -26.33 22.61 11.11
C19 JUS AA . -26.74 21.14 10.92
CAD JUS AA . -33.19 31.35 8.97
O17 JUS AA . -30.51 28.31 6.63
NAB JUS AA . -33.18 32.43 8.58
O7 JUS AA . -30.89 29.91 8.88
PA NAP BA . -31.29 36.10 10.59
O1A NAP BA . -30.30 37.19 10.77
O2A NAP BA . -31.91 35.54 11.79
O5B NAP BA . -32.31 36.57 9.47
C5B NAP BA . -33.40 35.76 9.11
C4B NAP BA . -34.44 36.76 8.63
O4B NAP BA . -35.59 36.08 8.18
C3B NAP BA . -34.88 37.73 9.74
O3B NAP BA . -34.64 39.08 9.41
C2B NAP BA . -36.36 37.51 9.86
O2B NAP BA . -37.09 38.69 10.15
C1B NAP BA . -36.65 36.97 8.47
N9A NAP BA . -37.95 36.32 8.46
C8A NAP BA . -38.35 35.13 9.01
N7A NAP BA . -39.65 34.93 8.70
C5A NAP BA . -40.09 36.00 8.01
C6A NAP BA . -41.34 36.34 7.51
N6A NAP BA . -42.38 35.53 7.68
N1A NAP BA . -41.45 37.51 6.80
C2A NAP BA . -40.38 38.35 6.63
N3A NAP BA . -39.16 38.04 7.18
C4A NAP BA . -39.03 36.87 7.84
O3 NAP BA . -30.57 34.82 9.94
PN NAP BA . -29.55 34.65 8.71
O1N NAP BA . -28.68 33.55 9.11
O2N NAP BA . -28.94 35.94 8.30
O5D NAP BA . -30.56 34.16 7.55
C5D NAP BA . -30.75 34.80 6.32
C4D NAP BA . -30.89 33.74 5.21
O4D NAP BA . -29.65 33.07 5.12
C3D NAP BA . -31.91 32.63 5.42
O3D NAP BA . -32.50 32.22 4.20
C2D NAP BA . -31.08 31.47 5.95
O2D NAP BA . -31.72 30.24 5.66
C1D NAP BA . -29.84 31.68 5.10
N1N NAP BA . -28.61 30.98 5.50
C2N NAP BA . -28.05 31.14 6.74
C3N NAP BA . -26.86 30.53 7.03
C7N NAP BA . -26.10 30.82 8.29
O7N NAP BA . -25.13 29.89 8.61
N7N NAP BA . -26.32 31.88 9.04
C4N NAP BA . -26.22 29.73 6.09
C5N NAP BA . -26.74 29.64 4.82
C6N NAP BA . -27.96 30.25 4.55
P2B NAP BA . -37.67 38.96 11.65
O1X NAP BA . -38.82 38.04 11.96
O2X NAP BA . -38.13 40.39 11.60
O3X NAP BA . -36.58 38.77 12.68
C1 JUS CA . -44.61 14.23 -14.47
C2 JUS CA . -44.97 13.90 -15.76
C3 JUS CA . -46.28 13.47 -16.01
C4 JUS CA . -47.18 13.32 -14.96
C5 JUS CA . -46.81 13.66 -13.67
C6 JUS CA . -45.51 14.08 -13.42
C8 JUS CA . -48.34 14.58 -12.20
C9 JUS CA . -48.17 15.80 -12.84
C10 JUS CA . -48.87 16.92 -12.39
C11 JUS CA . -49.68 16.82 -11.26
C12 JUS CA . -49.88 15.59 -10.63
C13 JUS CA . -49.21 14.47 -11.11
C14 JUS CA . -43.98 14.05 -16.91
C15 JUS CA . -43.81 15.52 -17.28
C16 JUS CA . -44.15 15.72 -18.75
C17 JUS CA . -43.33 16.84 -19.39
C18 JUS CA . -43.45 18.17 -18.63
C19 JUS CA . -43.42 19.35 -19.60
CAD JUS CA . -49.42 13.24 -10.43
O17 JUS CA . -45.08 14.33 -12.15
NAB JUS CA . -49.58 12.25 -9.89
O7 JUS CA . -47.71 13.46 -12.68
PA NAP DA . -51.95 8.74 -11.93
O1A NAP DA . -52.32 7.46 -12.59
O2A NAP DA . -52.92 9.83 -12.11
O5B NAP DA . -51.70 8.47 -10.37
C5B NAP DA . -51.52 9.59 -9.57
C4B NAP DA . -52.18 9.18 -8.27
O4B NAP DA . -52.07 10.17 -7.26
C3B NAP DA . -53.65 8.92 -8.48
O3B NAP DA . -53.85 7.61 -8.00
C2B NAP DA . -54.25 9.97 -7.56
O2B NAP DA . -55.45 9.61 -6.94
C1B NAP DA . -53.21 9.96 -6.48
N9A NAP DA . -53.42 11.07 -5.55
C8A NAP DA . -53.41 12.40 -5.86
N7A NAP DA . -53.63 13.08 -4.72
C5A NAP DA . -53.83 12.21 -3.70
C6A NAP DA . -54.13 12.38 -2.35
N6A NAP DA . -54.26 13.61 -1.86
N1A NAP DA . -54.29 11.27 -1.55
C2A NAP DA . -54.11 10.00 -2.07
N3A NAP DA . -53.83 9.85 -3.42
C4A NAP DA . -53.70 10.92 -4.22
O3 NAP DA . -50.58 9.34 -12.55
PN NAP DA . -49.04 8.84 -12.69
O1N NAP DA . -48.44 9.63 -13.80
O2N NAP DA . -49.03 7.36 -12.58
O5D NAP DA . -48.52 9.45 -11.30
C5D NAP DA . -47.91 8.67 -10.30
C4D NAP DA . -46.59 9.34 -9.87
O4D NAP DA . -45.61 9.31 -10.89
C3D NAP DA . -46.76 10.80 -9.47
O3D NAP DA . -45.99 11.07 -8.34
C2D NAP DA . -46.12 11.56 -10.60
O2D NAP DA . -45.63 12.79 -10.10
C1D NAP DA . -45.02 10.58 -10.97
N1N NAP DA . -44.45 10.73 -12.33
C2N NAP DA . -45.23 10.58 -13.45
C3N NAP DA . -44.68 10.70 -14.71
C7N NAP DA . -45.45 10.44 -15.98
O7N NAP DA . -44.84 10.90 -17.17
N7N NAP DA . -46.59 9.75 -15.99
C4N NAP DA . -43.31 10.88 -14.83
C5N NAP DA . -42.55 11.01 -13.69
C6N NAP DA . -43.13 10.94 -12.44
P2B NAP DA . -56.93 9.89 -7.54
O1X NAP DA . -57.21 11.38 -7.51
O2X NAP DA . -57.71 8.97 -6.61
O3X NAP DA . -57.04 9.54 -9.00
#